data_7UXO
# 
_entry.id   7UXO 
# 
_audit_conform.dict_name       mmcif_pdbx.dic 
_audit_conform.dict_version    5.380 
_audit_conform.dict_location   http://mmcif.pdb.org/dictionaries/ascii/mmcif_pdbx.dic 
# 
loop_
_database_2.database_id 
_database_2.database_code 
_database_2.pdbx_database_accession 
_database_2.pdbx_DOI 
PDB   7UXO         pdb_00007uxo 10.2210/pdb7uxo/pdb 
WWPDB D_1000265149 ?            ?                   
# 
loop_
_pdbx_database_related.db_name 
_pdbx_database_related.details 
_pdbx_database_related.db_id 
_pdbx_database_related.content_type 
PDB . 7UX5 unspecified 
PDB . 7UWO unspecified 
PDB . 7UWI unspecified 
# 
_pdbx_database_status.status_code                     REL 
_pdbx_database_status.status_code_sf                  REL 
_pdbx_database_status.status_code_mr                  ? 
_pdbx_database_status.entry_id                        7UXO 
_pdbx_database_status.recvd_initial_deposition_date   2022-05-05 
_pdbx_database_status.SG_entry                        N 
_pdbx_database_status.deposit_site                    RCSB 
_pdbx_database_status.process_site                    RCSB 
_pdbx_database_status.status_code_cs                  ? 
_pdbx_database_status.status_code_nmr_data            ? 
_pdbx_database_status.methods_development_category    ? 
_pdbx_database_status.pdb_format_compatible           Y 
# 
loop_
_audit_author.name 
_audit_author.pdbx_ordinal 
_audit_author.identifier_ORCID 
'Li, K.'           1 0000-0002-9139-4257 
'Agarwal, S.'      2 0000-0001-9230-9694 
'Tokareva, O.'     3 ?                   
'Thomson, T.'      4 ?                   
'Travaline, T.'    5 ?                   
'Tattersfield, H.' 6 ?                   
'Wahl, S.'         7 ?                   
'Verdine, G.'      8 ?                   
'McGee, J.'        9 0000-0002-3440-5247 
# 
_citation.abstract                  ? 
_citation.abstract_id_CAS           ? 
_citation.book_id_ISBN              ? 
_citation.book_publisher            ? 
_citation.book_publisher_city       ? 
_citation.book_title                ? 
_citation.coordinate_linkage        ? 
_citation.country                   US 
_citation.database_id_Medline       ? 
_citation.details                   ? 
_citation.id                        primary 
_citation.journal_abbrev            Proc.Natl.Acad.Sci.USA 
_citation.journal_id_ASTM           PNASA6 
_citation.journal_id_CSD            0040 
_citation.journal_id_ISSN           1091-6490 
_citation.journal_full              ? 
_citation.journal_issue             ? 
_citation.journal_volume            119 
_citation.language                  ? 
_citation.page_first                e2210435119 
_citation.page_last                 e2210435119 
_citation.title                     
'De novo mapping of alpha-helix recognition sites on protein surfaces using unbiased libraries.' 
_citation.year                      2022 
_citation.database_id_CSD           ? 
_citation.pdbx_database_id_DOI      10.1073/pnas.2210435119 
_citation.pdbx_database_id_PubMed   36534810 
_citation.pdbx_database_id_patent   ? 
_citation.unpublished_flag          ? 
# 
loop_
_citation_author.citation_id 
_citation_author.name 
_citation_author.ordinal 
_citation_author.identifier_ORCID 
primary 'Li, K.'           1  0000-0002-9139-4257 
primary 'Tokareva, O.S.'   2  0000-0002-5413-1650 
primary 'Thomson, T.M.'    3  0000-0002-9109-4596 
primary 'Wahl, S.C.T.'     4  0000-0002-4869-991X 
primary 'Travaline, T.L.'  5  0000-0002-7218-8650 
primary 'Ramirez, J.D.'    6  0000-0002-7912-9506 
primary 'Choudary, S.K.'   7  0000-0003-0876-1501 
primary 'Agarwal, S.'      8  0000-0001-9230-9694 
primary 'Walkup 4th, W.G.' 9  ?                   
primary 'Olsen, T.J.'      10 ?                   
primary 'Brennan, M.J.'    11 0000-0002-7290-4207 
primary 'Verdine, G.L.'    12 ?                   
primary 'McGee, J.H.'      13 0000-0002-3440-5247 
# 
_cell.angle_alpha                  90.000 
_cell.angle_alpha_esd              ? 
_cell.angle_beta                   90.000 
_cell.angle_beta_esd               ? 
_cell.angle_gamma                  90.000 
_cell.angle_gamma_esd              ? 
_cell.entry_id                     7UXO 
_cell.details                      ? 
_cell.formula_units_Z              ? 
_cell.length_a                     59.410 
_cell.length_a_esd                 ? 
_cell.length_b                     62.980 
_cell.length_b_esd                 ? 
_cell.length_c                     83.580 
_cell.length_c_esd                 ? 
_cell.volume                       312726.422 
_cell.volume_esd                   ? 
_cell.Z_PDB                        8 
_cell.reciprocal_angle_alpha       ? 
_cell.reciprocal_angle_beta        ? 
_cell.reciprocal_angle_gamma       ? 
_cell.reciprocal_angle_alpha_esd   ? 
_cell.reciprocal_angle_beta_esd    ? 
_cell.reciprocal_angle_gamma_esd   ? 
_cell.reciprocal_length_a          ? 
_cell.reciprocal_length_b          ? 
_cell.reciprocal_length_c          ? 
_cell.reciprocal_length_a_esd      ? 
_cell.reciprocal_length_b_esd      ? 
_cell.reciprocal_length_c_esd      ? 
_cell.pdbx_unique_axis             ? 
_cell.pdbx_esd_method              ? 
# 
_symmetry.entry_id                         7UXO 
_symmetry.cell_setting                     ? 
_symmetry.Int_Tables_number                20 
_symmetry.space_group_name_Hall            'C 2c 2' 
_symmetry.space_group_name_H-M             'C 2 2 21' 
_symmetry.pdbx_full_space_group_name_H-M   ? 
# 
loop_
_entity.id 
_entity.type 
_entity.src_method 
_entity.pdbx_description 
_entity.formula_weight 
_entity.pdbx_number_of_molecules 
_entity.pdbx_ec 
_entity.pdbx_mutation 
_entity.pdbx_fragment 
_entity.details 
1 polymer     man 'Programmed cell death 1 ligand 1' 14809.955 1  ? ? ? ?                 
2 polymer     syn FP30790                            1925.194  1  ? ? ? 'Stapled peptide' 
3 non-polymer syn 'AMINO GROUP'                      16.023    1  ? ? ? ?                 
4 non-polymer syn "N,N'-(1,4-phenylene)diacetamide"  192.214   1  ? ? ? ?                 
5 water       nat water                              18.015    27 ? ? ? ?                 
# 
_entity_name_com.entity_id   1 
_entity_name_com.name        'hPD-L1,B7 homolog 1,B7-H1' 
# 
loop_
_entity_poly.entity_id 
_entity_poly.type 
_entity_poly.nstd_linkage 
_entity_poly.nstd_monomer 
_entity_poly.pdbx_seq_one_letter_code 
_entity_poly.pdbx_seq_one_letter_code_can 
_entity_poly.pdbx_strand_id 
_entity_poly.pdbx_target_identifier 
1 'polypeptide(L)' no no  
;MAFTVTVPKDLYVVEYGSNMTIECKFPVEKQLDLAALIVYWEMEDKNIIQFVHGEEDLKVQHSSYRQRARLLKDQLSLGN
AALQITDVKLQDAGVYRCMISYGGADYKRITVKVNAPYAAALEHHHHHH
;
;MAFTVTVPKDLYVVEYGSNMTIECKFPVEKQLDLAALIVYWEMEDKNIIQFVHGEEDLKVQHSSYRQRARLLKDQLSLGN
AALQITDVKLQDAGVYRCMISYGGADYKRITVKVNAPYAAALEHHHHHH
;
A ? 
2 'polypeptide(L)' no yes '(ACE)DPAAADCQWAAFLCRVY(NH2)' XDPAAADCQWAAFLCRVYX B ? 
# 
loop_
_entity_poly_seq.entity_id 
_entity_poly_seq.num 
_entity_poly_seq.mon_id 
_entity_poly_seq.hetero 
1 1   MET n 
1 2   ALA n 
1 3   PHE n 
1 4   THR n 
1 5   VAL n 
1 6   THR n 
1 7   VAL n 
1 8   PRO n 
1 9   LYS n 
1 10  ASP n 
1 11  LEU n 
1 12  TYR n 
1 13  VAL n 
1 14  VAL n 
1 15  GLU n 
1 16  TYR n 
1 17  GLY n 
1 18  SER n 
1 19  ASN n 
1 20  MET n 
1 21  THR n 
1 22  ILE n 
1 23  GLU n 
1 24  CYS n 
1 25  LYS n 
1 26  PHE n 
1 27  PRO n 
1 28  VAL n 
1 29  GLU n 
1 30  LYS n 
1 31  GLN n 
1 32  LEU n 
1 33  ASP n 
1 34  LEU n 
1 35  ALA n 
1 36  ALA n 
1 37  LEU n 
1 38  ILE n 
1 39  VAL n 
1 40  TYR n 
1 41  TRP n 
1 42  GLU n 
1 43  MET n 
1 44  GLU n 
1 45  ASP n 
1 46  LYS n 
1 47  ASN n 
1 48  ILE n 
1 49  ILE n 
1 50  GLN n 
1 51  PHE n 
1 52  VAL n 
1 53  HIS n 
1 54  GLY n 
1 55  GLU n 
1 56  GLU n 
1 57  ASP n 
1 58  LEU n 
1 59  LYS n 
1 60  VAL n 
1 61  GLN n 
1 62  HIS n 
1 63  SER n 
1 64  SER n 
1 65  TYR n 
1 66  ARG n 
1 67  GLN n 
1 68  ARG n 
1 69  ALA n 
1 70  ARG n 
1 71  LEU n 
1 72  LEU n 
1 73  LYS n 
1 74  ASP n 
1 75  GLN n 
1 76  LEU n 
1 77  SER n 
1 78  LEU n 
1 79  GLY n 
1 80  ASN n 
1 81  ALA n 
1 82  ALA n 
1 83  LEU n 
1 84  GLN n 
1 85  ILE n 
1 86  THR n 
1 87  ASP n 
1 88  VAL n 
1 89  LYS n 
1 90  LEU n 
1 91  GLN n 
1 92  ASP n 
1 93  ALA n 
1 94  GLY n 
1 95  VAL n 
1 96  TYR n 
1 97  ARG n 
1 98  CYS n 
1 99  MET n 
1 100 ILE n 
1 101 SER n 
1 102 TYR n 
1 103 GLY n 
1 104 GLY n 
1 105 ALA n 
1 106 ASP n 
1 107 TYR n 
1 108 LYS n 
1 109 ARG n 
1 110 ILE n 
1 111 THR n 
1 112 VAL n 
1 113 LYS n 
1 114 VAL n 
1 115 ASN n 
1 116 ALA n 
1 117 PRO n 
1 118 TYR n 
1 119 ALA n 
1 120 ALA n 
1 121 ALA n 
1 122 LEU n 
1 123 GLU n 
1 124 HIS n 
1 125 HIS n 
1 126 HIS n 
1 127 HIS n 
1 128 HIS n 
1 129 HIS n 
2 1   ACE n 
2 2   ASP n 
2 3   PRO n 
2 4   ALA n 
2 5   ALA n 
2 6   ALA n 
2 7   ASP n 
2 8   CYS n 
2 9   GLN n 
2 10  TRP n 
2 11  ALA n 
2 12  ALA n 
2 13  PHE n 
2 14  LEU n 
2 15  CYS n 
2 16  ARG n 
2 17  VAL n 
2 18  TYR n 
2 19  NH2 n 
# 
_entity_src_gen.entity_id                          1 
_entity_src_gen.pdbx_src_id                        1 
_entity_src_gen.pdbx_alt_source_flag               sample 
_entity_src_gen.pdbx_seq_type                      'Biological sequence' 
_entity_src_gen.pdbx_beg_seq_num                   1 
_entity_src_gen.pdbx_end_seq_num                   129 
_entity_src_gen.gene_src_common_name               human 
_entity_src_gen.gene_src_genus                     ? 
_entity_src_gen.pdbx_gene_src_gene                 'CD274, B7H1, PDCD1L1, PDCD1LG1, PDL1' 
_entity_src_gen.gene_src_species                   ? 
_entity_src_gen.gene_src_strain                    ? 
_entity_src_gen.gene_src_tissue                    ? 
_entity_src_gen.gene_src_tissue_fraction           ? 
_entity_src_gen.gene_src_details                   ? 
_entity_src_gen.pdbx_gene_src_fragment             ? 
_entity_src_gen.pdbx_gene_src_scientific_name      'Homo sapiens' 
_entity_src_gen.pdbx_gene_src_ncbi_taxonomy_id     9606 
_entity_src_gen.pdbx_gene_src_variant              ? 
_entity_src_gen.pdbx_gene_src_cell_line            ? 
_entity_src_gen.pdbx_gene_src_atcc                 ? 
_entity_src_gen.pdbx_gene_src_organ                ? 
_entity_src_gen.pdbx_gene_src_organelle            ? 
_entity_src_gen.pdbx_gene_src_cell                 ? 
_entity_src_gen.pdbx_gene_src_cellular_location    ? 
_entity_src_gen.host_org_common_name               ? 
_entity_src_gen.pdbx_host_org_scientific_name      'Escherichia coli' 
_entity_src_gen.pdbx_host_org_ncbi_taxonomy_id     562 
_entity_src_gen.host_org_genus                     ? 
_entity_src_gen.pdbx_host_org_gene                 ? 
_entity_src_gen.pdbx_host_org_organ                ? 
_entity_src_gen.host_org_species                   ? 
_entity_src_gen.pdbx_host_org_tissue               ? 
_entity_src_gen.pdbx_host_org_tissue_fraction      ? 
_entity_src_gen.pdbx_host_org_strain               ? 
_entity_src_gen.pdbx_host_org_variant              ? 
_entity_src_gen.pdbx_host_org_cell_line            ? 
_entity_src_gen.pdbx_host_org_atcc                 ? 
_entity_src_gen.pdbx_host_org_culture_collection   ? 
_entity_src_gen.pdbx_host_org_cell                 ? 
_entity_src_gen.pdbx_host_org_organelle            ? 
_entity_src_gen.pdbx_host_org_cellular_location    ? 
_entity_src_gen.pdbx_host_org_vector_type          ? 
_entity_src_gen.pdbx_host_org_vector               ? 
_entity_src_gen.host_org_details                   ? 
_entity_src_gen.expression_system_id               ? 
_entity_src_gen.plasmid_name                       ? 
_entity_src_gen.plasmid_details                    ? 
_entity_src_gen.pdbx_description                   ? 
# 
_pdbx_entity_src_syn.entity_id              2 
_pdbx_entity_src_syn.pdbx_src_id            1 
_pdbx_entity_src_syn.pdbx_alt_source_flag   sample 
_pdbx_entity_src_syn.pdbx_beg_seq_num       1 
_pdbx_entity_src_syn.pdbx_end_seq_num       19 
_pdbx_entity_src_syn.organism_scientific    'synthetic construct' 
_pdbx_entity_src_syn.organism_common_name   ? 
_pdbx_entity_src_syn.ncbi_taxonomy_id       32630 
_pdbx_entity_src_syn.details                ? 
# 
loop_
_struct_ref.id 
_struct_ref.db_name 
_struct_ref.db_code 
_struct_ref.pdbx_db_accession 
_struct_ref.pdbx_db_isoform 
_struct_ref.entity_id 
_struct_ref.pdbx_seq_one_letter_code 
_struct_ref.pdbx_align_begin 
1 UNP PD1L1_HUMAN Q9NZQ7 ? 1 
;AFTVTVPKDLYVVEYGSNMTIECKFPVEKQLDLAALIVYWEMEDKNIIQFVHGEEDLKVQHSSYRQRARLLKDQLSLGNA
ALQITDVKLQDAGVYRCMISYGGADYKRITVKVNAPY
;
18 
2 PDB 7UXO        7UXO   ? 2 ? 1  
# 
loop_
_struct_ref_seq.align_id 
_struct_ref_seq.ref_id 
_struct_ref_seq.pdbx_PDB_id_code 
_struct_ref_seq.pdbx_strand_id 
_struct_ref_seq.seq_align_beg 
_struct_ref_seq.pdbx_seq_align_beg_ins_code 
_struct_ref_seq.seq_align_end 
_struct_ref_seq.pdbx_seq_align_end_ins_code 
_struct_ref_seq.pdbx_db_accession 
_struct_ref_seq.db_align_beg 
_struct_ref_seq.pdbx_db_align_beg_ins_code 
_struct_ref_seq.db_align_end 
_struct_ref_seq.pdbx_db_align_end_ins_code 
_struct_ref_seq.pdbx_auth_seq_align_beg 
_struct_ref_seq.pdbx_auth_seq_align_end 
1 1 7UXO A 2 ? 118 ? Q9NZQ7 18 ? 134 ? 18 134 
2 2 7UXO B 1 ? 19  ? 7UXO   0  ? 18  ? 0  18  
# 
loop_
_struct_ref_seq_dif.align_id 
_struct_ref_seq_dif.pdbx_pdb_id_code 
_struct_ref_seq_dif.mon_id 
_struct_ref_seq_dif.pdbx_pdb_strand_id 
_struct_ref_seq_dif.seq_num 
_struct_ref_seq_dif.pdbx_pdb_ins_code 
_struct_ref_seq_dif.pdbx_seq_db_name 
_struct_ref_seq_dif.pdbx_seq_db_accession_code 
_struct_ref_seq_dif.db_mon_id 
_struct_ref_seq_dif.pdbx_seq_db_seq_num 
_struct_ref_seq_dif.details 
_struct_ref_seq_dif.pdbx_auth_seq_num 
_struct_ref_seq_dif.pdbx_ordinal 
1 7UXO MET A 1   ? UNP Q9NZQ7 ? ? 'initiating methionine' 17  1  
1 7UXO ALA A 119 ? UNP Q9NZQ7 ? ? 'expression tag'        135 2  
1 7UXO ALA A 120 ? UNP Q9NZQ7 ? ? 'expression tag'        136 3  
1 7UXO ALA A 121 ? UNP Q9NZQ7 ? ? 'expression tag'        137 4  
1 7UXO LEU A 122 ? UNP Q9NZQ7 ? ? 'expression tag'        138 5  
1 7UXO GLU A 123 ? UNP Q9NZQ7 ? ? 'expression tag'        139 6  
1 7UXO HIS A 124 ? UNP Q9NZQ7 ? ? 'expression tag'        140 7  
1 7UXO HIS A 125 ? UNP Q9NZQ7 ? ? 'expression tag'        141 8  
1 7UXO HIS A 126 ? UNP Q9NZQ7 ? ? 'expression tag'        142 9  
1 7UXO HIS A 127 ? UNP Q9NZQ7 ? ? 'expression tag'        143 10 
1 7UXO HIS A 128 ? UNP Q9NZQ7 ? ? 'expression tag'        144 11 
1 7UXO HIS A 129 ? UNP Q9NZQ7 ? ? 'expression tag'        145 12 
# 
loop_
_chem_comp.id 
_chem_comp.type 
_chem_comp.mon_nstd_flag 
_chem_comp.name 
_chem_comp.pdbx_synonyms 
_chem_comp.formula 
_chem_comp.formula_weight 
ACE non-polymer         . 'ACETYL GROUP'                    ? 'C2 H4 O'        44.053  
ALA 'L-peptide linking' y ALANINE                           ? 'C3 H7 N O2'     89.093  
ARG 'L-peptide linking' y ARGININE                          ? 'C6 H15 N4 O2 1' 175.209 
ASN 'L-peptide linking' y ASPARAGINE                        ? 'C4 H8 N2 O3'    132.118 
ASP 'L-peptide linking' y 'ASPARTIC ACID'                   ? 'C4 H7 N O4'     133.103 
CYS 'L-peptide linking' y CYSTEINE                          ? 'C3 H7 N O2 S'   121.158 
GLN 'L-peptide linking' y GLUTAMINE                         ? 'C5 H10 N2 O3'   146.144 
GLU 'L-peptide linking' y 'GLUTAMIC ACID'                   ? 'C5 H9 N O4'     147.129 
GLY 'peptide linking'   y GLYCINE                           ? 'C2 H5 N O2'     75.067  
HIS 'L-peptide linking' y HISTIDINE                         ? 'C6 H10 N3 O2 1' 156.162 
HOH non-polymer         . WATER                             ? 'H2 O'           18.015  
ILE 'L-peptide linking' y ISOLEUCINE                        ? 'C6 H13 N O2'    131.173 
LEU 'L-peptide linking' y LEUCINE                           ? 'C6 H13 N O2'    131.173 
LYS 'L-peptide linking' y LYSINE                            ? 'C6 H15 N2 O2 1' 147.195 
MET 'L-peptide linking' y METHIONINE                        ? 'C5 H11 N O2 S'  149.211 
NH2 non-polymer         . 'AMINO GROUP'                     ? 'H2 N'           16.023  
PHE 'L-peptide linking' y PHENYLALANINE                     ? 'C9 H11 N O2'    165.189 
PRO 'L-peptide linking' y PROLINE                           ? 'C5 H9 N O2'     115.130 
SER 'L-peptide linking' y SERINE                            ? 'C3 H7 N O3'     105.093 
THR 'L-peptide linking' y THREONINE                         ? 'C4 H9 N O3'     119.119 
TRP 'L-peptide linking' y TRYPTOPHAN                        ? 'C11 H12 N2 O2'  204.225 
TYR 'L-peptide linking' y TYROSINE                          ? 'C9 H11 N O3'    181.189 
VAL 'L-peptide linking' y VALINE                            ? 'C5 H11 N O2'    117.146 
WHL non-polymer         . "N,N'-(1,4-phenylene)diacetamide" ? 'C10 H12 N2 O2'  192.214 
# 
_exptl.absorpt_coefficient_mu     ? 
_exptl.absorpt_correction_T_max   ? 
_exptl.absorpt_correction_T_min   ? 
_exptl.absorpt_correction_type    ? 
_exptl.absorpt_process_details    ? 
_exptl.entry_id                   7UXO 
_exptl.crystals_number            1 
_exptl.details                    ? 
_exptl.method                     'X-RAY DIFFRACTION' 
_exptl.method_details             ? 
# 
_exptl_crystal.colour                       ? 
_exptl_crystal.density_diffrn               ? 
_exptl_crystal.density_Matthews             2.34 
_exptl_crystal.density_method               ? 
_exptl_crystal.density_percent_sol          47.34 
_exptl_crystal.description                  ? 
_exptl_crystal.F_000                        ? 
_exptl_crystal.id                           1 
_exptl_crystal.preparation                  ? 
_exptl_crystal.size_max                     ? 
_exptl_crystal.size_mid                     ? 
_exptl_crystal.size_min                     ? 
_exptl_crystal.size_rad                     ? 
_exptl_crystal.colour_lustre                ? 
_exptl_crystal.colour_modifier              ? 
_exptl_crystal.colour_primary               ? 
_exptl_crystal.density_meas                 ? 
_exptl_crystal.density_meas_esd             ? 
_exptl_crystal.density_meas_gt              ? 
_exptl_crystal.density_meas_lt              ? 
_exptl_crystal.density_meas_temp            ? 
_exptl_crystal.density_meas_temp_esd        ? 
_exptl_crystal.density_meas_temp_gt         ? 
_exptl_crystal.density_meas_temp_lt         ? 
_exptl_crystal.pdbx_crystal_image_url       ? 
_exptl_crystal.pdbx_crystal_image_format    ? 
_exptl_crystal.pdbx_mosaicity               ? 
_exptl_crystal.pdbx_mosaicity_esd           ? 
_exptl_crystal.pdbx_mosaic_method           ? 
_exptl_crystal.pdbx_mosaic_block_size       ? 
_exptl_crystal.pdbx_mosaic_block_size_esd   ? 
# 
_exptl_crystal_grow.apparatus       ? 
_exptl_crystal_grow.atmosphere      ? 
_exptl_crystal_grow.crystal_id      1 
_exptl_crystal_grow.details         ? 
_exptl_crystal_grow.method          'VAPOR DIFFUSION, SITTING DROP' 
_exptl_crystal_grow.method_ref      ? 
_exptl_crystal_grow.pH              ? 
_exptl_crystal_grow.pressure        ? 
_exptl_crystal_grow.pressure_esd    ? 
_exptl_crystal_grow.seeding         ? 
_exptl_crystal_grow.seeding_ref     ? 
_exptl_crystal_grow.temp            291.15 
_exptl_crystal_grow.temp_details    ? 
_exptl_crystal_grow.temp_esd        ? 
_exptl_crystal_grow.time            ? 
_exptl_crystal_grow.pdbx_details    '0.1 M Sodium acetate pH 4.6, 2.0 M Sodium formate.' 
_exptl_crystal_grow.pdbx_pH_range   ? 
# 
_diffrn.ambient_environment              ? 
_diffrn.ambient_temp                     100 
_diffrn.ambient_temp_details             ? 
_diffrn.ambient_temp_esd                 ? 
_diffrn.crystal_id                       1 
_diffrn.crystal_support                  ? 
_diffrn.crystal_treatment                ? 
_diffrn.details                          ? 
_diffrn.id                               1 
_diffrn.ambient_pressure                 ? 
_diffrn.ambient_pressure_esd             ? 
_diffrn.ambient_pressure_gt              ? 
_diffrn.ambient_pressure_lt              ? 
_diffrn.ambient_temp_gt                  ? 
_diffrn.ambient_temp_lt                  ? 
_diffrn.pdbx_serial_crystal_experiment   N 
# 
_diffrn_detector.details                      ? 
_diffrn_detector.detector                     PIXEL 
_diffrn_detector.diffrn_id                    1 
_diffrn_detector.type                         'DECTRIS PILATUS 6M' 
_diffrn_detector.area_resol_mean              ? 
_diffrn_detector.dtime                        ? 
_diffrn_detector.pdbx_frames_total            ? 
_diffrn_detector.pdbx_collection_time_total   ? 
_diffrn_detector.pdbx_collection_date         2020-11-18 
_diffrn_detector.pdbx_frequency               ? 
# 
_diffrn_radiation.collimation                      ? 
_diffrn_radiation.diffrn_id                        1 
_diffrn_radiation.filter_edge                      ? 
_diffrn_radiation.inhomogeneity                    ? 
_diffrn_radiation.monochromator                    ? 
_diffrn_radiation.polarisn_norm                    ? 
_diffrn_radiation.polarisn_ratio                   ? 
_diffrn_radiation.probe                            ? 
_diffrn_radiation.type                             ? 
_diffrn_radiation.xray_symbol                      ? 
_diffrn_radiation.wavelength_id                    1 
_diffrn_radiation.pdbx_monochromatic_or_laue_m_l   M 
_diffrn_radiation.pdbx_wavelength_list             ? 
_diffrn_radiation.pdbx_wavelength                  ? 
_diffrn_radiation.pdbx_diffrn_protocol             'SINGLE WAVELENGTH' 
_diffrn_radiation.pdbx_analyzer                    ? 
_diffrn_radiation.pdbx_scattering_type             x-ray 
# 
_diffrn_radiation_wavelength.id           1 
_diffrn_radiation_wavelength.wavelength   1.000 
_diffrn_radiation_wavelength.wt           1.0 
# 
_diffrn_source.current                     ? 
_diffrn_source.details                     ? 
_diffrn_source.diffrn_id                   1 
_diffrn_source.power                       ? 
_diffrn_source.size                        ? 
_diffrn_source.source                      SYNCHROTRON 
_diffrn_source.target                      ? 
_diffrn_source.type                        'SPRING-8 BEAMLINE BL45XU' 
_diffrn_source.voltage                     ? 
_diffrn_source.take-off_angle              ? 
_diffrn_source.pdbx_wavelength_list        1.000 
_diffrn_source.pdbx_wavelength             ? 
_diffrn_source.pdbx_synchrotron_beamline   BL45XU 
_diffrn_source.pdbx_synchrotron_site       SPring-8 
# 
_reflns.B_iso_Wilson_estimate                          28.47 
_reflns.entry_id                                       7UXO 
_reflns.data_reduction_details                         ? 
_reflns.data_reduction_method                          ? 
_reflns.d_resolution_high                              2.25 
_reflns.d_resolution_low                               43.22 
_reflns.details                                        ? 
_reflns.limit_h_max                                    ? 
_reflns.limit_h_min                                    ? 
_reflns.limit_k_max                                    ? 
_reflns.limit_k_min                                    ? 
_reflns.limit_l_max                                    ? 
_reflns.limit_l_min                                    ? 
_reflns.number_all                                     ? 
_reflns.number_obs                                     7385 
_reflns.observed_criterion                             ? 
_reflns.observed_criterion_F_max                       ? 
_reflns.observed_criterion_F_min                       ? 
_reflns.observed_criterion_I_max                       ? 
_reflns.observed_criterion_I_min                       ? 
_reflns.observed_criterion_sigma_F                     ? 
_reflns.observed_criterion_sigma_I                     ? 
_reflns.percent_possible_obs                           95.69 
_reflns.R_free_details                                 ? 
_reflns.Rmerge_F_all                                   ? 
_reflns.Rmerge_F_obs                                   ? 
_reflns.Friedel_coverage                               ? 
_reflns.number_gt                                      ? 
_reflns.threshold_expression                           ? 
_reflns.pdbx_redundancy                                6.0 
_reflns.pdbx_Rmerge_I_obs                              0.043 
_reflns.pdbx_Rmerge_I_all                              ? 
_reflns.pdbx_Rsym_value                                ? 
_reflns.pdbx_netI_over_av_sigmaI                       ? 
_reflns.pdbx_netI_over_sigmaI                          22.2 
_reflns.pdbx_res_netI_over_av_sigmaI_2                 ? 
_reflns.pdbx_res_netI_over_sigmaI_2                    ? 
_reflns.pdbx_chi_squared                               ? 
_reflns.pdbx_scaling_rejects                           ? 
_reflns.pdbx_d_res_high_opt                            ? 
_reflns.pdbx_d_res_low_opt                             ? 
_reflns.pdbx_d_res_opt_method                          ? 
_reflns.phase_calculation_details                      ? 
_reflns.pdbx_Rrim_I_all                                ? 
_reflns.pdbx_Rpim_I_all                                ? 
_reflns.pdbx_d_opt                                     ? 
_reflns.pdbx_number_measured_all                       ? 
_reflns.pdbx_diffrn_id                                 1 
_reflns.pdbx_ordinal                                   1 
_reflns.pdbx_CC_half                                   0.999 
_reflns.pdbx_CC_star                                   ? 
_reflns.pdbx_R_split                                   ? 
_reflns.pdbx_aniso_diffraction_limit_axis_1_ortho[1]   ? 
_reflns.pdbx_aniso_diffraction_limit_axis_1_ortho[2]   ? 
_reflns.pdbx_aniso_diffraction_limit_axis_1_ortho[3]   ? 
_reflns.pdbx_aniso_diffraction_limit_axis_2_ortho[1]   ? 
_reflns.pdbx_aniso_diffraction_limit_axis_2_ortho[2]   ? 
_reflns.pdbx_aniso_diffraction_limit_axis_2_ortho[3]   ? 
_reflns.pdbx_aniso_diffraction_limit_axis_3_ortho[1]   ? 
_reflns.pdbx_aniso_diffraction_limit_axis_3_ortho[2]   ? 
_reflns.pdbx_aniso_diffraction_limit_axis_3_ortho[3]   ? 
_reflns.pdbx_aniso_diffraction_limit_1                 ? 
_reflns.pdbx_aniso_diffraction_limit_2                 ? 
_reflns.pdbx_aniso_diffraction_limit_3                 ? 
_reflns.pdbx_aniso_B_tensor_eigenvector_1_ortho[1]     ? 
_reflns.pdbx_aniso_B_tensor_eigenvector_1_ortho[2]     ? 
_reflns.pdbx_aniso_B_tensor_eigenvector_1_ortho[3]     ? 
_reflns.pdbx_aniso_B_tensor_eigenvector_2_ortho[1]     ? 
_reflns.pdbx_aniso_B_tensor_eigenvector_2_ortho[2]     ? 
_reflns.pdbx_aniso_B_tensor_eigenvector_2_ortho[3]     ? 
_reflns.pdbx_aniso_B_tensor_eigenvector_3_ortho[1]     ? 
_reflns.pdbx_aniso_B_tensor_eigenvector_3_ortho[2]     ? 
_reflns.pdbx_aniso_B_tensor_eigenvector_3_ortho[3]     ? 
_reflns.pdbx_aniso_B_tensor_eigenvalue_1               ? 
_reflns.pdbx_aniso_B_tensor_eigenvalue_2               ? 
_reflns.pdbx_aniso_B_tensor_eigenvalue_3               ? 
_reflns.pdbx_orthogonalization_convention              ? 
_reflns.pdbx_percent_possible_ellipsoidal              ? 
_reflns.pdbx_percent_possible_spherical                ? 
_reflns.pdbx_percent_possible_ellipsoidal_anomalous    ? 
_reflns.pdbx_percent_possible_spherical_anomalous      ? 
_reflns.pdbx_redundancy_anomalous                      ? 
_reflns.pdbx_CC_half_anomalous                         ? 
_reflns.pdbx_absDiff_over_sigma_anomalous              ? 
_reflns.pdbx_percent_possible_anomalous                ? 
_reflns.pdbx_observed_signal_threshold                 ? 
_reflns.pdbx_signal_type                               ? 
_reflns.pdbx_signal_details                            ? 
_reflns.pdbx_signal_software_id                        ? 
_reflns.pdbx_CC_split_method                           ? 
# 
_reflns_shell.d_res_high                                    2.25 
_reflns_shell.d_res_low                                     2.33 
_reflns_shell.meanI_over_sigI_all                           ? 
_reflns_shell.meanI_over_sigI_obs                           ? 
_reflns_shell.number_measured_all                           ? 
_reflns_shell.number_measured_obs                           ? 
_reflns_shell.number_possible                               ? 
_reflns_shell.number_unique_all                             ? 
_reflns_shell.number_unique_obs                             572 
_reflns_shell.percent_possible_all                          ? 
_reflns_shell.percent_possible_obs                          ? 
_reflns_shell.Rmerge_F_all                                  ? 
_reflns_shell.Rmerge_F_obs                                  ? 
_reflns_shell.Rmerge_I_all                                  ? 
_reflns_shell.Rmerge_I_obs                                  ? 
_reflns_shell.meanI_over_sigI_gt                            ? 
_reflns_shell.meanI_over_uI_all                             ? 
_reflns_shell.meanI_over_uI_gt                              ? 
_reflns_shell.number_measured_gt                            ? 
_reflns_shell.number_unique_gt                              ? 
_reflns_shell.percent_possible_gt                           ? 
_reflns_shell.Rmerge_F_gt                                   ? 
_reflns_shell.Rmerge_I_gt                                   ? 
_reflns_shell.pdbx_redundancy                               ? 
_reflns_shell.pdbx_Rsym_value                               ? 
_reflns_shell.pdbx_chi_squared                              ? 
_reflns_shell.pdbx_netI_over_sigmaI_all                     ? 
_reflns_shell.pdbx_netI_over_sigmaI_obs                     ? 
_reflns_shell.pdbx_Rrim_I_all                               ? 
_reflns_shell.pdbx_Rpim_I_all                               ? 
_reflns_shell.pdbx_rejects                                  ? 
_reflns_shell.pdbx_ordinal                                  1 
_reflns_shell.pdbx_diffrn_id                                1 
_reflns_shell.pdbx_CC_half                                  0.978 
_reflns_shell.pdbx_CC_star                                  ? 
_reflns_shell.pdbx_R_split                                  ? 
_reflns_shell.pdbx_percent_possible_ellipsoidal             ? 
_reflns_shell.pdbx_percent_possible_spherical               ? 
_reflns_shell.pdbx_percent_possible_ellipsoidal_anomalous   ? 
_reflns_shell.pdbx_percent_possible_spherical_anomalous     ? 
_reflns_shell.pdbx_redundancy_anomalous                     ? 
_reflns_shell.pdbx_CC_half_anomalous                        ? 
_reflns_shell.pdbx_absDiff_over_sigma_anomalous             ? 
_reflns_shell.pdbx_percent_possible_anomalous               ? 
# 
_refine.aniso_B[1][1]                            ? 
_refine.aniso_B[1][2]                            ? 
_refine.aniso_B[1][3]                            ? 
_refine.aniso_B[2][2]                            ? 
_refine.aniso_B[2][3]                            ? 
_refine.aniso_B[3][3]                            ? 
_refine.B_iso_max                                ? 
_refine.B_iso_mean                               28.63 
_refine.B_iso_min                                ? 
_refine.correlation_coeff_Fo_to_Fc               ? 
_refine.correlation_coeff_Fo_to_Fc_free          ? 
_refine.details                                  ? 
_refine.diff_density_max                         ? 
_refine.diff_density_max_esd                     ? 
_refine.diff_density_min                         ? 
_refine.diff_density_min_esd                     ? 
_refine.diff_density_rms                         ? 
_refine.diff_density_rms_esd                     ? 
_refine.entry_id                                 7UXO 
_refine.pdbx_refine_id                           'X-RAY DIFFRACTION' 
_refine.ls_abs_structure_details                 ? 
_refine.ls_abs_structure_Flack                   ? 
_refine.ls_abs_structure_Flack_esd               ? 
_refine.ls_abs_structure_Rogers                  ? 
_refine.ls_abs_structure_Rogers_esd              ? 
_refine.ls_d_res_high                            2.25 
_refine.ls_d_res_low                             43.22 
_refine.ls_extinction_coef                       ? 
_refine.ls_extinction_coef_esd                   ? 
_refine.ls_extinction_expression                 ? 
_refine.ls_extinction_method                     ? 
_refine.ls_goodness_of_fit_all                   ? 
_refine.ls_goodness_of_fit_all_esd               ? 
_refine.ls_goodness_of_fit_obs                   ? 
_refine.ls_goodness_of_fit_obs_esd               ? 
_refine.ls_hydrogen_treatment                    ? 
_refine.ls_matrix_type                           ? 
_refine.ls_number_constraints                    ? 
_refine.ls_number_parameters                     ? 
_refine.ls_number_reflns_all                     ? 
_refine.ls_number_reflns_obs                     7385 
_refine.ls_number_reflns_R_free                  340 
_refine.ls_number_reflns_R_work                  7045 
_refine.ls_number_restraints                     ? 
_refine.ls_percent_reflns_obs                    95.69 
_refine.ls_percent_reflns_R_free                 4.60 
_refine.ls_R_factor_all                          ? 
_refine.ls_R_factor_obs                          0.2200 
_refine.ls_R_factor_R_free                       0.2499 
_refine.ls_R_factor_R_free_error                 ? 
_refine.ls_R_factor_R_free_error_details         ? 
_refine.ls_R_factor_R_work                       0.2185 
_refine.ls_R_Fsqd_factor_obs                     ? 
_refine.ls_R_I_factor_obs                        ? 
_refine.ls_redundancy_reflns_all                 ? 
_refine.ls_redundancy_reflns_obs                 ? 
_refine.ls_restrained_S_all                      ? 
_refine.ls_restrained_S_obs                      ? 
_refine.ls_shift_over_esd_max                    ? 
_refine.ls_shift_over_esd_mean                   ? 
_refine.ls_structure_factor_coef                 ? 
_refine.ls_weighting_details                     ? 
_refine.ls_weighting_scheme                      ? 
_refine.ls_wR_factor_all                         ? 
_refine.ls_wR_factor_obs                         ? 
_refine.ls_wR_factor_R_free                      ? 
_refine.ls_wR_factor_R_work                      ? 
_refine.occupancy_max                            ? 
_refine.occupancy_min                            ? 
_refine.solvent_model_details                    'FLAT BULK SOLVENT MODEL' 
_refine.solvent_model_param_bsol                 ? 
_refine.solvent_model_param_ksol                 ? 
_refine.pdbx_R_complete                          ? 
_refine.ls_R_factor_gt                           ? 
_refine.ls_goodness_of_fit_gt                    ? 
_refine.ls_goodness_of_fit_ref                   ? 
_refine.ls_shift_over_su_max                     ? 
_refine.ls_shift_over_su_max_lt                  ? 
_refine.ls_shift_over_su_mean                    ? 
_refine.ls_shift_over_su_mean_lt                 ? 
_refine.pdbx_ls_sigma_I                          ? 
_refine.pdbx_ls_sigma_F                          1.39 
_refine.pdbx_ls_sigma_Fsqd                       ? 
_refine.pdbx_data_cutoff_high_absF               ? 
_refine.pdbx_data_cutoff_high_rms_absF           ? 
_refine.pdbx_data_cutoff_low_absF                ? 
_refine.pdbx_isotropic_thermal_model             ? 
_refine.pdbx_ls_cross_valid_method               'FREE R-VALUE' 
_refine.pdbx_method_to_determine_struct          'MOLECULAR REPLACEMENT' 
_refine.pdbx_starting_model                      4ZQK 
_refine.pdbx_stereochemistry_target_values       'GeoStd + Monomer Library + CDL v1.2' 
_refine.pdbx_R_Free_selection_details            ? 
_refine.pdbx_stereochem_target_val_spec_case     ? 
_refine.pdbx_overall_ESU_R                       ? 
_refine.pdbx_overall_ESU_R_Free                  ? 
_refine.pdbx_solvent_vdw_probe_radii             1.1100 
_refine.pdbx_solvent_ion_probe_radii             ? 
_refine.pdbx_solvent_shrinkage_radii             0.9000 
_refine.pdbx_real_space_R                        ? 
_refine.pdbx_density_correlation                 ? 
_refine.pdbx_pd_number_of_powder_patterns        ? 
_refine.pdbx_pd_number_of_points                 ? 
_refine.pdbx_pd_meas_number_of_points            ? 
_refine.pdbx_pd_proc_ls_prof_R_factor            ? 
_refine.pdbx_pd_proc_ls_prof_wR_factor           ? 
_refine.pdbx_pd_Marquardt_correlation_coeff      ? 
_refine.pdbx_pd_Fsqrd_R_factor                   ? 
_refine.pdbx_pd_ls_matrix_band_width             ? 
_refine.pdbx_overall_phase_error                 29.0268 
_refine.pdbx_overall_SU_R_free_Cruickshank_DPI   ? 
_refine.pdbx_overall_SU_R_free_Blow_DPI          ? 
_refine.pdbx_overall_SU_R_Blow_DPI               ? 
_refine.pdbx_TLS_residual_ADP_flag               ? 
_refine.pdbx_diffrn_id                           1 
_refine.overall_SU_B                             ? 
_refine.overall_SU_ML                            0.3100 
_refine.overall_SU_R_Cruickshank_DPI             ? 
_refine.overall_SU_R_free                        ? 
_refine.overall_FOM_free_R_set                   ? 
_refine.overall_FOM_work_R_set                   ? 
_refine.pdbx_average_fsc_overall                 ? 
_refine.pdbx_average_fsc_work                    ? 
_refine.pdbx_average_fsc_free                    ? 
# 
_refine_hist.pdbx_refine_id                   'X-RAY DIFFRACTION' 
_refine_hist.cycle_id                         LAST 
_refine_hist.details                          ? 
_refine_hist.d_res_high                       2.25 
_refine_hist.d_res_low                        43.22 
_refine_hist.number_atoms_solvent             27 
_refine_hist.number_atoms_total               1107 
_refine_hist.number_reflns_all                ? 
_refine_hist.number_reflns_obs                ? 
_refine_hist.number_reflns_R_free             ? 
_refine_hist.number_reflns_R_work             ? 
_refine_hist.R_factor_all                     ? 
_refine_hist.R_factor_obs                     ? 
_refine_hist.R_factor_R_free                  ? 
_refine_hist.R_factor_R_work                  ? 
_refine_hist.pdbx_number_residues_total       ? 
_refine_hist.pdbx_B_iso_mean_ligand           ? 
_refine_hist.pdbx_B_iso_mean_solvent          ? 
_refine_hist.pdbx_number_atoms_protein        1065 
_refine_hist.pdbx_number_atoms_nucleic_acid   0 
_refine_hist.pdbx_number_atoms_ligand         15 
_refine_hist.pdbx_number_atoms_lipid          ? 
_refine_hist.pdbx_number_atoms_carb           ? 
_refine_hist.pdbx_pseudo_atom_details         ? 
# 
loop_
_refine_ls_restr.pdbx_refine_id 
_refine_ls_restr.criterion 
_refine_ls_restr.dev_ideal 
_refine_ls_restr.dev_ideal_target 
_refine_ls_restr.number 
_refine_ls_restr.rejects 
_refine_ls_restr.type 
_refine_ls_restr.weight 
_refine_ls_restr.pdbx_restraint_function 
'X-RAY DIFFRACTION' ? 0.0078  ? 1099 ? f_bond_d           ? ? 
'X-RAY DIFFRACTION' ? 0.9430  ? 1486 ? f_angle_d          ? ? 
'X-RAY DIFFRACTION' ? 0.0524  ? 165  ? f_chiral_restr     ? ? 
'X-RAY DIFFRACTION' ? 0.0058  ? 188  ? f_plane_restr      ? ? 
'X-RAY DIFFRACTION' ? 18.7029 ? 396  ? f_dihedral_angle_d ? ? 
# 
loop_
_refine_ls_shell.pdbx_refine_id 
_refine_ls_shell.d_res_high 
_refine_ls_shell.d_res_low 
_refine_ls_shell.number_reflns_all 
_refine_ls_shell.number_reflns_obs 
_refine_ls_shell.number_reflns_R_free 
_refine_ls_shell.number_reflns_R_work 
_refine_ls_shell.percent_reflns_obs 
_refine_ls_shell.percent_reflns_R_free 
_refine_ls_shell.R_factor_all 
_refine_ls_shell.R_factor_obs 
_refine_ls_shell.R_factor_R_free 
_refine_ls_shell.R_factor_R_free_error 
_refine_ls_shell.R_factor_R_work 
_refine_ls_shell.redundancy_reflns_all 
_refine_ls_shell.redundancy_reflns_obs 
_refine_ls_shell.wR_factor_all 
_refine_ls_shell.wR_factor_obs 
_refine_ls_shell.wR_factor_R_free 
_refine_ls_shell.wR_factor_R_work 
_refine_ls_shell.pdbx_R_complete 
_refine_ls_shell.pdbx_total_number_of_bins_used 
_refine_ls_shell.pdbx_phase_error 
_refine_ls_shell.pdbx_fsc_work 
_refine_ls_shell.pdbx_fsc_free 
'X-RAY DIFFRACTION' 2.25 2.83  . . 155 3367 93.15 . . . 0.3301 . 0.2632 . . . . . . . . . . . 
'X-RAY DIFFRACTION' 2.83 43.22 . . 185 3678 98.12 . . . 0.2230 . 0.2020 . . . . . . . . . . . 
# 
_struct.entry_id                     7UXO 
_struct.title                        'Structure of PDL1 in complex with FP30790, a Helicon Polypeptide' 
_struct.pdbx_model_details           ? 
_struct.pdbx_formula_weight          ? 
_struct.pdbx_formula_weight_method   ? 
_struct.pdbx_model_type_details      ? 
_struct.pdbx_CASP_flag               N 
# 
_struct_keywords.entry_id        7UXO 
_struct_keywords.text            'Complex, stapled, IMMUNE SYSTEM' 
_struct_keywords.pdbx_keywords   'IMMUNE SYSTEM' 
# 
loop_
_struct_asym.id 
_struct_asym.pdbx_blank_PDB_chainid_flag 
_struct_asym.pdbx_modified 
_struct_asym.entity_id 
_struct_asym.details 
A N N 1 ? 
B N N 2 ? 
C N N 3 ? 
D N N 4 ? 
E N N 5 ? 
F N N 5 ? 
# 
loop_
_struct_conf.conf_type_id 
_struct_conf.id 
_struct_conf.pdbx_PDB_helix_id 
_struct_conf.beg_label_comp_id 
_struct_conf.beg_label_asym_id 
_struct_conf.beg_label_seq_id 
_struct_conf.pdbx_beg_PDB_ins_code 
_struct_conf.end_label_comp_id 
_struct_conf.end_label_asym_id 
_struct_conf.end_label_seq_id 
_struct_conf.pdbx_end_PDB_ins_code 
_struct_conf.beg_auth_comp_id 
_struct_conf.beg_auth_asym_id 
_struct_conf.beg_auth_seq_id 
_struct_conf.end_auth_comp_id 
_struct_conf.end_auth_asym_id 
_struct_conf.end_auth_seq_id 
_struct_conf.pdbx_PDB_helix_class 
_struct_conf.details 
_struct_conf.pdbx_PDB_helix_length 
HELX_P HELX_P1 AA1 ASP A 33 ? ALA A 36 ? ASP A 49  ALA A 52  5 ? 4  
HELX_P HELX_P2 AA2 ASP A 57 ? GLN A 61 ? ASP A 73  GLN A 77  5 ? 5  
HELX_P HELX_P3 AA3 LEU A 72 ? SER A 77 ? LEU A 88  SER A 93  1 ? 6  
HELX_P HELX_P4 AA4 LYS A 89 ? ALA A 93 ? LYS A 105 ALA A 109 5 ? 5  
HELX_P HELX_P5 AA5 CYS B 8  ? TYR B 18 ? CYS B 7   TYR B 17  1 ? 11 
# 
_struct_conf_type.id          HELX_P 
_struct_conf_type.criteria    ? 
_struct_conf_type.reference   ? 
# 
loop_
_struct_conn.id 
_struct_conn.conn_type_id 
_struct_conn.pdbx_leaving_atom_flag 
_struct_conn.pdbx_PDB_id 
_struct_conn.ptnr1_label_asym_id 
_struct_conn.ptnr1_label_comp_id 
_struct_conn.ptnr1_label_seq_id 
_struct_conn.ptnr1_label_atom_id 
_struct_conn.pdbx_ptnr1_label_alt_id 
_struct_conn.pdbx_ptnr1_PDB_ins_code 
_struct_conn.pdbx_ptnr1_standard_comp_id 
_struct_conn.ptnr1_symmetry 
_struct_conn.ptnr2_label_asym_id 
_struct_conn.ptnr2_label_comp_id 
_struct_conn.ptnr2_label_seq_id 
_struct_conn.ptnr2_label_atom_id 
_struct_conn.pdbx_ptnr2_label_alt_id 
_struct_conn.pdbx_ptnr2_PDB_ins_code 
_struct_conn.ptnr1_auth_asym_id 
_struct_conn.ptnr1_auth_comp_id 
_struct_conn.ptnr1_auth_seq_id 
_struct_conn.ptnr2_auth_asym_id 
_struct_conn.ptnr2_auth_comp_id 
_struct_conn.ptnr2_auth_seq_id 
_struct_conn.ptnr2_symmetry 
_struct_conn.pdbx_ptnr3_label_atom_id 
_struct_conn.pdbx_ptnr3_label_seq_id 
_struct_conn.pdbx_ptnr3_label_comp_id 
_struct_conn.pdbx_ptnr3_label_asym_id 
_struct_conn.pdbx_ptnr3_label_alt_id 
_struct_conn.pdbx_ptnr3_PDB_ins_code 
_struct_conn.details 
_struct_conn.pdbx_dist_value 
_struct_conn.pdbx_value_order 
_struct_conn.pdbx_role 
disulf1 disulf ?    ? A CYS 24 SG ? ? ? 1_555 A CYS 98 SG ? ? A CYS 40 A CYS 114 1_555 ? ? ? ? ? ? ? 2.019 ? ? 
covale1 covale none ? B CYS 8  SG ? ? ? 1_555 D WHL .  CK ? ? B CYS 7  B WHL 102 1_555 ? ? ? ? ? ? ? 1.915 ? ? 
covale2 covale none ? B CYS 15 SG ? ? ? 1_555 D WHL .  CH ? ? B CYS 14 B WHL 102 1_555 ? ? ? ? ? ? ? 1.770 ? ? 
covale3 covale one  ? B TYR 18 O  ? ? ? 1_555 C NH2 .  N  ? ? B TYR 17 B NH2 101 1_555 ? ? ? ? ? ? ? 1.300 ? ? 
# 
loop_
_struct_conn_type.id 
_struct_conn_type.criteria 
_struct_conn_type.reference 
disulf ? ? 
covale ? ? 
# 
loop_
_struct_sheet.id 
_struct_sheet.type 
_struct_sheet.number_strands 
_struct_sheet.details 
AA1 ? 5 ? 
AA2 ? 3 ? 
# 
loop_
_struct_sheet_order.sheet_id 
_struct_sheet_order.range_id_1 
_struct_sheet_order.range_id_2 
_struct_sheet_order.offset 
_struct_sheet_order.sense 
AA1 1 2 ? parallel      
AA1 2 3 ? anti-parallel 
AA1 3 4 ? anti-parallel 
AA1 4 5 ? anti-parallel 
AA2 1 2 ? anti-parallel 
AA2 2 3 ? anti-parallel 
# 
loop_
_struct_sheet_range.sheet_id 
_struct_sheet_range.id 
_struct_sheet_range.beg_label_comp_id 
_struct_sheet_range.beg_label_asym_id 
_struct_sheet_range.beg_label_seq_id 
_struct_sheet_range.pdbx_beg_PDB_ins_code 
_struct_sheet_range.end_label_comp_id 
_struct_sheet_range.end_label_asym_id 
_struct_sheet_range.end_label_seq_id 
_struct_sheet_range.pdbx_end_PDB_ins_code 
_struct_sheet_range.beg_auth_comp_id 
_struct_sheet_range.beg_auth_asym_id 
_struct_sheet_range.beg_auth_seq_id 
_struct_sheet_range.end_auth_comp_id 
_struct_sheet_range.end_auth_asym_id 
_struct_sheet_range.end_auth_seq_id 
AA1 1 LEU A 11  ? GLU A 15  ? LEU A 27  GLU A 31  
AA1 2 ALA A 105 ? ASN A 115 ? ALA A 121 ASN A 131 
AA1 3 GLY A 94  ? SER A 101 ? GLY A 110 SER A 117 
AA1 4 ILE A 38  ? MET A 43  ? ILE A 54  MET A 59  
AA1 5 LYS A 46  ? VAL A 52  ? LYS A 62  VAL A 68  
AA2 1 MET A 20  ? LYS A 25  ? MET A 36  LYS A 41  
AA2 2 ASN A 80  ? ILE A 85  ? ASN A 96  ILE A 101 
AA2 3 ALA A 69  ? LEU A 71  ? ALA A 85  LEU A 87  
# 
loop_
_pdbx_struct_sheet_hbond.sheet_id 
_pdbx_struct_sheet_hbond.range_id_1 
_pdbx_struct_sheet_hbond.range_id_2 
_pdbx_struct_sheet_hbond.range_1_label_atom_id 
_pdbx_struct_sheet_hbond.range_1_label_comp_id 
_pdbx_struct_sheet_hbond.range_1_label_asym_id 
_pdbx_struct_sheet_hbond.range_1_label_seq_id 
_pdbx_struct_sheet_hbond.range_1_PDB_ins_code 
_pdbx_struct_sheet_hbond.range_1_auth_atom_id 
_pdbx_struct_sheet_hbond.range_1_auth_comp_id 
_pdbx_struct_sheet_hbond.range_1_auth_asym_id 
_pdbx_struct_sheet_hbond.range_1_auth_seq_id 
_pdbx_struct_sheet_hbond.range_2_label_atom_id 
_pdbx_struct_sheet_hbond.range_2_label_comp_id 
_pdbx_struct_sheet_hbond.range_2_label_asym_id 
_pdbx_struct_sheet_hbond.range_2_label_seq_id 
_pdbx_struct_sheet_hbond.range_2_PDB_ins_code 
_pdbx_struct_sheet_hbond.range_2_auth_atom_id 
_pdbx_struct_sheet_hbond.range_2_auth_comp_id 
_pdbx_struct_sheet_hbond.range_2_auth_asym_id 
_pdbx_struct_sheet_hbond.range_2_auth_seq_id 
AA1 1 2 N TYR A 12  ? N TYR A 28  O LYS A 113 ? O LYS A 129 
AA1 2 3 O ILE A 110 ? O ILE A 126 N TYR A 96  ? N TYR A 112 
AA1 3 4 O ARG A 97  ? O ARG A 113 N GLU A 42  ? N GLU A 58  
AA1 4 5 N VAL A 39  ? N VAL A 55  O PHE A 51  ? O PHE A 67  
AA2 1 2 N CYS A 24  ? N CYS A 40  O ALA A 81  ? O ALA A 97  
AA2 2 3 O GLN A 84  ? O GLN A 100 N ARG A 70  ? N ARG A 86  
# 
_atom_sites.entry_id                    7UXO 
_atom_sites.Cartn_transf_matrix[1][1]   ? 
_atom_sites.Cartn_transf_matrix[1][2]   ? 
_atom_sites.Cartn_transf_matrix[1][3]   ? 
_atom_sites.Cartn_transf_matrix[2][1]   ? 
_atom_sites.Cartn_transf_matrix[2][2]   ? 
_atom_sites.Cartn_transf_matrix[2][3]   ? 
_atom_sites.Cartn_transf_matrix[3][1]   ? 
_atom_sites.Cartn_transf_matrix[3][2]   ? 
_atom_sites.Cartn_transf_matrix[3][3]   ? 
_atom_sites.Cartn_transf_vector[1]      ? 
_atom_sites.Cartn_transf_vector[2]      ? 
_atom_sites.Cartn_transf_vector[3]      ? 
_atom_sites.fract_transf_matrix[1][1]   -0.00227058 
_atom_sites.fract_transf_matrix[1][2]   0.01553044 
_atom_sites.fract_transf_matrix[1][3]   -0.00607998 
_atom_sites.fract_transf_matrix[2][1]   -0.01269053 
_atom_sites.fract_transf_matrix[2][2]   -0.00503005 
_atom_sites.fract_transf_matrix[2][3]   -0.00810926 
_atom_sites.fract_transf_matrix[3][1]   -0.00700744 
_atom_sites.fract_transf_matrix[3][2]   0.00263000 
_atom_sites.fract_transf_matrix[3][3]   0.00933489 
_atom_sites.fract_transf_vector[1]      -0.220178 
_atom_sites.fract_transf_vector[2]      -0.091335 
_atom_sites.fract_transf_vector[3]      -0.141637 
_atom_sites.solution_primary            ? 
_atom_sites.solution_secondary          ? 
_atom_sites.solution_hydrogens          ? 
_atom_sites.special_details             ? 
# 
loop_
_atom_type.symbol 
_atom_type.scat_dispersion_real 
_atom_type.scat_dispersion_imag 
_atom_type.scat_Cromer_Mann_a1 
_atom_type.scat_Cromer_Mann_a2 
_atom_type.scat_Cromer_Mann_a3 
_atom_type.scat_Cromer_Mann_a4 
_atom_type.scat_Cromer_Mann_b1 
_atom_type.scat_Cromer_Mann_b2 
_atom_type.scat_Cromer_Mann_b3 
_atom_type.scat_Cromer_Mann_b4 
_atom_type.scat_Cromer_Mann_c 
_atom_type.scat_source 
_atom_type.scat_dispersion_source 
C ? ? 3.54356 2.42580 ? ? 25.62398 1.50364  ? ? 0.0 
;2-Gaussian fit: Grosse-Kunstleve RW, Sauter NK, Adams PD: Newsletter of the IUCr Commission on Crystallographic Computing 2004, 3, 22-31.
;
? 
N ? ? 4.01032 2.96436 ? ? 19.97189 1.75589  ? ? 0.0 
;2-Gaussian fit: Grosse-Kunstleve RW, Sauter NK, Adams PD: Newsletter of the IUCr Commission on Crystallographic Computing 2004, 3, 22-31.
;
? 
O ? ? 4.49882 3.47563 ? ? 15.80542 1.70748  ? ? 0.0 
;2-Gaussian fit: Grosse-Kunstleve RW, Sauter NK, Adams PD: Newsletter of the IUCr Commission on Crystallographic Computing 2004, 3, 22-31.
;
? 
S ? ? 9.55732 6.39887 ? ? 1.23737  29.19336 ? ? 0.0 
;2-Gaussian fit: Grosse-Kunstleve RW, Sauter NK, Adams PD: Newsletter of the IUCr Commission on Crystallographic Computing 2004, 3, 22-31.
;
? 
# 
loop_
_atom_site.group_PDB 
_atom_site.id 
_atom_site.type_symbol 
_atom_site.label_atom_id 
_atom_site.label_alt_id 
_atom_site.label_comp_id 
_atom_site.label_asym_id 
_atom_site.label_entity_id 
_atom_site.label_seq_id 
_atom_site.pdbx_PDB_ins_code 
_atom_site.Cartn_x 
_atom_site.Cartn_y 
_atom_site.Cartn_z 
_atom_site.occupancy 
_atom_site.B_iso_or_equiv 
_atom_site.pdbx_formal_charge 
_atom_site.auth_seq_id 
_atom_site.auth_comp_id 
_atom_site.auth_asym_id 
_atom_site.auth_atom_id 
_atom_site.pdbx_PDB_model_num 
ATOM   1    N N   . ALA A 1 2   ? 3.61005   -13.68101 -16.60502 1.000 34.13022 ? 18  ALA A N   1 
ATOM   2    C CA  . ALA A 1 2   ? 3.57416   -13.75956 -15.15889 1.000 39.30742 ? 18  ALA A CA  1 
ATOM   3    C C   . ALA A 1 2   ? 2.72352   -12.63617 -14.59891 1.000 34.19658 ? 18  ALA A C   1 
ATOM   4    O O   . ALA A 1 2   ? 2.64046   -11.55226 -15.19608 1.000 35.43528 ? 18  ALA A O   1 
ATOM   5    C CB  . ALA A 1 2   ? 4.98403   -13.69819 -14.58183 1.000 37.90615 ? 18  ALA A CB  1 
ATOM   6    N N   . PHE A 1 3   ? 2.06887   -12.92143 -13.47187 1.000 32.95095 ? 19  PHE A N   1 
ATOM   7    C CA  . PHE A 1 3   ? 1.40530   -11.89577 -12.67216 1.000 28.69123 ? 19  PHE A CA  1 
ATOM   8    C C   . PHE A 1 3   ? 2.36960   -10.74755 -12.38329 1.000 27.40597 ? 19  PHE A C   1 
ATOM   9    O O   . PHE A 1 3   ? 3.40512   -10.94540 -11.75273 1.000 23.68778 ? 19  PHE A O   1 
ATOM   10   C CB  . PHE A 1 3   ? 0.90738   -12.52863 -11.37311 1.000 23.49563 ? 19  PHE A CB  1 
ATOM   11   C CG  . PHE A 1 3   ? 0.15470   -11.58114 -10.46573 1.000 28.01305 ? 19  PHE A CG  1 
ATOM   12   C CD1 . PHE A 1 3   ? -1.19849  -11.33073 -10.66896 1.000 23.50584 ? 19  PHE A CD1 1 
ATOM   13   C CD2 . PHE A 1 3   ? 0.79742   -10.95440 -9.40104  1.000 21.81415 ? 19  PHE A CD2 1 
ATOM   14   C CE1 . PHE A 1 3   ? -1.89847  -10.46778 -9.83663  1.000 24.75648 ? 19  PHE A CE1 1 
ATOM   15   C CE2 . PHE A 1 3   ? 0.09940   -10.09448 -8.55229  1.000 21.36666 ? 19  PHE A CE2 1 
ATOM   16   C CZ  . PHE A 1 3   ? -1.23808  -9.84688  -8.76857  1.000 25.30754 ? 19  PHE A CZ  1 
ATOM   17   N N   . THR A 1 4   ? 2.04624   -9.55265  -12.87296 1.000 25.58871 ? 20  THR A N   1 
ATOM   18   C CA  . THR A 1 4   ? 2.90021   -8.38619  -12.70666 1.000 22.38910 ? 20  THR A CA  1 
ATOM   19   C C   . THR A 1 4   ? 2.12780   -7.28927  -11.98053 1.000 23.46896 ? 20  THR A C   1 
ATOM   20   O O   . THR A 1 4   ? 1.00064   -6.96007  -12.36313 1.000 27.17222 ? 20  THR A O   1 
ATOM   21   C CB  . THR A 1 4   ? 3.39505   -7.87629  -14.06951 1.000 26.71788 ? 20  THR A CB  1 
ATOM   22   O OG1 . THR A 1 4   ? 3.85593   -8.97665  -14.85421 1.000 34.71955 ? 20  THR A OG1 1 
ATOM   23   C CG2 . THR A 1 4   ? 4.55391   -6.90211  -13.90472 1.000 26.47036 ? 20  THR A CG2 1 
ATOM   24   N N   . VAL A 1 5   ? 2.72973   -6.71783  -10.94498 1.000 22.32869 ? 21  VAL A N   1 
ATOM   25   C CA  . VAL A 1 5   ? 2.22413   -5.50305  -10.30811 1.000 22.75142 ? 21  VAL A CA  1 
ATOM   26   C C   . VAL A 1 5   ? 2.98280   -4.31721  -10.89558 1.000 21.36472 ? 21  VAL A C   1 
ATOM   27   O O   . VAL A 1 5   ? 4.20568   -4.37968  -11.04948 1.000 24.04230 ? 21  VAL A O   1 
ATOM   28   C CB  . VAL A 1 5   ? 2.39369   -5.56407  -8.78319  1.000 21.87556 ? 21  VAL A CB  1 
ATOM   29   C CG1 . VAL A 1 5   ? 2.09812   -4.19072  -8.16022  1.000 21.53937 ? 21  VAL A CG1 1 
ATOM   30   C CG2 . VAL A 1 5   ? 1.50879   -6.66178  -8.17816  1.000 16.91159 ? 21  VAL A CG2 1 
ATOM   31   N N   . THR A 1 6   ? 2.26528   -3.25055  -11.25278 1.000 20.06727 ? 22  THR A N   1 
ATOM   32   C CA  . THR A 1 6   ? 2.86948   -2.05808  -11.83759 1.000 26.07269 ? 22  THR A CA  1 
ATOM   33   C C   . THR A 1 6   ? 2.45095   -0.83009  -11.04167 1.000 24.51268 ? 22  THR A C   1 
ATOM   34   O O   . THR A 1 6   ? 1.43109   -0.84871  -10.34850 1.000 22.78285 ? 22  THR A O   1 
ATOM   35   C CB  . THR A 1 6   ? 2.45318   -1.88460  -13.29871 1.000 24.44540 ? 22  THR A CB  1 
ATOM   36   O OG1 . THR A 1 6   ? 1.03444   -2.04509  -13.38923 1.000 26.37484 ? 22  THR A OG1 1 
ATOM   37   C CG2 . THR A 1 6   ? 3.12310   -2.92480  -14.16006 1.000 21.88663 ? 22  THR A CG2 1 
ATOM   38   N N   . VAL A 1 7   ? 3.22094   0.24989   -11.15631 1.000 21.97992 ? 23  VAL A N   1 
ATOM   39   C CA  . VAL A 1 7   ? 2.94813   1.49459   -10.44412 1.000 24.40061 ? 23  VAL A CA  1 
ATOM   40   C C   . VAL A 1 7   ? 2.82266   2.62870   -11.45641 1.000 28.13444 ? 23  VAL A C   1 
ATOM   41   O O   . VAL A 1 7   ? 3.74263   2.84258   -12.24753 1.000 22.30162 ? 23  VAL A O   1 
ATOM   42   C CB  . VAL A 1 7   ? 4.02787   1.82921   -9.39461  1.000 24.73574 ? 23  VAL A CB  1 
ATOM   43   C CG1 . VAL A 1 7   ? 3.84383   0.97346   -8.15091  1.000 21.13619 ? 23  VAL A CG1 1 
ATOM   44   C CG2 . VAL A 1 7   ? 5.41055   1.62245   -9.95188  1.000 28.38626 ? 23  VAL A CG2 1 
ATOM   45   N N   . PRO A 1 8   ? 1.72174   3.39287   -11.45479 1.000 33.88284 ? 24  PRO A N   1 
ATOM   46   C CA  . PRO A 1 8   ? 1.62855   4.52670   -12.39406 1.000 33.36515 ? 24  PRO A CA  1 
ATOM   47   C C   . PRO A 1 8   ? 2.64602   5.60686   -12.10507 1.000 34.14880 ? 24  PRO A C   1 
ATOM   48   O O   . PRO A 1 8   ? 3.20214   6.19984   -13.03773 1.000 34.13973 ? 24  PRO A O   1 
ATOM   49   C CB  . PRO A 1 8   ? 0.19351   5.03879   -12.18899 1.000 31.18834 ? 24  PRO A CB  1 
ATOM   50   C CG  . PRO A 1 8   ? -0.14283  4.64845   -10.76263 1.000 30.94657 ? 24  PRO A CG  1 
ATOM   51   C CD  . PRO A 1 8   ? 0.56175   3.33023   -10.53654 1.000 31.95768 ? 24  PRO A CD  1 
ATOM   52   N N   . LYS A 1 9   ? 2.88272   5.89105   -10.83081 1.000 30.99741 ? 25  LYS A N   1 
ATOM   53   C CA  . LYS A 1 9   ? 3.96135   6.75043   -10.38115 1.000 30.03013 ? 25  LYS A CA  1 
ATOM   54   C C   . LYS A 1 9   ? 4.78063   5.94322   -9.39644  1.000 32.00323 ? 25  LYS A C   1 
ATOM   55   O O   . LYS A 1 9   ? 4.22091   5.31513   -8.49120  1.000 38.93708 ? 25  LYS A O   1 
ATOM   56   C CB  . LYS A 1 9   ? 3.42902   8.01831   -9.68447  1.000 30.42864 ? 25  LYS A CB  1 
ATOM   57   C CG  . LYS A 1 9   ? 2.73173   9.01650   -10.60064 1.000 32.68065 ? 25  LYS A CG  1 
ATOM   58   C CD  . LYS A 1 9   ? 1.89756   10.03661  -9.82616  1.000 24.71747 ? 25  LYS A CD  1 
ATOM   59   C CE  . LYS A 1 9   ? 2.76776   11.03990  -9.10824  1.000 26.12894 ? 25  LYS A CE  1 
ATOM   60   N NZ  . LYS A 1 9   ? 2.04372   12.33637  -9.00059  1.000 36.28648 ? 25  LYS A NZ  1 
ATOM   61   N N   . ASP A 1 10  ? 6.08975   5.94950   -9.55369  1.000 28.75025 ? 26  ASP A N   1 
ATOM   62   C CA  . ASP A 1 10  ? 6.90938   5.37609   -8.50898  1.000 30.62592 ? 26  ASP A CA  1 
ATOM   63   C C   . ASP A 1 10  ? 7.52150   6.44781   -7.61955  1.000 29.24338 ? 26  ASP A C   1 
ATOM   64   O O   . ASP A 1 10  ? 8.21690   6.12148   -6.65311  1.000 26.29102 ? 26  ASP A O   1 
ATOM   65   C CB  . ASP A 1 10  ? 7.95515   4.42899   -9.12339  1.000 36.42411 ? 26  ASP A CB  1 
ATOM   66   C CG  . ASP A 1 10  ? 8.88300   5.11417   -10.09778 1.000 38.71875 ? 26  ASP A CG  1 
ATOM   67   O OD1 . ASP A 1 10  ? 9.42525   6.19194   -9.78417  1.000 48.15323 ? 26  ASP A OD1 1 
ATOM   68   O OD2 . ASP A 1 10  ? 9.10881   4.53774   -11.17836 1.000 46.89111 ? 26  ASP A OD2 1 
ATOM   69   N N   . LEU A 1 11  ? 7.24039   7.71892   -7.90542  1.000 32.27545 ? 27  LEU A N   1 
ATOM   70   C CA  . LEU A 1 11  ? 7.61821   8.83439   -7.04653  1.000 30.64853 ? 27  LEU A CA  1 
ATOM   71   C C   . LEU A 1 11  ? 6.40609   9.74642   -6.88037  1.000 27.93355 ? 27  LEU A C   1 
ATOM   72   O O   . LEU A 1 11  ? 5.74606   10.10476  -7.86132  1.000 23.49883 ? 27  LEU A O   1 
ATOM   73   C CB  . LEU A 1 11  ? 8.82765   9.60875   -7.61036  1.000 26.16042 ? 27  LEU A CB  1 
ATOM   74   C CG  . LEU A 1 11  ? 9.68424   10.26765  -6.51851  1.000 30.27576 ? 27  LEU A CG  1 
ATOM   75   C CD1 . LEU A 1 11  ? 11.11431  10.52031  -6.94149  1.000 30.50245 ? 27  LEU A CD1 1 
ATOM   76   C CD2 . LEU A 1 11  ? 9.06033   11.57559  -6.04798  1.000 30.61291 ? 27  LEU A CD2 1 
ATOM   77   N N   . TYR A 1 12  ? 6.10170   10.09005  -5.63425  1.000 24.74334 ? 28  TYR A N   1 
ATOM   78   C CA  . TYR A 1 12  ? 5.02950   11.01788  -5.31112  1.000 24.88902 ? 28  TYR A CA  1 
ATOM   79   C C   . TYR A 1 12  ? 5.59701   12.15871  -4.48874  1.000 26.66065 ? 28  TYR A C   1 
ATOM   80   O O   . TYR A 1 12  ? 6.36399   11.93000  -3.54606  1.000 24.39613 ? 28  TYR A O   1 
ATOM   81   C CB  . TYR A 1 12  ? 3.90679   10.36622  -4.49116  1.000 26.91723 ? 28  TYR A CB  1 
ATOM   82   C CG  . TYR A 1 12  ? 3.02582   9.37384   -5.20487  1.000 24.27780 ? 28  TYR A CG  1 
ATOM   83   C CD1 . TYR A 1 12  ? 3.45091   8.07165   -5.41483  1.000 22.58084 ? 28  TYR A CD1 1 
ATOM   84   C CD2 . TYR A 1 12  ? 1.75433   9.73151   -5.64358  1.000 21.56161 ? 28  TYR A CD2 1 
ATOM   85   C CE1 . TYR A 1 12  ? 2.63975   7.14838   -6.04176  1.000 23.89674 ? 28  TYR A CE1 1 
ATOM   86   C CE2 . TYR A 1 12  ? 0.93176   8.81881   -6.28077  1.000 20.87382 ? 28  TYR A CE2 1 
ATOM   87   C CZ  . TYR A 1 12  ? 1.38449   7.52224   -6.47286  1.000 24.79574 ? 28  TYR A CZ  1 
ATOM   88   O OH  . TYR A 1 12  ? 0.60374   6.58793   -7.10333  1.000 22.18978 ? 28  TYR A OH  1 
ATOM   89   N N   . VAL A 1 13  ? 5.20034   13.38222  -4.83641  1.000 30.40033 ? 29  VAL A N   1 
ATOM   90   C CA  . VAL A 1 13  ? 5.38866   14.55295  -3.98154  1.000 28.49765 ? 29  VAL A CA  1 
ATOM   91   C C   . VAL A 1 13  ? 4.02716   14.89801  -3.38068  1.000 27.45215 ? 29  VAL A C   1 
ATOM   92   O O   . VAL A 1 13  ? 3.06769   15.16954  -4.11720  1.000 22.41529 ? 29  VAL A O   1 
ATOM   93   C CB  . VAL A 1 13  ? 5.95777   15.74890  -4.76030  1.000 31.98112 ? 29  VAL A CB  1 
ATOM   94   C CG1 . VAL A 1 13  ? 6.65192   16.71517  -3.80265  1.000 34.98999 ? 29  VAL A CG1 1 
ATOM   95   C CG2 . VAL A 1 13  ? 6.88692   15.28366  -5.87487  1.000 27.33814 ? 29  VAL A CG2 1 
ATOM   96   N N   . VAL A 1 14  ? 3.92712   14.88918  -2.05363  1.000 28.86074 ? 30  VAL A N   1 
ATOM   97   C CA  . VAL A 1 14  ? 2.64856   15.12014  -1.39041  1.000 31.06731 ? 30  VAL A CA  1 
ATOM   98   C C   . VAL A 1 14  ? 2.78830   16.26562  -0.40468  1.000 28.33049 ? 30  VAL A C   1 
ATOM   99   O O   . VAL A 1 14  ? 3.80745   16.39846  0.27937   1.000 31.27356 ? 30  VAL A O   1 
ATOM   100  C CB  . VAL A 1 14  ? 2.11609   13.85418  -0.68234  1.000 28.06448 ? 30  VAL A CB  1 
ATOM   101  C CG1 . VAL A 1 14  ? 2.01666   12.70637  -1.68075  1.000 25.88021 ? 30  VAL A CG1 1 
ATOM   102  C CG2 . VAL A 1 14  ? 2.98333   13.48446  0.50222   1.000 29.27549 ? 30  VAL A CG2 1 
ATOM   103  N N   . GLU A 1 15  ? 1.74986   17.08854  -0.33169  1.000 31.66434 ? 31  GLU A N   1 
ATOM   104  C CA  . GLU A 1 15  ? 1.77387   18.24933  0.53979   1.000 27.75236 ? 31  GLU A CA  1 
ATOM   105  C C   . GLU A 1 15  ? 1.73001   17.82026  2.00435   1.000 31.33476 ? 31  GLU A C   1 
ATOM   106  O O   . GLU A 1 15  ? 0.98019   16.91779  2.39045   1.000 31.12893 ? 31  GLU A O   1 
ATOM   107  C CB  . GLU A 1 15  ? 0.60628   19.17429  0.19356   1.000 32.40226 ? 31  GLU A CB  1 
ATOM   108  C CG  . GLU A 1 15  ? 0.39156   20.35119  1.14276   1.000 39.49438 ? 31  GLU A CG  1 
ATOM   109  C CD  . GLU A 1 15  ? -0.84308  21.17584  0.77574   1.000 47.71364 ? 31  GLU A CD  1 
ATOM   110  O OE1 . GLU A 1 15  ? -0.96250  21.54902  -0.41625  1.000 44.47646 ? 31  GLU A OE1 1 
ATOM   111  O OE2 . GLU A 1 15  ? -1.68747  21.44596  1.67309   1.000 47.19844 ? 31  GLU A OE2 1 
ATOM   112  N N   . TYR A 1 16  ? 2.59070   18.43659  2.80877   1.000 33.44898 ? 32  TYR A N   1 
ATOM   113  C CA  . TYR A 1 16  ? 2.50179   18.34284  4.25527   1.000 27.47086 ? 32  TYR A CA  1 
ATOM   114  C C   . TYR A 1 16  ? 1.09446   18.69539  4.72349   1.000 30.71598 ? 32  TYR A C   1 
ATOM   115  O O   . TYR A 1 16  ? 0.51741   19.70520  4.30702   1.000 30.59192 ? 32  TYR A O   1 
ATOM   116  C CB  . TYR A 1 16  ? 3.53296   19.29293  4.87959   1.000 35.75574 ? 32  TYR A CB  1 
ATOM   117  C CG  . TYR A 1 16  ? 3.54081   19.33557  6.39747   1.000 31.85352 ? 32  TYR A CG  1 
ATOM   118  C CD1 . TYR A 1 16  ? 4.28981   18.42951  7.12271   1.000 33.56072 ? 32  TYR A CD1 1 
ATOM   119  C CD2 . TYR A 1 16  ? 2.82919   20.30357  7.09277   1.000 33.85173 ? 32  TYR A CD2 1 
ATOM   120  C CE1 . TYR A 1 16  ? 4.31830   18.45904  8.49699   1.000 35.88769 ? 32  TYR A CE1 1 
ATOM   121  C CE2 . TYR A 1 16  ? 2.84693   20.34787  8.47276   1.000 33.79956 ? 32  TYR A CE2 1 
ATOM   122  C CZ  . TYR A 1 16  ? 3.59923   19.42311  9.17114   1.000 43.85081 ? 32  TYR A CZ  1 
ATOM   123  O OH  . TYR A 1 16  ? 3.62855   19.45095  10.54909  1.000 43.83261 ? 32  TYR A OH  1 
ATOM   124  N N   . GLY A 1 17  ? 0.53447   17.83917  5.57487   1.000 28.30713 ? 33  GLY A N   1 
ATOM   125  C CA  . GLY A 1 17  ? -0.77921  18.06325  6.13676   1.000 31.97812 ? 33  GLY A CA  1 
ATOM   126  C C   . GLY A 1 17  ? -1.95489  17.66886  5.26663   1.000 26.93172 ? 33  GLY A C   1 
ATOM   127  O O   . GLY A 1 17  ? -3.09146  17.76025  5.73353   1.000 25.39508 ? 33  GLY A O   1 
ATOM   128  N N   . SER A 1 18  ? -1.72571  17.23824  4.02573   1.000 23.76277 ? 34  SER A N   1 
ATOM   129  C CA  . SER A 1 18  ? -2.78481  16.81100  3.13061   1.000 21.86458 ? 34  SER A CA  1 
ATOM   130  C C   . SER A 1 18  ? -3.01541  15.29922  3.23090   1.000 24.44548 ? 34  SER A C   1 
ATOM   131  O O   . SER A 1 18  ? -2.41860  14.59436  4.04797   1.000 25.46681 ? 34  SER A O   1 
ATOM   132  C CB  . SER A 1 18  ? -2.43802  17.18879  1.70153   1.000 26.99324 ? 34  SER A CB  1 
ATOM   133  O OG  . SER A 1 18  ? -1.44647  16.28850  1.20755   1.000 29.35220 ? 34  SER A OG  1 
ATOM   134  N N   . ASN A 1 19  ? -3.89905  14.79183  2.38112   1.000 24.58541 ? 35  ASN A N   1 
ATOM   135  C CA  . ASN A 1 19  ? -4.09759  13.35908  2.22558   1.000 22.90783 ? 35  ASN A CA  1 
ATOM   136  C C   . ASN A 1 19  ? -3.36900  12.88420  0.97856   1.000 24.86301 ? 35  ASN A C   1 
ATOM   137  O O   . ASN A 1 19  ? -3.24524  13.61566  -0.00365  1.000 27.22559 ? 35  ASN A O   1 
ATOM   138  C CB  . ASN A 1 19  ? -5.58107  13.00997  2.12038   1.000 23.98311 ? 35  ASN A CB  1 
ATOM   139  C CG  . ASN A 1 19  ? -6.36900  13.51755  3.29314   1.000 25.99483 ? 35  ASN A CG  1 
ATOM   140  O OD1 . ASN A 1 19  ? -5.86652  13.56730  4.42024   1.000 25.50678 ? 35  ASN A OD1 1 
ATOM   141  N ND2 . ASN A 1 19  ? -7.60810  13.91580  3.04290   1.000 29.47175 ? 35  ASN A ND2 1 
ATOM   142  N N   . MET A 1 20  ? -2.85178  11.66359  1.03395   1.000 22.90238 ? 36  MET A N   1 
ATOM   143  C CA  . MET A 1 20  ? -2.17718  11.08604  -0.11189  1.000 22.70960 ? 36  MET A CA  1 
ATOM   144  C C   . MET A 1 20  ? -2.72478  9.69255   -0.36620  1.000 26.41704 ? 36  MET A C   1 
ATOM   145  O O   . MET A 1 20  ? -3.14541  8.98417   0.55328   1.000 22.64960 ? 36  MET A O   1 
ATOM   146  C CB  . MET A 1 20  ? -0.65215  11.05766  0.08215   1.000 20.39346 ? 36  MET A CB  1 
ATOM   147  C CG  . MET A 1 20  ? -0.13336  10.07576  1.14813   1.000 26.89124 ? 36  MET A CG  1 
ATOM   148  S SD  . MET A 1 20  ? 1.63617   9.68014   0.91910   1.000 35.23858 ? 36  MET A SD  1 
ATOM   149  C CE  . MET A 1 20  ? 1.91214   8.48644   2.20470   1.000 21.48380 ? 36  MET A CE  1 
ATOM   150  N N   . THR A 1 21  ? -2.70556  9.31771   -1.63815  1.000 24.81994 ? 37  THR A N   1 
ATOM   151  C CA  . THR A 1 21  ? -3.10049  7.99584   -2.08770  1.000 20.58541 ? 37  THR A CA  1 
ATOM   152  C C   . THR A 1 21  ? -2.03589  7.52763   -3.06388  1.000 25.33008 ? 37  THR A C   1 
ATOM   153  O O   . THR A 1 21  ? -1.88650  8.11787   -4.13958  1.000 27.93067 ? 37  THR A O   1 
ATOM   154  C CB  . THR A 1 21  ? -4.47534  8.03558   -2.74900  1.000 17.41642 ? 37  THR A CB  1 
ATOM   155  O OG1 . THR A 1 21  ? -5.41680  8.55577   -1.80783  1.000 27.19280 ? 37  THR A OG1 1 
ATOM   156  C CG2 . THR A 1 21  ? -4.91103  6.64344   -3.17732  1.000 22.33091 ? 37  THR A CG2 1 
ATOM   157  N N   . ILE A 1 22  ? -1.28380  6.48811   -2.69734  1.000 21.51520 ? 38  ILE A N   1 
ATOM   158  C CA  . ILE A 1 22  ? -0.34614  5.86811   -3.62349  1.000 19.09532 ? 38  ILE A CA  1 
ATOM   159  C C   . ILE A 1 22  ? -0.92827  4.52910   -4.06904  1.000 23.02089 ? 38  ILE A C   1 
ATOM   160  O O   . ILE A 1 22  ? -1.63631  3.85667   -3.30751  1.000 21.70066 ? 38  ILE A O   1 
ATOM   161  C CB  . ILE A 1 22  ? 1.04904   5.71184   -2.99614  1.000 23.13047 ? 38  ILE A CB  1 
ATOM   162  C CG1 . ILE A 1 22  ? 0.99125   4.88031   -1.71832  1.000 18.39327 ? 38  ILE A CG1 1 
ATOM   163  C CG2 . ILE A 1 22  ? 1.64511   7.08115   -2.68325  1.000 22.73460 ? 38  ILE A CG2 1 
ATOM   164  C CD1 . ILE A 1 22  ? 2.36143   4.66739   -1.13222  1.000 20.14940 ? 38  ILE A CD1 1 
ATOM   165  N N   . GLU A 1 23  ? -0.63556  4.13992   -5.31365  1.000 18.23516 ? 39  GLU A N   1 
ATOM   166  C CA  . GLU A 1 23  ? -1.37666  3.07016   -5.96720  1.000 22.17046 ? 39  GLU A CA  1 
ATOM   167  C C   . GLU A 1 23  ? -0.45948  2.00701   -6.55316  1.000 21.53296 ? 39  GLU A C   1 
ATOM   168  O O   . GLU A 1 23  ? 0.59192   2.31355   -7.11792  1.000 19.51657 ? 39  GLU A O   1 
ATOM   169  C CB  . GLU A 1 23  ? -2.26082  3.61878   -7.08157  1.000 20.54392 ? 39  GLU A CB  1 
ATOM   170  C CG  . GLU A 1 23  ? -3.28491  4.63942   -6.61131  1.000 29.29105 ? 39  GLU A CG  1 
ATOM   171  C CD  . GLU A 1 23  ? -4.09517  5.23301   -7.77132  1.000 31.71773 ? 39  GLU A CD  1 
ATOM   172  O OE1 . GLU A 1 23  ? -3.51769  5.49035   -8.85229  1.000 33.17396 ? 39  GLU A OE1 1 
ATOM   173  O OE2 . GLU A 1 23  ? -5.31542  5.42099   -7.59953  1.000 35.73268 ? 39  GLU A OE2 1 
ATOM   174  N N   . CYS A 1 24  ? -0.88208  0.75354   -6.43008  1.000 21.93735 ? 40  CYS A N   1 
ATOM   175  C CA  . CYS A 1 24  ? -0.27395  -0.35954  -7.14169  1.000 21.27728 ? 40  CYS A CA  1 
ATOM   176  C C   . CYS A 1 24  ? -1.36353  -1.06139  -7.93234  1.000 23.23720 ? 40  CYS A C   1 
ATOM   177  O O   . CYS A 1 24  ? -2.43984  -1.34409  -7.39428  1.000 19.48321 ? 40  CYS A O   1 
ATOM   178  C CB  . CYS A 1 24  ? 0.39883   -1.33313  -6.18675  1.000 16.14247 ? 40  CYS A CB  1 
ATOM   179  S SG  . CYS A 1 24  ? 1.97290   -0.71701  -5.56069  1.000 27.38366 ? 40  CYS A SG  1 
ATOM   180  N N   . LYS A 1 25  ? -1.08469  -1.33358  -9.20238  1.000 22.20910 ? 41  LYS A N   1 
ATOM   181  C CA  . LYS A 1 25  ? -2.04096  -1.97791  -10.09245 1.000 25.23303 ? 41  LYS A CA  1 
ATOM   182  C C   . LYS A 1 25  ? -1.69791  -3.45203  -10.21815 1.000 26.38707 ? 41  LYS A C   1 
ATOM   183  O O   . LYS A 1 25  ? -0.52230  -3.82195  -10.32861 1.000 22.43654 ? 41  LYS A O   1 
ATOM   184  C CB  . LYS A 1 25  ? -2.03379  -1.32516  -11.47582 1.000 24.40247 ? 41  LYS A CB  1 
ATOM   185  C CG  . LYS A 1 25  ? -2.41858  0.15199   -11.47075 1.000 25.15032 ? 41  LYS A CG  1 
ATOM   186  C CD  . LYS A 1 25  ? -3.65154  0.41155   -10.61858 1.000 28.18853 ? 41  LYS A CD  1 
ATOM   187  C CE  . LYS A 1 25  ? -4.51286  1.50829   -11.25499 1.000 37.66749 ? 41  LYS A CE  1 
ATOM   188  N NZ  . LYS A 1 25  ? -3.89437  2.84628   -11.08307 1.000 36.83855 ? 41  LYS A NZ  1 
ATOM   189  N N   . PHE A 1 26  ? -2.72615  -4.28815  -10.18151 1.000 22.26937 ? 42  PHE A N   1 
ATOM   190  C CA  . PHE A 1 26  ? -2.56813  -5.71283  -10.38313 1.000 22.86993 ? 42  PHE A CA  1 
ATOM   191  C C   . PHE A 1 26  ? -3.70435  -6.18689  -11.28322 1.000 25.91972 ? 42  PHE A C   1 
ATOM   192  O O   . PHE A 1 26  ? -4.80643  -5.61507  -11.26033 1.000 23.06304 ? 42  PHE A O   1 
ATOM   193  C CB  . PHE A 1 26  ? -2.54878  -6.48305  -9.04673  1.000 20.94557 ? 42  PHE A CB  1 
ATOM   194  C CG  . PHE A 1 26  ? -3.80556  -6.33729  -8.23550  1.000 22.10691 ? 42  PHE A CG  1 
ATOM   195  C CD1 . PHE A 1 26  ? -4.07517  -5.16487  -7.54028  1.000 20.47642 ? 42  PHE A CD1 1 
ATOM   196  C CD2 . PHE A 1 26  ? -4.72635  -7.37303  -8.17860  1.000 21.15996 ? 42  PHE A CD2 1 
ATOM   197  C CE1 . PHE A 1 26  ? -5.24667  -5.02517  -6.79022  1.000 21.15010 ? 42  PHE A CE1 1 
ATOM   198  C CE2 . PHE A 1 26  ? -5.89769  -7.24890  -7.44069  1.000 21.18891 ? 42  PHE A CE2 1 
ATOM   199  C CZ  . PHE A 1 26  ? -6.16608  -6.07345  -6.74925  1.000 21.42931 ? 42  PHE A CZ  1 
ATOM   200  N N   . PRO A 1 27  ? -3.45328  -7.20004  -12.11285 1.000 25.13114 ? 43  PRO A N   1 
ATOM   201  C CA  . PRO A 1 27  ? -4.43757  -7.57604  -13.14313 1.000 25.98626 ? 43  PRO A CA  1 
ATOM   202  C C   . PRO A 1 27  ? -5.65618  -8.26695  -12.54818 1.000 24.98244 ? 43  PRO A C   1 
ATOM   203  O O   . PRO A 1 27  ? -5.52589  -9.20051  -11.76182 1.000 23.10559 ? 43  PRO A O   1 
ATOM   204  C CB  . PRO A 1 27  ? -3.64609  -8.52831  -14.04952 1.000 26.13064 ? 43  PRO A CB  1 
ATOM   205  C CG  . PRO A 1 27  ? -2.54565  -9.05411  -13.16247 1.000 22.62475 ? 43  PRO A CG  1 
ATOM   206  C CD  . PRO A 1 27  ? -2.17283  -7.91033  -12.28199 1.000 19.62922 ? 43  PRO A CD  1 
ATOM   207  N N   . VAL A 1 28  ? -6.84956  -7.81495  -12.95228 1.000 25.94203 ? 44  VAL A N   1 
ATOM   208  C CA  . VAL A 1 28  ? -8.11958  -8.42381  -12.55490 1.000 26.83092 ? 44  VAL A CA  1 
ATOM   209  C C   . VAL A 1 28  ? -8.94957  -8.61292  -13.82706 1.000 29.91340 ? 44  VAL A C   1 
ATOM   210  O O   . VAL A 1 28  ? -9.52837  -7.65522  -14.34552 1.000 28.19280 ? 44  VAL A O   1 
ATOM   211  C CB  . VAL A 1 28  ? -8.87040  -7.57218  -11.51657 1.000 30.93289 ? 44  VAL A CB  1 
ATOM   212  C CG1 . VAL A 1 28  ? -10.29520 -8.09658  -11.27200 1.000 25.97954 ? 44  VAL A CG1 1 
ATOM   213  C CG2 . VAL A 1 28  ? -8.09469  -7.52821  -10.20453 1.000 24.23670 ? 44  VAL A CG2 1 
ATOM   214  N N   . GLU A 1 29  ? -9.01216  -9.84274  -14.34275 1.000 37.04690 ? 45  GLU A N   1 
ATOM   215  C CA  . GLU A 1 29  ? -9.77082  -10.10739 -15.57983 1.000 34.78636 ? 45  GLU A CA  1 
ATOM   216  C C   . GLU A 1 29  ? -11.23879 -10.37938 -15.26958 1.000 33.78252 ? 45  GLU A C   1 
ATOM   217  O O   . GLU A 1 29  ? -12.12092 -9.58514  -15.61335 1.000 30.50889 ? 45  GLU A O   1 
ATOM   218  C CB  . GLU A 1 29  ? -9.16885  -11.28598 -16.34297 1.000 36.44125 ? 45  GLU A CB  1 
ATOM   219  C CG  . GLU A 1 29  ? -7.68561  -11.19413 -16.56536 1.000 38.30330 ? 45  GLU A CG  1 
ATOM   220  C CD  . GLU A 1 29  ? -7.36006  -10.49809 -17.86293 1.000 42.79572 ? 45  GLU A CD  1 
ATOM   221  O OE1 . GLU A 1 29  ? -6.69896  -11.12799 -18.72217 1.000 43.78144 ? 45  GLU A OE1 1 
ATOM   222  O OE2 . GLU A 1 29  ? -7.76982  -9.32318  -18.01703 1.000 42.60653 ? 45  GLU A OE2 1 
ATOM   223  N N   . LYS A 1 30  ? -11.50493 -11.52196 -14.64757 1.000 31.54518 ? 46  LYS A N   1 
ATOM   224  C CA  . LYS A 1 30  ? -12.83943 -11.84928 -14.19078 1.000 34.19522 ? 46  LYS A CA  1 
ATOM   225  C C   . LYS A 1 30  ? -13.19527 -10.98007 -12.98652 1.000 37.06207 ? 46  LYS A C   1 
ATOM   226  O O   . LYS A 1 30  ? -12.43215 -10.10795 -12.55812 1.000 35.56649 ? 46  LYS A O   1 
ATOM   227  C CB  . LYS A 1 30  ? -12.93153 -13.33431 -13.84409 1.000 31.29280 ? 46  LYS A CB  1 
ATOM   228  C CG  . LYS A 1 30  ? -13.01188 -14.25556 -15.05990 1.000 27.42365 ? 46  LYS A CG  1 
ATOM   229  C CD  . LYS A 1 30  ? -13.22867 -15.71197 -14.65723 1.000 33.65536 ? 46  LYS A CD  1 
ATOM   230  C CE  . LYS A 1 30  ? -13.85747 -16.53061 -15.80480 1.000 38.90758 ? 46  LYS A CE  1 
ATOM   231  N NZ  . LYS A 1 30  ? -14.13538 -17.95364 -15.44075 1.000 30.19816 ? 46  LYS A NZ  1 
ATOM   232  N N   . GLN A 1 31  ? -14.36761 -11.20175 -12.43392 1.000 28.79279 ? 47  GLN A N   1 
ATOM   233  C CA  . GLN A 1 31  ? -14.79664 -10.49230 -11.25882 1.000 33.56759 ? 47  GLN A CA  1 
ATOM   234  C C   . GLN A 1 31  ? -13.80708 -10.77598 -10.12716 1.000 32.17920 ? 47  GLN A C   1 
ATOM   235  O O   . GLN A 1 31  ? -13.41954 -11.90667 -9.92656  1.000 32.63477 ? 47  GLN A O   1 
ATOM   236  C CB  . GLN A 1 31  ? -16.20882 -10.90252 -10.89338 1.000 31.58783 ? 47  GLN A CB  1 
ATOM   237  C CG  . GLN A 1 31  ? -16.62658 -10.44513 -9.52473  1.000 39.47251 ? 47  GLN A CG  1 
ATOM   238  C CD  . GLN A 1 31  ? -18.08916 -10.19607 -9.37774  1.000 44.31445 ? 47  GLN A CD  1 
ATOM   239  O OE1 . GLN A 1 31  ? -18.57155 -10.06965 -8.28223  1.000 41.26961 ? 47  GLN A OE1 1 
ATOM   240  N NE2 . GLN A 1 31  ? -18.79855 -10.11301 -10.49250 1.000 42.04656 ? 47  GLN A NE2 1 
ATOM   241  N N   . LEU A 1 32  ? -13.46351 -9.76475  -9.35562  1.000 27.76701 ? 48  LEU A N   1 
ATOM   242  C CA  . LEU A 1 32  ? -12.42958 -9.91645  -8.33807  1.000 27.88001 ? 48  LEU A CA  1 
ATOM   243  C C   . LEU A 1 32  ? -12.84292 -10.96562 -7.31454  1.000 26.38477 ? 48  LEU A C   1 
ATOM   244  O O   . LEU A 1 32  ? -13.97149 -10.95628 -6.82493  1.000 29.74406 ? 48  LEU A O   1 
ATOM   245  C CB  . LEU A 1 32  ? -12.15607 -8.57497  -7.65193  1.000 22.10191 ? 48  LEU A CB  1 
ATOM   246  C CG  . LEU A 1 32  ? -11.11197 -8.61783  -6.53179  1.000 27.56129 ? 48  LEU A CG  1 
ATOM   247  C CD1 . LEU A 1 32  ? -9.70426  -8.38311  -7.09467  1.000 23.99844 ? 48  LEU A CD1 1 
ATOM   248  C CD2 . LEU A 1 32  ? -11.42982 -7.61240  -5.42840  1.000 26.85243 ? 48  LEU A CD2 1 
ATOM   249  N N   . ASP A 1 33  ? -11.92591 -11.87784 -6.99722  1.000 24.61533 ? 49  ASP A N   1 
ATOM   250  C CA  . ASP A 1 33  ? -12.17342 -12.94153 -6.02841  1.000 27.92596 ? 49  ASP A CA  1 
ATOM   251  C C   . ASP A 1 33  ? -11.45178 -12.60868 -4.73067  1.000 24.15172 ? 49  ASP A C   1 
ATOM   252  O O   . ASP A 1 33  ? -10.22540 -12.70849 -4.65738  1.000 25.27806 ? 49  ASP A O   1 
ATOM   253  C CB  . ASP A 1 33  ? -11.72297 -14.29843 -6.57307  1.000 26.00279 ? 49  ASP A CB  1 
ATOM   254  C CG  . ASP A 1 33  ? -11.83520 -15.41526 -5.54413  1.000 24.90526 ? 49  ASP A CG  1 
ATOM   255  O OD1 . ASP A 1 33  ? -12.51159 -15.24834 -4.51082  1.000 26.11980 ? 49  ASP A OD1 1 
ATOM   256  O OD2 . ASP A 1 33  ? -11.24065 -16.48503 -5.77184  1.000 35.69153 ? 49  ASP A OD2 1 
ATOM   257  N N   . LEU A 1 34  ? -12.22500 -12.23951 -3.70654  1.000 27.12652 ? 50  LEU A N   1 
ATOM   258  C CA  . LEU A 1 34  ? -11.66552 -11.95112 -2.38983  1.000 25.60581 ? 50  LEU A CA  1 
ATOM   259  C C   . LEU A 1 34  ? -10.92944 -13.14314 -1.81162  1.000 22.76865 ? 50  LEU A C   1 
ATOM   260  O O   . LEU A 1 34  ? -9.94609  -12.96561 -1.09142  1.000 21.85433 ? 50  LEU A O   1 
ATOM   261  C CB  . LEU A 1 34  ? -12.76714 -11.53002 -1.42049  1.000 25.28784 ? 50  LEU A CB  1 
ATOM   262  C CG  . LEU A 1 34  ? -13.07444 -10.05420 -1.20691  1.000 30.55409 ? 50  LEU A CG  1 
ATOM   263  C CD1 . LEU A 1 34  ? -12.98828 -9.30859  -2.50716  1.000 32.26358 ? 50  LEU A CD1 1 
ATOM   264  C CD2 . LEU A 1 34  ? -14.48426 -9.93539  -0.64268  1.000 31.17780 ? 50  LEU A CD2 1 
ATOM   265  N N   . ALA A 1 35  ? -11.39846 -14.36059 -2.08858  1.000 24.39900 ? 51  ALA A N   1 
ATOM   266  C CA  . ALA A 1 35  ? -10.76908 -15.54308 -1.50985  1.000 24.90909 ? 51  ALA A CA  1 
ATOM   267  C C   . ALA A 1 35  ? -9.34227  -15.74412 -2.01637  1.000 26.95193 ? 51  ALA A C   1 
ATOM   268  O O   . ALA A 1 35  ? -8.56986  -16.47005 -1.37685  1.000 23.31477 ? 51  ALA A O   1 
ATOM   269  C CB  . ALA A 1 35  ? -11.61634 -16.79055 -1.79696  1.000 24.53277 ? 51  ALA A CB  1 
ATOM   270  N N   . ALA A 1 36  ? -8.96610  -15.09386 -3.12588  1.000 24.02849 ? 52  ALA A N   1 
ATOM   271  C CA  . ALA A 1 36  ? -7.63900  -15.24710 -3.71944  1.000 25.70295 ? 52  ALA A CA  1 
ATOM   272  C C   . ALA A 1 36  ? -6.71658  -14.04860 -3.49413  1.000 27.02714 ? 52  ALA A C   1 
ATOM   273  O O   . ALA A 1 36  ? -5.54549  -14.10531 -3.89361  1.000 26.24960 ? 52  ALA A O   1 
ATOM   274  C CB  . ALA A 1 36  ? -7.76790  -15.50631 -5.22488  1.000 23.68438 ? 52  ALA A CB  1 
ATOM   275  N N   . LEU A 1 37  ? -7.19441  -12.97877 -2.85582  1.000 24.87536 ? 53  LEU A N   1 
ATOM   276  C CA  . LEU A 1 37  ? -6.47512  -11.70658 -2.82042  1.000 20.66966 ? 53  LEU A CA  1 
ATOM   277  C C   . LEU A 1 37  ? -5.82279  -11.46982 -1.46817  1.000 19.89394 ? 53  LEU A C   1 
ATOM   278  O O   . LEU A 1 37  ? -6.49252  -11.51185 -0.43122  1.000 18.74120 ? 53  LEU A O   1 
ATOM   279  C CB  . LEU A 1 37  ? -7.41602  -10.54520 -3.13743  1.000 21.80260 ? 53  LEU A CB  1 
ATOM   280  C CG  . LEU A 1 37  ? -6.78851  -9.15805  -3.23920  1.000 19.65242 ? 53  LEU A CG  1 
ATOM   281  C CD1 . LEU A 1 37  ? -5.68465  -9.13853  -4.31306  1.000 20.67003 ? 53  LEU A CD1 1 
ATOM   282  C CD2 . LEU A 1 37  ? -7.86876  -8.13129  -3.56008  1.000 19.63597 ? 53  LEU A CD2 1 
ATOM   283  N N   . ILE A 1 38  ? -4.52802  -11.15998 -1.48971  1.000 18.21962 ? 54  ILE A N   1 
ATOM   284  C CA  . ILE A 1 38  ? -3.79463  -10.73923 -0.30405  1.000 18.62694 ? 54  ILE A CA  1 
ATOM   285  C C   . ILE A 1 38  ? -2.98684  -9.49700  -0.67443  1.000 18.88336 ? 54  ILE A C   1 
ATOM   286  O O   . ILE A 1 38  ? -2.30093  -9.48340  -1.70146  1.000 19.04272 ? 54  ILE A O   1 
ATOM   287  C CB  . ILE A 1 38  ? -2.89363  -11.87620 0.22864   1.000 20.93052 ? 54  ILE A CB  1 
ATOM   288  C CG1 . ILE A 1 38  ? -3.77192  -13.06407 0.67562   1.000 21.72648 ? 54  ILE A CG1 1 
ATOM   289  C CG2 . ILE A 1 38  ? -2.00003  -11.40411 1.38040   1.000 14.77378 ? 54  ILE A CG2 1 
ATOM   290  C CD1 . ILE A 1 38  ? -3.00701  -14.20495 1.32386   1.000 25.39039 ? 54  ILE A CD1 1 
ATOM   291  N N   . VAL A 1 39  ? -3.08926  -8.44495  0.13535   1.000 16.44297 ? 55  VAL A N   1 
ATOM   292  C CA  . VAL A 1 39  ? -2.39749  -7.18301  -0.13029  1.000 16.81339 ? 55  VAL A CA  1 
ATOM   293  C C   . VAL A 1 39  ? -1.67357  -6.77350  1.14372   1.000 18.56641 ? 55  VAL A C   1 
ATOM   294  O O   . VAL A 1 39  ? -2.29459  -6.73712  2.21051   1.000 20.18781 ? 55  VAL A O   1 
ATOM   295  C CB  . VAL A 1 39  ? -3.37295  -6.06753  -0.58208  1.000 18.99156 ? 55  VAL A CB  1 
ATOM   296  C CG1 . VAL A 1 39  ? -2.64144  -4.70221  -0.71755  1.000 15.39932 ? 55  VAL A CG1 1 
ATOM   297  C CG2 . VAL A 1 39  ? -4.09041  -6.42864  -1.89820  1.000 14.84814 ? 55  VAL A CG2 1 
ATOM   298  N N   . TYR A 1 40  ? -0.36228  -6.49529  1.04351   1.000 15.77756 ? 56  TYR A N   1 
ATOM   299  C CA  . TYR A 1 40  ? 0.42138   -5.95589  2.15914   1.000 17.81985 ? 56  TYR A CA  1 
ATOM   300  C C   . TYR A 1 40  ? 1.03874   -4.63056  1.74545   1.000 19.19715 ? 56  TYR A C   1 
ATOM   301  O O   . TYR A 1 40  ? 1.64056   -4.52545  0.66796   1.000 16.69985 ? 56  TYR A O   1 
ATOM   302  C CB  . TYR A 1 40  ? 1.58704   -6.84133  2.58764   1.000 20.38328 ? 56  TYR A CB  1 
ATOM   303  C CG  . TYR A 1 40  ? 1.32251   -8.04819  3.45456   1.000 31.49818 ? 56  TYR A CG  1 
ATOM   304  C CD1 . TYR A 1 40  ? 0.14367   -8.78768  3.34580   1.000 27.63563 ? 56  TYR A CD1 1 
ATOM   305  C CD2 . TYR A 1 40  ? 2.29058   -8.48145  4.36997   1.000 34.34845 ? 56  TYR A CD2 1 
ATOM   306  C CE1 . TYR A 1 40  ? -0.06031  -9.94183  4.14205   1.000 31.10075 ? 56  TYR A CE1 1 
ATOM   307  C CE2 . TYR A 1 40  ? 2.09173   -9.61689  5.16225   1.000 35.11831 ? 56  TYR A CE2 1 
ATOM   308  C CZ  . TYR A 1 40  ? 0.91768   -10.34150 5.04264   1.000 28.51903 ? 56  TYR A CZ  1 
ATOM   309  O OH  . TYR A 1 40  ? 0.73174   -11.45818 5.82265   1.000 35.09830 ? 56  TYR A OH  1 
ATOM   310  N N   . TRP A 1 41  ? 0.94731   -3.63458  2.61003   1.000 16.30897 ? 57  TRP A N   1 
ATOM   311  C CA  . TRP A 1 41  ? 1.70536   -2.40943  2.40836   1.000 18.75144 ? 57  TRP A CA  1 
ATOM   312  C C   . TRP A 1 41  ? 2.64476   -2.24600  3.58789   1.000 20.73854 ? 57  TRP A C   1 
ATOM   313  O O   . TRP A 1 41  ? 2.22851   -2.40424  4.74275   1.000 18.98018 ? 57  TRP A O   1 
ATOM   314  C CB  . TRP A 1 41  ? 0.81254   -1.18337  2.29123   1.000 14.77632 ? 57  TRP A CB  1 
ATOM   315  C CG  . TRP A 1 41  ? 0.13590   -0.96309  0.99704   1.000 15.87906 ? 57  TRP A CG  1 
ATOM   316  C CD1 . TRP A 1 41  ? -1.12530  -1.37060  0.66243   1.000 15.23525 ? 57  TRP A CD1 1 
ATOM   317  C CD2 . TRP A 1 41  ? 0.63549   -0.21513  -0.13323  1.000 15.38213 ? 57  TRP A CD2 1 
ATOM   318  N NE1 . TRP A 1 41  ? -1.43132  -0.95319  -0.61545  1.000 21.27697 ? 57  TRP A NE1 1 
ATOM   319  C CE2 . TRP A 1 41  ? -0.37691  -0.23394  -1.12374  1.000 18.67211 ? 57  TRP A CE2 1 
ATOM   320  C CE3 . TRP A 1 41  ? 1.83310   0.46234   -0.40306  1.000 14.93410 ? 57  TRP A CE3 1 
ATOM   321  C CZ2 . TRP A 1 41  ? -0.22724  0.40149   -2.37476  1.000 17.32249 ? 57  TRP A CZ2 1 
ATOM   322  C CZ3 . TRP A 1 41  ? 1.98812   1.09562   -1.65329  1.000 18.09597 ? 57  TRP A CZ3 1 
ATOM   323  C CH2 . TRP A 1 41  ? 0.95571   1.06343   -2.61790  1.000 16.87945 ? 57  TRP A CH2 1 
ATOM   324  N N   . GLU A 1 42  ? 3.90070   -1.91825  3.30271   1.000 22.03133 ? 58  GLU A N   1 
ATOM   325  C CA  . GLU A 1 42  ? 4.85427   -1.66634  4.36798   1.000 24.63478 ? 58  GLU A CA  1 
ATOM   326  C C   . GLU A 1 42  ? 5.73969   -0.48526  3.99236   1.000 21.40710 ? 58  GLU A C   1 
ATOM   327  O O   . GLU A 1 42  ? 5.79299   -0.07389  2.83339   1.000 20.35792 ? 58  GLU A O   1 
ATOM   328  C CB  . GLU A 1 42  ? 5.67668   -2.92541  4.65689   1.000 24.78427 ? 58  GLU A CB  1 
ATOM   329  C CG  . GLU A 1 42  ? 6.67916   -3.25776  3.59966   1.000 32.26711 ? 58  GLU A CG  1 
ATOM   330  C CD  . GLU A 1 42  ? 8.08778   -2.79203  3.96702   1.000 39.78888 ? 58  GLU A CD  1 
ATOM   331  O OE1 . GLU A 1 42  ? 8.34758   -2.54611  5.16815   1.000 38.20571 ? 58  GLU A OE1 1 
ATOM   332  O OE2 . GLU A 1 42  ? 8.94277   -2.70210  3.06077   1.000 41.11254 ? 58  GLU A OE2 1 
ATOM   333  N N   . MET A 1 43  ? 6.42723   0.07135   4.99125   1.000 20.50949 ? 59  MET A N   1 
ATOM   334  C CA  . MET A 1 43  ? 7.49181   1.03418   4.71931   1.000 27.95703 ? 59  MET A CA  1 
ATOM   335  C C   . MET A 1 43  ? 8.51674   0.96489   5.84276   1.000 30.18296 ? 59  MET A C   1 
ATOM   336  O O   . MET A 1 43  ? 8.15653   1.10338   7.01761   1.000 28.68681 ? 59  MET A O   1 
ATOM   337  C CB  . MET A 1 43  ? 6.91744   2.45668   4.52826   1.000 23.92883 ? 59  MET A CB  1 
ATOM   338  C CG  . MET A 1 43  ? 6.59222   3.29694   5.74955   1.000 27.93007 ? 59  MET A CG  1 
ATOM   339  S SD  . MET A 1 43  ? 7.98066   4.34244   6.26270   1.000 38.16828 ? 59  MET A SD  1 
ATOM   340  C CE  . MET A 1 43  ? 7.78213   5.62341   5.04653   1.000 26.31989 ? 59  MET A CE  1 
ATOM   341  N N   . GLU A 1 44  ? 9.77842   0.68877   5.48850   1.000 32.06078 ? 60  GLU A N   1 
ATOM   342  C CA  . GLU A 1 44  ? 10.87893  0.63516   6.46046   1.000 35.09976 ? 60  GLU A CA  1 
ATOM   343  C C   . GLU A 1 44  ? 10.54216  -0.29132  7.62482   1.000 34.84942 ? 60  GLU A C   1 
ATOM   344  O O   . GLU A 1 44  ? 10.64179  0.08724   8.79267   1.000 36.83285 ? 60  GLU A O   1 
ATOM   345  C CB  . GLU A 1 44  ? 11.22243  2.03346   6.99985   1.000 31.92447 ? 60  GLU A CB  1 
ATOM   346  C CG  . GLU A 1 44  ? 11.77142  3.02230   5.98748   1.000 36.78390 ? 60  GLU A CG  1 
ATOM   347  C CD  . GLU A 1 44  ? 11.84391  4.43995   6.54740   1.000 41.07194 ? 60  GLU A CD  1 
ATOM   348  O OE1 . GLU A 1 44  ? 11.66524  4.60676   7.77108   1.000 42.76394 ? 60  GLU A OE1 1 
ATOM   349  O OE2 . GLU A 1 44  ? 12.06110  5.39098   5.76445   1.000 37.46737 ? 60  GLU A OE2 1 
ATOM   350  N N   . ASP A 1 45  ? 10.07446  -1.49298  7.30467   1.000 29.91222 ? 61  ASP A N   1 
ATOM   351  C CA  . ASP A 1 45  ? 9.72151   -2.50988  8.29394   1.000 36.81280 ? 61  ASP A CA  1 
ATOM   352  C C   . ASP A 1 45  ? 8.47786   -2.19260  9.12311   1.000 35.29303 ? 61  ASP A C   1 
ATOM   353  O O   . ASP A 1 45  ? 8.17147   -2.95306  10.04688  1.000 40.30862 ? 61  ASP A O   1 
ATOM   354  C CB  . ASP A 1 45  ? 10.87295  -2.78413  9.27017   1.000 41.62964 ? 61  ASP A CB  1 
ATOM   355  C CG  . ASP A 1 45  ? 12.17458  -3.06558  8.55518   1.000 46.44252 ? 61  ASP A CG  1 
ATOM   356  O OD1 . ASP A 1 45  ? 12.16930  -3.96028  7.67535   1.000 49.42279 ? 61  ASP A OD1 1 
ATOM   357  O OD2 . ASP A 1 45  ? 13.18569  -2.38652  8.86012   1.000 46.14750 ? 61  ASP A OD2 1 
ATOM   358  N N   . LYS A 1 46  ? 7.76116   -1.10141  8.85318   1.000 31.56934 ? 62  LYS A N   1 
ATOM   359  C CA  . LYS A 1 46  ? 6.51595   -0.81523  9.55919   1.000 28.88398 ? 62  LYS A CA  1 
ATOM   360  C C   . LYS A 1 46  ? 5.36444   -1.41922  8.76755   1.000 24.19664 ? 62  LYS A C   1 
ATOM   361  O O   . LYS A 1 46  ? 5.20649   -1.11115  7.58421   1.000 22.75195 ? 62  LYS A O   1 
ATOM   362  C CB  . LYS A 1 46  ? 6.30053   0.68999   9.73605   1.000 26.47364 ? 62  LYS A CB  1 
ATOM   363  C CG  . LYS A 1 46  ? 7.43307   1.44378   10.41357  1.000 33.21152 ? 62  LYS A CG  1 
ATOM   364  C CD  . LYS A 1 46  ? 6.95546   2.81745   10.83955  1.000 33.14745 ? 62  LYS A CD  1 
ATOM   365  C CE  . LYS A 1 46  ? 8.02622   3.87326   10.65886  1.000 38.14889 ? 62  LYS A CE  1 
ATOM   366  N NZ  . LYS A 1 46  ? 7.74130   5.07291   11.50410  1.000 42.11552 ? 62  LYS A NZ  1 
ATOM   367  N N   . ASN A 1 47  ? 4.57351   -2.27668  9.41132   1.000 23.94874 ? 63  ASN A N   1 
ATOM   368  C CA  . ASN A 1 47  ? 3.38125   -2.83797  8.77443   1.000 24.14454 ? 63  ASN A CA  1 
ATOM   369  C C   . ASN A 1 47  ? 2.30333   -1.75576  8.65244   1.000 24.04915 ? 63  ASN A C   1 
ATOM   370  O O   . ASN A 1 47  ? 1.93199   -1.12283  9.64375   1.000 24.99498 ? 63  ASN A O   1 
ATOM   371  C CB  . ASN A 1 47  ? 2.87086   -4.03131  9.58500   1.000 27.34426 ? 63  ASN A CB  1 
ATOM   372  C CG  . ASN A 1 47  ? 3.79416   -5.25485  9.49231   1.000 35.44489 ? 63  ASN A CG  1 
ATOM   373  O OD1 . ASN A 1 47  ? 4.60418   -5.38440  8.56544   1.000 34.89602 ? 63  ASN A OD1 1 
ATOM   374  N ND2 . ASN A 1 47  ? 3.65961   -6.16292  10.44824  1.000 37.03954 ? 63  ASN A ND2 1 
ATOM   375  N N   . ILE A 1 48  ? 1.81257   -1.50795  7.44774   1.000 22.84436 ? 64  ILE A N   1 
ATOM   376  C CA  . ILE A 1 48  ? 0.79435   -0.49409  7.22576   1.000 22.80191 ? 64  ILE A CA  1 
ATOM   377  C C   . ILE A 1 48  ? -0.55841  -1.12148  6.88693   1.000 23.72424 ? 64  ILE A C   1 
ATOM   378  O O   . ILE A 1 48  ? -1.57284  -0.79441  7.50600   1.000 24.04794 ? 64  ILE A O   1 
ATOM   379  C CB  . ILE A 1 48  ? 1.23086   0.50311   6.13557   1.000 24.71603 ? 64  ILE A CB  1 
ATOM   380  C CG1 . ILE A 1 48  ? 2.62151   1.04819   6.44657   1.000 24.45745 ? 64  ILE A CG1 1 
ATOM   381  C CG2 . ILE A 1 48  ? 0.18902   1.63303   6.01954   1.000 24.33572 ? 64  ILE A CG2 1 
ATOM   382  C CD1 . ILE A 1 48  ? 3.07336   2.14661   5.47909   1.000 21.97928 ? 64  ILE A CD1 1 
ATOM   383  N N   . ILE A 1 49  ? -0.59362  -2.01643  5.90138   1.000 19.44036 ? 65  ILE A N   1 
ATOM   384  C CA  . ILE A 1 49  ? -1.82189  -2.69858  5.50351   1.000 19.62958 ? 65  ILE A CA  1 
ATOM   385  C C   . ILE A 1 49  ? -1.55416  -4.19469  5.44667   1.000 18.11026 ? 65  ILE A C   1 
ATOM   386  O O   . ILE A 1 49  ? -0.56862  -4.63044  4.84037   1.000 19.19092 ? 65  ILE A O   1 
ATOM   387  C CB  . ILE A 1 49  ? -2.34380  -2.22271  4.13170   1.000 18.01912 ? 65  ILE A CB  1 
ATOM   388  C CG1 . ILE A 1 49  ? -2.75396  -0.74544  4.15486   1.000 16.48817 ? 65  ILE A CG1 1 
ATOM   389  C CG2 . ILE A 1 49  ? -3.47685  -3.15922  3.66036   1.000 15.92211 ? 65  ILE A CG2 1 
ATOM   390  C CD1 . ILE A 1 49  ? -3.95636  -0.42208  5.03123   1.000 14.32206 ? 65  ILE A CD1 1 
ATOM   391  N N   . GLN A 1 50  ? -2.43869  -4.98181  6.05036   1.000 16.42304 ? 66  GLN A N   1 
ATOM   392  C CA  . GLN A 1 50  ? -2.39059  -6.43839  5.93287   1.000 22.93830 ? 66  GLN A CA  1 
ATOM   393  C C   . GLN A 1 50  ? -3.80591  -6.91773  5.64122   1.000 20.31294 ? 66  GLN A C   1 
ATOM   394  O O   . GLN A 1 50  ? -4.64868  -6.96837  6.53531   1.000 25.28157 ? 66  GLN A O   1 
ATOM   395  C CB  . GLN A 1 50  ? -1.83205  -7.08273  7.18737   1.000 22.90325 ? 66  GLN A CB  1 
ATOM   396  C CG  . GLN A 1 50  ? -0.36726  -7.34376  7.10310   1.000 27.13097 ? 66  GLN A CG  1 
ATOM   397  C CD  . GLN A 1 50  ? 0.09534   -8.38717  8.09937   1.000 34.52070 ? 66  GLN A CD  1 
ATOM   398  O OE1 . GLN A 1 50  ? -0.70492  -9.15012  8.63645   1.000 29.86627 ? 66  GLN A OE1 1 
ATOM   399  N NE2 . GLN A 1 50  ? 1.39374   -8.40787  8.36722   1.000 38.04785 ? 66  GLN A NE2 1 
ATOM   400  N N   . PHE A 1 51  ? -4.05982  -7.25662  4.38868   1.000 17.28629 ? 67  PHE A N   1 
ATOM   401  C CA  . PHE A 1 51  ? -5.39715  -7.55217  3.89231   1.000 18.58769 ? 67  PHE A CA  1 
ATOM   402  C C   . PHE A 1 51  ? -5.36273  -8.98756  3.38559   1.000 20.02943 ? 67  PHE A C   1 
ATOM   403  O O   . PHE A 1 51  ? -4.71838  -9.28362  2.37486   1.000 21.20253 ? 67  PHE A O   1 
ATOM   404  C CB  . PHE A 1 51  ? -5.77217  -6.55413  2.80280   1.000 11.44215 ? 67  PHE A CB  1 
ATOM   405  C CG  . PHE A 1 51  ? -7.09242  -6.81504  2.11724   1.000 16.86162 ? 67  PHE A CG  1 
ATOM   406  C CD1 . PHE A 1 51  ? -7.16667  -7.63470  0.99530   1.000 13.96076 ? 67  PHE A CD1 1 
ATOM   407  C CD2 . PHE A 1 51  ? -8.24030  -6.15245  2.52751   1.000 16.24327 ? 67  PHE A CD2 1 
ATOM   408  C CE1 . PHE A 1 51  ? -8.36599  -7.83593  0.34781   1.000 16.63536 ? 67  PHE A CE1 1 
ATOM   409  C CE2 . PHE A 1 51  ? -9.45519  -6.35309  1.87073   1.000 20.02848 ? 67  PHE A CE2 1 
ATOM   410  C CZ  . PHE A 1 51  ? -9.51425  -7.18940  0.77257   1.000 18.69240 ? 67  PHE A CZ  1 
ATOM   411  N N   . VAL A 1 52  ? -6.01180  -9.88465  4.10216   1.000 18.65321 ? 68  VAL A N   1 
ATOM   412  C CA  . VAL A 1 52  ? -5.93639  -11.30539 3.80025   1.000 19.95413 ? 68  VAL A CA  1 
ATOM   413  C C   . VAL A 1 52  ? -7.34344  -11.77724 3.44989   1.000 20.91367 ? 68  VAL A C   1 
ATOM   414  O O   . VAL A 1 52  ? -8.21559  -11.86431 4.32835   1.000 25.63974 ? 68  VAL A O   1 
ATOM   415  C CB  . VAL A 1 52  ? -5.35947  -12.09434 4.97471   1.000 25.93959 ? 68  VAL A CB  1 
ATOM   416  C CG1 . VAL A 1 52  ? -5.44506  -13.60498 4.68878   1.000 29.06891 ? 68  VAL A CG1 1 
ATOM   417  C CG2 . VAL A 1 52  ? -3.94171  -11.61185 5.27627   1.000 18.05398 ? 68  VAL A CG2 1 
ATOM   418  N N   . HIS A 1 53  ? -7.57726  -12.04881 2.16527   1.000 20.33288 ? 69  HIS A N   1 
ATOM   419  C CA  . HIS A 1 53  ? -8.87778  -12.53722 1.69959   1.000 25.23496 ? 69  HIS A CA  1 
ATOM   420  C C   . HIS A 1 53  ? -10.02949 -11.65920 2.19370   1.000 26.76509 ? 69  HIS A C   1 
ATOM   421  O O   . HIS A 1 53  ? -11.15903 -12.12658 2.36572   1.000 28.12156 ? 69  HIS A O   1 
ATOM   422  C CB  . HIS A 1 53  ? -9.10706  -13.98735 2.12574   1.000 25.84386 ? 69  HIS A CB  1 
ATOM   423  C CG  . HIS A 1 53  ? -7.97349  -14.90563 1.79855   1.000 26.61302 ? 69  HIS A CG  1 
ATOM   424  N ND1 . HIS A 1 53  ? -7.34372  -14.90628 0.57060   1.000 29.41769 ? 69  HIS A ND1 1 
ATOM   425  C CD2 . HIS A 1 53  ? -7.37135  -15.87174 2.53044   1.000 27.00053 ? 69  HIS A CD2 1 
ATOM   426  C CE1 . HIS A 1 53  ? -6.39081  -15.82079 0.56688   1.000 25.63795 ? 69  HIS A CE1 1 
ATOM   427  N NE2 . HIS A 1 53  ? -6.38789  -16.42239 1.74218   1.000 27.99977 ? 69  HIS A NE2 1 
ATOM   428  N N   . GLY A 1 54  ? -9.75462  -10.37763 2.42734   1.000 22.76515 ? 70  GLY A N   1 
ATOM   429  C CA  . GLY A 1 54  ? -10.73754 -9.46869  2.96510   1.000 21.35159 ? 70  GLY A CA  1 
ATOM   430  C C   . GLY A 1 54  ? -10.60022 -9.19356  4.44161   1.000 24.40048 ? 70  GLY A C   1 
ATOM   431  O O   . GLY A 1 54  ? -11.28761 -8.29744  4.94975   1.000 21.88190 ? 70  GLY A O   1 
ATOM   432  N N   . GLU A 1 55  ? -9.73224  -9.93194  5.14098   1.000 23.17210 ? 71  GLU A N   1 
ATOM   433  C CA  . GLU A 1 55  ? -9.54570  -9.78775  6.57469   1.000 22.86409 ? 71  GLU A CA  1 
ATOM   434  C C   . GLU A 1 55  ? -8.46311  -8.77178  6.88579   1.000 23.48328 ? 71  GLU A C   1 
ATOM   435  O O   . GLU A 1 55  ? -7.38898  -8.78333  6.27519   1.000 16.62492 ? 71  GLU A O   1 
ATOM   436  C CB  . GLU A 1 55  ? -9.16829  -11.12415 7.22811   1.000 25.38139 ? 71  GLU A CB  1 
ATOM   437  C CG  . GLU A 1 55  ? -10.24803 -12.20983 7.11440   1.000 30.99377 ? 71  GLU A CG  1 
ATOM   438  C CD  . GLU A 1 55  ? -9.69138  -13.62766 7.20496   1.000 38.19727 ? 71  GLU A CD  1 
ATOM   439  O OE1 . GLU A 1 55  ? -8.62690  -13.81286 7.82934   1.000 45.50033 ? 71  GLU A OE1 1 
ATOM   440  O OE2 . GLU A 1 55  ? -10.31262 -14.55168 6.62980   1.000 44.91832 ? 71  GLU A OE2 1 
ATOM   441  N N   . GLU A 1 56  ? -8.74170  -7.93660  7.88845   1.000 20.25832 ? 72  GLU A N   1 
ATOM   442  C CA  . GLU A 1 56  ? -7.81889  -6.93308  8.39074   1.000 21.49675 ? 72  GLU A CA  1 
ATOM   443  C C   . GLU A 1 56  ? -7.97110  -6.83353  9.90061   1.000 22.56070 ? 72  GLU A C   1 
ATOM   444  O O   . GLU A 1 56  ? -8.97618  -7.24956  10.47843  1.000 21.78259 ? 72  GLU A O   1 
ATOM   445  C CB  . GLU A 1 56  ? -8.08370  -5.55149  7.77195   1.000 21.84257 ? 72  GLU A CB  1 
ATOM   446  C CG  . GLU A 1 56  ? -7.81768  -5.45082  6.27700   1.000 21.17780 ? 72  GLU A CG  1 
ATOM   447  C CD  . GLU A 1 56  ? -7.92988  -4.01253  5.78756   1.000 27.91353 ? 72  GLU A CD  1 
ATOM   448  O OE1 . GLU A 1 56  ? -6.91569  -3.26964  5.86405   1.000 24.83346 ? 72  GLU A OE1 1 
ATOM   449  O OE2 . GLU A 1 56  ? -9.04435  -3.62360  5.36176   1.000 21.21786 ? 72  GLU A OE2 1 
ATOM   450  N N   . ASP A 1 57  ? -6.97535  -6.23447  10.53571  1.000 22.80894 ? 73  ASP A N   1 
ATOM   451  C CA  . ASP A 1 57  ? -6.90529  -6.23452  11.99055  1.000 25.31548 ? 73  ASP A CA  1 
ATOM   452  C C   . ASP A 1 57  ? -6.15287  -4.97906  12.40546  1.000 27.61979 ? 73  ASP A C   1 
ATOM   453  O O   . ASP A 1 57  ? -4.93146  -4.89694  12.23663  1.000 27.36904 ? 73  ASP A O   1 
ATOM   454  C CB  . ASP A 1 57  ? -6.22510  -7.50582  12.49787  1.000 23.15741 ? 73  ASP A CB  1 
ATOM   455  C CG  . ASP A 1 57  ? -6.08298  -7.54046  14.00629  1.000 28.16541 ? 73  ASP A CG  1 
ATOM   456  O OD1 . ASP A 1 57  ? -6.45338  -6.55553  14.68380  1.000 27.00190 ? 73  ASP A OD1 1 
ATOM   457  O OD2 . ASP A 1 57  ? -5.57511  -8.55725  14.51379  1.000 27.56655 ? 73  ASP A OD2 1 
ATOM   458  N N   . LEU A 1 58  ? -6.89409  -4.01227  12.94813  1.000 27.46993 ? 74  LEU A N   1 
ATOM   459  C CA  . LEU A 1 58  ? -6.30942  -2.74843  13.38344  1.000 27.23938 ? 74  LEU A CA  1 
ATOM   460  C C   . LEU A 1 58  ? -5.04680  -2.93822  14.21554  1.000 29.04830 ? 74  LEU A C   1 
ATOM   461  O O   . LEU A 1 58  ? -4.14935  -2.08888  14.17568  1.000 29.07411 ? 74  LEU A O   1 
ATOM   462  C CB  . LEU A 1 58  ? -7.33666  -1.97098  14.19158  1.000 24.53829 ? 74  LEU A CB  1 
ATOM   463  C CG  . LEU A 1 58  ? -7.44180  -0.49238  13.87167  1.000 30.68316 ? 74  LEU A CG  1 
ATOM   464  C CD1 . LEU A 1 58  ? -7.72606  -0.33203  12.39416  1.000 31.24997 ? 74  LEU A CD1 1 
ATOM   465  C CD2 . LEU A 1 58  ? -8.53943  0.11569   14.72468  1.000 29.03414 ? 74  LEU A CD2 1 
ATOM   466  N N   . LYS A 1 59  ? -4.94496  -4.05391  14.94598  1.000 26.50583 ? 75  LYS A N   1 
ATOM   467  C CA  . LYS A 1 59  ? -3.87797  -4.19580  15.92919  1.000 32.73386 ? 75  LYS A CA  1 
ATOM   468  C C   . LYS A 1 59  ? -2.51580  -4.38473  15.26178  1.000 35.42833 ? 75  LYS A C   1 
ATOM   469  O O   . LYS A 1 59  ? -1.51724  -3.81691  15.72194  1.000 35.44390 ? 75  LYS A O   1 
ATOM   470  C CB  . LYS A 1 59  ? -4.20469  -5.34641  16.89379  1.000 27.28807 ? 75  LYS A CB  1 
ATOM   471  C CG  . LYS A 1 59  ? -5.40533  -5.01984  17.80261  1.000 28.51607 ? 75  LYS A CG  1 
ATOM   472  C CD  . LYS A 1 59  ? -5.76727  -6.11887  18.79033  1.000 25.61908 ? 75  LYS A CD  1 
ATOM   473  C CE  . LYS A 1 59  ? -5.94931  -7.48098  18.13636  1.000 27.80870 ? 75  LYS A CE  1 
ATOM   474  N NZ  . LYS A 1 59  ? -6.97015  -7.59174  17.03595  1.000 25.76549 ? 75  LYS A NZ  1 
ATOM   475  N N   . VAL A 1 60  ? -2.45179  -5.13007  14.15347  1.000 29.46608 ? 76  VAL A N   1 
ATOM   476  C CA  . VAL A 1 60  ? -1.16771  -5.33924  13.48570  1.000 30.36936 ? 76  VAL A CA  1 
ATOM   477  C C   . VAL A 1 60  ? -0.64352  -4.09142  12.78422  1.000 30.50649 ? 76  VAL A C   1 
ATOM   478  O O   . VAL A 1 60  ? 0.50982   -4.08122  12.34358  1.000 32.85249 ? 76  VAL A O   1 
ATOM   479  C CB  . VAL A 1 60  ? -1.23797  -6.47773  12.44761  1.000 29.53478 ? 76  VAL A CB  1 
ATOM   480  C CG1 . VAL A 1 60  ? -2.06143  -7.66417  12.98020  1.000 27.17490 ? 76  VAL A CG1 1 
ATOM   481  C CG2 . VAL A 1 60  ? -1.73073  -5.97309  11.10240  1.000 20.63801 ? 76  VAL A CG2 1 
ATOM   482  N N   . GLN A 1 61  ? -1.45254  -3.04434  12.65480  1.000 28.38966 ? 77  GLN A N   1 
ATOM   483  C CA  . GLN A 1 61  ? -1.03443  -1.84301  11.94062  1.000 32.40164 ? 77  GLN A CA  1 
ATOM   484  C C   . GLN A 1 61  ? -0.10325  -1.02354  12.82789  1.000 32.79356 ? 77  GLN A C   1 
ATOM   485  O O   . GLN A 1 61  ? -0.47745  -0.65923  13.94528  1.000 34.46376 ? 77  GLN A O   1 
ATOM   486  C CB  . GLN A 1 61  ? -2.25740  -1.02332  11.54274  1.000 31.58243 ? 77  GLN A CB  1 
ATOM   487  C CG  . GLN A 1 61  ? -2.00264  0.06806   10.53953  1.000 33.05658 ? 77  GLN A CG  1 
ATOM   488  C CD  . GLN A 1 61  ? -3.30029  0.68246   10.02166  1.000 36.07828 ? 77  GLN A CD  1 
ATOM   489  O OE1 . GLN A 1 61  ? -4.24078  0.89458   10.79015  1.000 37.83212 ? 77  GLN A OE1 1 
ATOM   490  N NE2 . GLN A 1 61  ? -3.34975  0.98391   8.72552   1.000 25.94103 ? 77  GLN A NE2 1 
ATOM   491  N N   . HIS A 1 62  ? 1.10287   -0.73878  12.33799  1.000 26.55675 ? 78  HIS A N   1 
ATOM   492  C CA  . HIS A 1 62  ? 2.06365   0.03962   13.10651  1.000 27.69517 ? 78  HIS A CA  1 
ATOM   493  C C   . HIS A 1 62  ? 1.42496   1.30666   13.66080  1.000 28.56693 ? 78  HIS A C   1 
ATOM   494  O O   . HIS A 1 62  ? 0.61896   1.95453   12.99499  1.000 30.04350 ? 78  HIS A O   1 
ATOM   495  C CB  . HIS A 1 62  ? 3.27242   0.39269   12.23919  1.000 26.55898 ? 78  HIS A CB  1 
ATOM   496  C CG  . HIS A 1 62  ? 4.43312   0.91837   13.02391  1.000 28.46682 ? 78  HIS A CG  1 
ATOM   497  N ND1 . HIS A 1 62  ? 4.55367   2.24671   13.36821  1.000 30.28766 ? 78  HIS A ND1 1 
ATOM   498  C CD2 . HIS A 1 62  ? 5.51038   0.29220   13.55525  1.000 28.11287 ? 78  HIS A CD2 1 
ATOM   499  C CE1 . HIS A 1 62  ? 5.66104   2.41801   14.07048  1.000 31.86173 ? 78  HIS A CE1 1 
ATOM   500  N NE2 . HIS A 1 62  ? 6.25869   1.24846   14.20134  1.000 29.67038 ? 78  HIS A NE2 1 
ATOM   501  N N   . SER A 1 63  ? 1.79103   1.65378   14.89524  1.000 26.74314 ? 79  SER A N   1 
ATOM   502  C CA  . SER A 1 63  ? 1.10721   2.74080   15.59069  1.000 29.38135 ? 79  SER A CA  1 
ATOM   503  C C   . SER A 1 63  ? 1.22210   4.06623   14.84720  1.000 28.55275 ? 79  SER A C   1 
ATOM   504  O O   . SER A 1 63  ? 0.30441   4.88861   14.90973  1.000 31.26307 ? 79  SER A O   1 
ATOM   505  C CB  . SER A 1 63  ? 1.65562   2.89130   17.01612  1.000 30.72078 ? 79  SER A CB  1 
ATOM   506  O OG  . SER A 1 63  ? 2.93291   3.49913   17.02311  1.000 32.96637 ? 79  SER A OG  1 
ATOM   507  N N   . SER A 1 64  ? 2.33241   4.30571   14.14176  1.000 32.09637 ? 80  SER A N   1 
ATOM   508  C CA  . SER A 1 64  ? 2.46535   5.58012   13.44671  1.000 31.20047 ? 80  SER A CA  1 
ATOM   509  C C   . SER A 1 64  ? 1.52845   5.70189   12.25280  1.000 35.55489 ? 80  SER A C   1 
ATOM   510  O O   . SER A 1 64  ? 1.46963   6.77404   11.63869  1.000 37.13570 ? 80  SER A O   1 
ATOM   511  C CB  . SER A 1 64  ? 3.90345   5.79182   12.97978  1.000 35.15057 ? 80  SER A CB  1 
ATOM   512  O OG  . SER A 1 64  ? 4.33145   4.69132   12.21529  1.000 39.27640 ? 80  SER A OG  1 
ATOM   513  N N   . TYR A 1 65  ? 0.79723   4.64494   11.91067  1.000 29.12307 ? 81  TYR A N   1 
ATOM   514  C CA  . TYR A 1 65  ? -0.13170  4.68598   10.79547  1.000 30.02492 ? 81  TYR A CA  1 
ATOM   515  C C   . TYR A 1 65  ? -1.54918  4.30794   11.17863  1.000 26.79097 ? 81  TYR A C   1 
ATOM   516  O O   . TYR A 1 65  ? -2.46410  4.57886   10.39626  1.000 26.82579 ? 81  TYR A O   1 
ATOM   517  C CB  . TYR A 1 65  ? 0.34864   3.76321   9.66260   1.000 28.40235 ? 81  TYR A CB  1 
ATOM   518  C CG  . TYR A 1 65  ? 1.59473   4.26540   8.98507   1.000 30.55590 ? 81  TYR A CG  1 
ATOM   519  C CD1 . TYR A 1 65  ? 1.55624   5.41774   8.21109   1.000 29.14845 ? 81  TYR A CD1 1 
ATOM   520  C CD2 . TYR A 1 65  ? 2.81896   3.60073   9.12232   1.000 31.46747 ? 81  TYR A CD2 1 
ATOM   521  C CE1 . TYR A 1 65  ? 2.69966   5.90566   7.57972   1.000 32.22490 ? 81  TYR A CE1 1 
ATOM   522  C CE2 . TYR A 1 65  ? 3.97311   4.08432   8.49252   1.000 30.84857 ? 81  TYR A CE2 1 
ATOM   523  C CZ  . TYR A 1 65  ? 3.90107   5.24240   7.72636   1.000 30.27973 ? 81  TYR A CZ  1 
ATOM   524  O OH  . TYR A 1 65  ? 5.01014   5.75457   7.08672   1.000 35.26035 ? 81  TYR A OH  1 
ATOM   525  N N   . ARG A 1 66  ? -1.75665  3.68588   12.34146  1.000 27.05875 ? 82  ARG A N   1 
ATOM   526  C CA  . ARG A 1 66  ? -3.10488  3.41045   12.81692  1.000 31.18597 ? 82  ARG A CA  1 
ATOM   527  C C   . ARG A 1 66  ? -3.89512  4.70823   12.86681  1.000 33.74390 ? 82  ARG A C   1 
ATOM   528  O O   . ARG A 1 66  ? -3.37573  5.75474   13.26691  1.000 41.43748 ? 82  ARG A O   1 
ATOM   529  C CB  . ARG A 1 66  ? -3.06494  2.75772   14.20488  1.000 32.96165 ? 82  ARG A CB  1 
ATOM   530  C CG  . ARG A 1 66  ? -3.75187  1.39434   14.27329  1.000 35.62150 ? 82  ARG A CG  1 
ATOM   531  C CD  . ARG A 1 66  ? -3.65920  0.77714   15.67417  1.000 32.46678 ? 82  ARG A CD  1 
ATOM   532  N NE  . ARG A 1 66  ? -2.39365  0.08600   15.88065  1.000 33.47383 ? 82  ARG A NE  1 
ATOM   533  C CZ  . ARG A 1 66  ? -1.57707  0.30994   16.90351  1.000 35.99331 ? 82  ARG A CZ  1 
ATOM   534  N NH1 . ARG A 1 66  ? -1.89248  1.16145   17.86753  1.000 32.36890 ? 82  ARG A NH1 1 
ATOM   535  N NH2 . ARG A 1 66  ? -0.41221  -0.32845  16.95290  1.000 32.46133 ? 82  ARG A NH2 1 
ATOM   536  N N   . GLN A 1 67  ? -5.14387  4.64412   12.41915  1.000 31.29441 ? 83  GLN A N   1 
ATOM   537  C CA  . GLN A 1 67  ? -6.05267  5.78447   12.30776  1.000 33.60208 ? 83  GLN A CA  1 
ATOM   538  C C   . GLN A 1 67  ? -5.67610  6.77147   11.21391  1.000 24.05254 ? 83  GLN A C   1 
ATOM   539  O O   . GLN A 1 67  ? -6.39547  7.74107   11.02750  1.000 33.11410 ? 83  GLN A O   1 
ATOM   540  C CB  . GLN A 1 67  ? -6.18087  6.58003   13.61264  1.000 35.17440 ? 83  GLN A CB  1 
ATOM   541  C CG  . GLN A 1 67  ? -6.77156  5.80754   14.75578  1.000 38.87112 ? 83  GLN A CG  1 
ATOM   542  C CD  . GLN A 1 67  ? -6.18547  6.24684   16.07430  1.000 51.03039 ? 83  GLN A CD  1 
ATOM   543  O OE1 . GLN A 1 67  ? -6.90621  6.72698   16.95531  1.000 54.05583 ? 83  GLN A OE1 1 
ATOM   544  N NE2 . GLN A 1 67  ? -4.86482  6.09735   16.22082  1.000 50.99985 ? 83  GLN A NE2 1 
ATOM   545  N N   . ARG A 1 68  ? -4.56974  6.58261   10.51210  1.000 24.64482 ? 84  ARG A N   1 
ATOM   546  C CA  . ARG A 1 68  ? -4.23675  7.42703   9.36931   1.000 25.42442 ? 84  ARG A CA  1 
ATOM   547  C C   . ARG A 1 68  ? -4.28477  6.69630   8.03564   1.000 23.69640 ? 84  ARG A C   1 
ATOM   548  O O   . ARG A 1 68  ? -4.51990  7.33507   7.00881   1.000 22.72218 ? 84  ARG A O   1 
ATOM   549  C CB  . ARG A 1 68  ? -2.83385  8.02922   9.53370   1.000 24.29616 ? 84  ARG A CB  1 
ATOM   550  C CG  . ARG A 1 68  ? -2.75615  9.12957   10.57402  1.000 34.02828 ? 84  ARG A CG  1 
ATOM   551  C CD  . ARG A 1 68  ? -1.60879  10.08783  10.30656  1.000 27.02240 ? 84  ARG A CD  1 
ATOM   552  N NE  . ARG A 1 68  ? -0.35178  9.36006   10.25933  1.000 29.39554 ? 84  ARG A NE  1 
ATOM   553  C CZ  . ARG A 1 68  ? 0.59974   9.57684   9.36418   1.000 26.79302 ? 84  ARG A CZ  1 
ATOM   554  N NH1 . ARG A 1 68  ? 0.48928   10.53359  8.45799   1.000 22.61199 ? 84  ARG A NH1 1 
ATOM   555  N NH2 . ARG A 1 68  ? 1.68496   8.80963   9.37726   1.000 27.04619 ? 84  ARG A NH2 1 
ATOM   556  N N   . ALA A 1 69  ? -4.07437  5.38232   8.02801   1.000 24.10210 ? 85  ALA A N   1 
ATOM   557  C CA  . ALA A 1 69  ? -3.81530  4.63232   6.80725   1.000 26.65020 ? 85  ALA A CA  1 
ATOM   558  C C   . ALA A 1 69  ? -4.92321  3.61926   6.57117   1.000 22.67724 ? 85  ALA A C   1 
ATOM   559  O O   . ALA A 1 69  ? -5.34187  2.92338   7.50527   1.000 24.41987 ? 85  ALA A O   1 
ATOM   560  C CB  . ALA A 1 69  ? -2.45474  3.92441   6.89112   1.000 21.96111 ? 85  ALA A CB  1 
ATOM   561  N N   . ARG A 1 70  ? -5.39742  3.53601   5.32860   1.000 18.34852 ? 86  ARG A N   1 
ATOM   562  C CA  . ARG A 1 70  ? -6.36878  2.51038   4.98452   1.000 22.65170 ? 86  ARG A CA  1 
ATOM   563  C C   . ARG A 1 70  ? -6.21391  2.12096   3.52500   1.000 21.94199 ? 86  ARG A C   1 
ATOM   564  O O   . ARG A 1 70  ? -5.71280  2.89487   2.70130   1.000 20.43694 ? 86  ARG A O   1 
ATOM   565  C CB  . ARG A 1 70  ? -7.81162  2.95149   5.25757   1.000 20.63419 ? 86  ARG A CB  1 
ATOM   566  C CG  . ARG A 1 70  ? -8.33586  4.02640   4.33433   1.000 21.76473 ? 86  ARG A CG  1 
ATOM   567  C CD  . ARG A 1 70  ? -9.70495  4.52917   4.84531   1.000 25.88809 ? 86  ARG A CD  1 
ATOM   568  N NE  . ARG A 1 70  ? -10.20975 5.65257   4.06912   1.000 30.42077 ? 86  ARG A NE  1 
ATOM   569  C CZ  . ARG A 1 70  ? -11.16305 5.56558   3.15371   1.000 32.91412 ? 86  ARG A CZ  1 
ATOM   570  N NH1 . ARG A 1 70  ? -11.74984 4.40901   2.86860   1.000 35.07042 ? 86  ARG A NH1 1 
ATOM   571  N NH2 . ARG A 1 70  ? -11.54112 6.66423   2.50782   1.000 33.14355 ? 86  ARG A NH2 1 
ATOM   572  N N   . LEU A 1 71  ? -6.62959  0.89214   3.23231   1.000 17.05678 ? 87  LEU A N   1 
ATOM   573  C CA  . LEU A 1 71  ? -6.74426  0.39656   1.87081   1.000 20.02125 ? 87  LEU A CA  1 
ATOM   574  C C   . LEU A 1 71  ? -8.10951  0.78958   1.34149   1.000 21.88205 ? 87  LEU A C   1 
ATOM   575  O O   . LEU A 1 71  ? -9.12729  0.53318   1.99683   1.000 23.29731 ? 87  LEU A O   1 
ATOM   576  C CB  . LEU A 1 71  ? -6.57941  -1.12536  1.83630   1.000 18.31973 ? 87  LEU A CB  1 
ATOM   577  C CG  . LEU A 1 71  ? -6.42776  -1.77134  0.46458   1.000 19.46029 ? 87  LEU A CG  1 
ATOM   578  C CD1 . LEU A 1 71  ? -5.10693  -1.36169  -0.12566  1.000 16.24496 ? 87  LEU A CD1 1 
ATOM   579  C CD2 . LEU A 1 71  ? -6.53506  -3.30502  0.55978   1.000 14.70721 ? 87  LEU A CD2 1 
ATOM   580  N N   . LEU A 1 72  ? -8.13817  1.42479   0.17585   1.000 21.12943 ? 88  LEU A N   1 
ATOM   581  C CA  . LEU A 1 72  ? -9.40787  1.82940   -0.42599  1.000 21.54797 ? 88  LEU A CA  1 
ATOM   582  C C   . LEU A 1 72  ? -10.06023 0.58517   -1.02402  1.000 18.66587 ? 88  LEU A C   1 
ATOM   583  O O   . LEU A 1 72  ? -9.62649  0.07566   -2.05837  1.000 18.57160 ? 88  LEU A O   1 
ATOM   584  C CB  . LEU A 1 72  ? -9.18538  2.93337   -1.45698  1.000 20.16215 ? 88  LEU A CB  1 
ATOM   585  C CG  . LEU A 1 72  ? -8.59880  4.27234   -0.94399  1.000 23.59620 ? 88  LEU A CG  1 
ATOM   586  C CD1 . LEU A 1 72  ? -8.60113  5.35671   -2.02414  1.000 19.86715 ? 88  LEU A CD1 1 
ATOM   587  C CD2 . LEU A 1 72  ? -9.30241  4.78774   0.29755   1.000 20.43287 ? 88  LEU A CD2 1 
ATOM   588  N N   . LYS A 1 73  ? -11.10733 0.08584   -0.35814  1.000 26.21359 ? 89  LYS A N   1 
ATOM   589  C CA  . LYS A 1 73  ? -11.73539 -1.18918  -0.74211  1.000 26.53065 ? 89  LYS A CA  1 
ATOM   590  C C   . LYS A 1 73  ? -12.35667 -1.13210  -2.13333  1.000 26.87790 ? 89  LYS A C   1 
ATOM   591  O O   . LYS A 1 73  ? -12.18430 -2.05603  -2.93822  1.000 30.07841 ? 89  LYS A O   1 
ATOM   592  C CB  . LYS A 1 73  ? -12.81478 -1.57337  0.26315   1.000 22.65245 ? 89  LYS A CB  1 
ATOM   593  C CG  . LYS A 1 73  ? -12.30276 -1.76638  1.64142   1.000 28.37552 ? 89  LYS A CG  1 
ATOM   594  C CD  . LYS A 1 73  ? -11.00308 -2.52073  1.61832   1.000 23.51863 ? 89  LYS A CD  1 
ATOM   595  C CE  . LYS A 1 73  ? -10.54023 -2.64866  3.02337   1.000 21.03483 ? 89  LYS A CE  1 
ATOM   596  N NZ  . LYS A 1 73  ? -10.34890 -1.31550  3.65530   1.000 21.78000 ? 89  LYS A NZ  1 
ATOM   597  N N   . ASP A 1 74  ? -13.11326 -0.06662  -2.42083  1.000 22.89292 ? 90  ASP A N   1 
ATOM   598  C CA  . ASP A 1 74  ? -13.76133 0.08676   -3.72215  1.000 28.78672 ? 90  ASP A CA  1 
ATOM   599  C C   . ASP A 1 74  ? -12.77945 -0.03093  -4.88224  1.000 25.71767 ? 90  ASP A C   1 
ATOM   600  O O   . ASP A 1 74  ? -13.16963 -0.42913  -5.98068  1.000 26.22926 ? 90  ASP A O   1 
ATOM   601  C CB  . ASP A 1 74  ? -14.46212 1.44548   -3.79916  1.000 30.71707 ? 90  ASP A CB  1 
ATOM   602  C CG  . ASP A 1 74  ? -13.51915 2.60403   -3.43437  1.000 36.58905 ? 90  ASP A CG  1 
ATOM   603  O OD1 . ASP A 1 74  ? -13.08055 2.66455   -2.25315  1.000 41.70587 ? 90  ASP A OD1 1 
ATOM   604  O OD2 . ASP A 1 74  ? -13.19737 3.43326   -4.32110  1.000 36.15613 ? 90  ASP A OD2 1 
ATOM   605  N N   . GLN A 1 75  ? -11.51051 0.32715   -4.67400  1.000 23.98126 ? 91  GLN A N   1 
ATOM   606  C CA  . GLN A 1 75  ? -10.55515 0.30974   -5.77843  1.000 23.57141 ? 91  GLN A CA  1 
ATOM   607  C C   . GLN A 1 75  ? -10.08215 -1.09248  -6.13446  1.000 22.63306 ? 91  GLN A C   1 
ATOM   608  O O   . GLN A 1 75  ? -9.57891  -1.29502  -7.24670  1.000 20.76648 ? 91  GLN A O   1 
ATOM   609  C CB  . GLN A 1 75  ? -9.33390  1.17794   -5.45364  1.000 23.41468 ? 91  GLN A CB  1 
ATOM   610  C CG  . GLN A 1 75  ? -9.57242  2.66389   -5.53607  1.000 17.43244 ? 91  GLN A CG  1 
ATOM   611  C CD  . GLN A 1 75  ? -10.04445 3.07485   -6.91239  1.000 26.97948 ? 91  GLN A CD  1 
ATOM   612  O OE1 . GLN A 1 75  ? -9.32151  2.93143   -7.90585  1.000 25.50552 ? 91  GLN A OE1 1 
ATOM   613  N NE2 . GLN A 1 75  ? -11.27697 3.56393   -6.98845  1.000 26.42219 ? 91  GLN A NE2 1 
ATOM   614  N N   . LEU A 1 76  ? -10.22162 -2.06084  -5.22547  1.000 23.25568 ? 92  LEU A N   1 
ATOM   615  C CA  . LEU A 1 76  ? -9.62670  -3.37466  -5.46489  1.000 20.81760 ? 92  LEU A CA  1 
ATOM   616  C C   . LEU A 1 76  ? -10.25954 -4.05481  -6.67246  1.000 29.40034 ? 92  LEU A C   1 
ATOM   617  O O   . LEU A 1 76  ? -9.55131  -4.63713  -7.51358  1.000 25.12082 ? 92  LEU A O   1 
ATOM   618  C CB  . LEU A 1 76  ? -9.76697  -4.24886  -4.22928  1.000 17.66255 ? 92  LEU A CB  1 
ATOM   619  C CG  . LEU A 1 76  ? -8.98872  -3.77689  -2.99874  1.000 21.34765 ? 92  LEU A CG  1 
ATOM   620  C CD1 . LEU A 1 76  ? -9.32214  -4.61920  -1.76457  1.000 18.23005 ? 92  LEU A CD1 1 
ATOM   621  C CD2 . LEU A 1 76  ? -7.50000  -3.80599  -3.29959  1.000 15.87474 ? 92  LEU A CD2 1 
ATOM   622  N N   . SER A 1 77  ? -11.58896 -3.97171  -6.79148  1.000 20.79266 ? 93  SER A N   1 
ATOM   623  C CA  . SER A 1 77  ? -12.26487 -4.64070  -7.89354  1.000 24.06987 ? 93  SER A CA  1 
ATOM   624  C C   . SER A 1 77  ? -11.82591 -4.09221  -9.24769  1.000 25.95476 ? 93  SER A C   1 
ATOM   625  O O   . SER A 1 77  ? -11.98837 -4.77901  -10.26307 1.000 23.02995 ? 93  SER A O   1 
ATOM   626  C CB  . SER A 1 77  ? -13.78182 -4.53660  -7.71448  1.000 28.30318 ? 93  SER A CB  1 
ATOM   627  O OG  . SER A 1 77  ? -14.22471 -3.20709  -7.87934  1.000 33.75896 ? 93  SER A OG  1 
ATOM   628  N N   . LEU A 1 78  ? -11.23626 -2.89272  -9.27758  1.000 23.84778 ? 94  LEU A N   1 
ATOM   629  C CA  . LEU A 1 78  ? -10.61769 -2.34187  -10.47961 1.000 22.99358 ? 94  LEU A CA  1 
ATOM   630  C C   . LEU A 1 78  ? -9.15529  -2.75740  -10.65033 1.000 23.26950 ? 94  LEU A C   1 
ATOM   631  O O   . LEU A 1 78  ? -8.48188  -2.24409  -11.55069 1.000 21.14232 ? 94  LEU A O   1 
ATOM   632  C CB  . LEU A 1 78  ? -10.68001 -0.81352  -10.47249 1.000 23.35490 ? 94  LEU A CB  1 
ATOM   633  C CG  . LEU A 1 78  ? -12.00449 -0.11797  -10.18613 1.000 29.65473 ? 94  LEU A CG  1 
ATOM   634  C CD1 . LEU A 1 78  ? -11.84277 1.34684   -10.52741 1.000 27.92988 ? 94  LEU A CD1 1 
ATOM   635  C CD2 . LEU A 1 78  ? -13.14120 -0.74885  -10.97447 1.000 19.55512 ? 94  LEU A CD2 1 
ATOM   636  N N   . GLY A 1 79  ? -8.64891  -3.65951  -9.81610  1.000 20.48726 ? 95  GLY A N   1 
ATOM   637  C CA  . GLY A 1 79  ? -7.23956  -3.99723  -9.90116  1.000 23.14708 ? 95  GLY A CA  1 
ATOM   638  C C   . GLY A 1 79  ? -6.33120  -2.89496  -9.40422  1.000 20.74232 ? 95  GLY A C   1 
ATOM   639  O O   . GLY A 1 79  ? -5.21492  -2.74805  -9.89709  1.000 21.34804 ? 95  GLY A O   1 
ATOM   640  N N   . ASN A 1 80  ? -6.78781  -2.11373  -8.43411  1.000 22.38608 ? 96  ASN A N   1 
ATOM   641  C CA  . ASN A 1 80  ? -6.03958  -0.97774  -7.91307  1.000 22.24966 ? 96  ASN A CA  1 
ATOM   642  C C   . ASN A 1 80  ? -5.91457  -1.15931  -6.40813  1.000 21.00419 ? 96  ASN A C   1 
ATOM   643  O O   . ASN A 1 80  ? -6.91749  -1.09482  -5.68337  1.000 18.87349 ? 96  ASN A O   1 
ATOM   644  C CB  . ASN A 1 80  ? -6.73712  0.34048   -8.27744  1.000 21.52926 ? 96  ASN A CB  1 
ATOM   645  C CG  . ASN A 1 80  ? -6.00314  1.56442   -7.75342  1.000 22.95938 ? 96  ASN A CG  1 
ATOM   646  O OD1 . ASN A 1 80  ? -4.81892  1.50365   -7.41516  1.000 24.26072 ? 96  ASN A OD1 1 
ATOM   647  N ND2 . ASN A 1 80  ? -6.70867  2.68812   -7.68702  1.000 25.43830 ? 96  ASN A ND2 1 
ATOM   648  N N   . ALA A 1 81  ? -4.68803  -1.40314  -5.94423  1.000 19.14304 ? 97  ALA A N   1 
ATOM   649  C CA  . ALA A 1 81  ? -4.39223  -1.43145  -4.51577  1.000 18.99936 ? 97  ALA A CA  1 
ATOM   650  C C   . ALA A 1 81  ? -3.97482  -0.01698  -4.11772  1.000 20.40459 ? 97  ALA A C   1 
ATOM   651  O O   . ALA A 1 81  ? -2.85631  0.41751   -4.40283  1.000 22.36217 ? 97  ALA A O   1 
ATOM   652  C CB  . ALA A 1 81  ? -3.31407  -2.46432  -4.21524  1.000 18.03990 ? 97  ALA A CB  1 
ATOM   653  N N   . ALA A 1 82  ? -4.87933  0.71452   -3.46727  1.000 18.51717 ? 98  ALA A N   1 
ATOM   654  C CA  . ALA A 1 82  ? -4.72076  2.15146   -3.22243  1.000 21.05739 ? 98  ALA A CA  1 
ATOM   655  C C   . ALA A 1 82  ? -4.58235  2.38905   -1.72043  1.000 19.35710 ? 98  ALA A C   1 
ATOM   656  O O   . ALA A 1 82  ? -5.51868  2.13721   -0.95652  1.000 21.31347 ? 98  ALA A O   1 
ATOM   657  C CB  . ALA A 1 82  ? -5.90166  2.93126   -3.80436  1.000 19.12013 ? 98  ALA A CB  1 
ATOM   658  N N   . LEU A 1 83  ? -3.40393  2.82408   -1.29292  1.000 22.08070 ? 99  LEU A N   1 
ATOM   659  C CA  . LEU A 1 83  ? -3.15624  3.14025   0.10876   1.000 19.14443 ? 99  LEU A CA  1 
ATOM   660  C C   . LEU A 1 83  ? -3.40410  4.62791   0.29441   1.000 19.57938 ? 99  LEU A C   1 
ATOM   661  O O   . LEU A 1 83  ? -2.79080  5.45590   -0.38596  1.000 17.71572 ? 99  LEU A O   1 
ATOM   662  C CB  . LEU A 1 83  ? -1.73011  2.77592   0.53086   1.000 16.49892 ? 99  LEU A CB  1 
ATOM   663  C CG  . LEU A 1 83  ? -1.23462  3.28947   1.90400   1.000 19.78501 ? 99  LEU A CG  1 
ATOM   664  C CD1 . LEU A 1 83  ? -2.08179  2.81222   3.09699   1.000 14.76924 ? 99  LEU A CD1 1 
ATOM   665  C CD2 . LEU A 1 83  ? 0.20995   2.90098   2.13013   1.000 14.39048 ? 99  LEU A CD2 1 
ATOM   666  N N   . GLN A 1 84  ? -4.31569  4.96584   1.18245   1.000 17.86769 ? 100 GLN A N   1 
ATOM   667  C CA  . GLN A 1 84  ? -4.56921  6.35189   1.50655   1.000 21.45642 ? 100 GLN A CA  1 
ATOM   668  C C   . GLN A 1 84  ? -4.10600  6.62950   2.92579   1.000 23.10827 ? 100 GLN A C   1 
ATOM   669  O O   . GLN A 1 84  ? -4.46765  5.90376   3.86752   1.000 16.82245 ? 100 GLN A O   1 
ATOM   670  C CB  . GLN A 1 84  ? -6.04435  6.72093   1.35011   1.000 20.96938 ? 100 GLN A CB  1 
ATOM   671  C CG  . GLN A 1 84  ? -6.29645  8.12640   1.81465   1.000 22.24758 ? 100 GLN A CG  1 
ATOM   672  C CD  . GLN A 1 84  ? -7.74123  8.47340   1.83974   1.000 26.42607 ? 100 GLN A CD  1 
ATOM   673  O OE1 . GLN A 1 84  ? -8.41275  8.34367   2.86928   1.000 31.71843 ? 100 GLN A OE1 1 
ATOM   674  N NE2 . GLN A 1 84  ? -8.25191  8.89133   0.69776   1.000 28.85924 ? 100 GLN A NE2 1 
ATOM   675  N N   . ILE A 1 85  ? -3.30647  7.68389   3.07254   1.000 19.91507 ? 101 ILE A N   1 
ATOM   676  C CA  . ILE A 1 85  ? -2.84548  8.14263   4.37115   1.000 20.42877 ? 101 ILE A CA  1 
ATOM   677  C C   . ILE A 1 85  ? -3.30597  9.58234   4.54142   1.000 21.13502 ? 101 ILE A C   1 
ATOM   678  O O   . ILE A 1 85  ? -2.98845  10.44645  3.71215   1.000 20.77187 ? 101 ILE A O   1 
ATOM   679  C CB  . ILE A 1 85  ? -1.32486  8.01441   4.50284   1.000 18.10844 ? 101 ILE A CB  1 
ATOM   680  C CG1 . ILE A 1 85  ? -0.91968  6.56488   4.24510   1.000 16.53093 ? 101 ILE A CG1 1 
ATOM   681  C CG2 . ILE A 1 85  ? -0.87056  8.49063   5.87353   1.000 19.94435 ? 101 ILE A CG2 1 
ATOM   682  C CD1 . ILE A 1 85  ? 0.56041   6.26185   4.52124   1.000 26.73442 ? 101 ILE A CD1 1 
ATOM   683  N N   . THR A 1 86  ? -4.07622  9.83044   5.59292   1.000 21.05737 ? 102 THR A N   1 
ATOM   684  C CA  . THR A 1 86  ? -4.54822  11.17201  5.89885   1.000 23.44327 ? 102 THR A CA  1 
ATOM   685  C C   . THR A 1 86  ? -3.52581  11.91045  6.75822   1.000 22.79576 ? 102 THR A C   1 
ATOM   686  O O   . THR A 1 86  ? -2.78455  11.29777  7.52702   1.000 23.94346 ? 102 THR A O   1 
ATOM   687  C CB  . THR A 1 86  ? -5.90147  11.12538  6.62009   1.000 25.32003 ? 102 THR A CB  1 
ATOM   688  O OG1 . THR A 1 86  ? -5.75509  10.44784  7.87449   1.000 26.96079 ? 102 THR A OG1 1 
ATOM   689  C CG2 . THR A 1 86  ? -6.95669  10.40124  5.76795   1.000 16.58973 ? 102 THR A CG2 1 
ATOM   690  N N   . ASP A 1 87  ? -3.47732  13.23827  6.59100   1.000 26.95547 ? 103 ASP A N   1 
ATOM   691  C CA  . ASP A 1 87  ? -2.70009  14.13365  7.45282   1.000 29.16042 ? 103 ASP A CA  1 
ATOM   692  C C   . ASP A 1 87  ? -1.20274  13.82029  7.35005   1.000 29.52546 ? 103 ASP A C   1 
ATOM   693  O O   . ASP A 1 87  ? -0.54536  13.41874  8.31299   1.000 24.68366 ? 103 ASP A O   1 
ATOM   694  C CB  . ASP A 1 87  ? -3.21382  14.05577  8.89640   1.000 27.58773 ? 103 ASP A CB  1 
ATOM   695  C CG  . ASP A 1 87  ? -2.63279  15.14735  9.79279   1.000 48.90050 ? 103 ASP A CG  1 
ATOM   696  O OD1 . ASP A 1 87  ? -2.57313  16.32718  9.35136   1.000 43.21524 ? 103 ASP A OD1 1 
ATOM   697  O OD2 . ASP A 1 87  ? -2.22072  14.81546  10.93391  1.000 46.92798 ? 103 ASP A OD2 1 
ATOM   698  N N   . VAL A 1 88  ? -0.67612  14.02633  6.13769   1.000 25.41432 ? 104 VAL A N   1 
ATOM   699  C CA  . VAL A 1 88  ? 0.67698   13.60300  5.82175   1.000 24.75927 ? 104 VAL A CA  1 
ATOM   700  C C   . VAL A 1 88  ? 1.67418   14.36880  6.68012   1.000 32.47290 ? 104 VAL A C   1 
ATOM   701  O O   . VAL A 1 88  ? 1.59678   15.59636  6.81322   1.000 30.78321 ? 104 VAL A O   1 
ATOM   702  C CB  . VAL A 1 88  ? 0.95478   13.80538  4.32750   1.000 29.30480 ? 104 VAL A CB  1 
ATOM   703  C CG1 . VAL A 1 88  ? 2.45034   13.71863  4.05956   1.000 27.26004 ? 104 VAL A CG1 1 
ATOM   704  C CG2 . VAL A 1 88  ? 0.18593   12.79188  3.48473   1.000 21.72519 ? 104 VAL A CG2 1 
ATOM   705  N N   . LYS A 1 89  ? 2.61856   13.64242  7.26813   1.000 29.53199 ? 105 LYS A N   1 
ATOM   706  C CA  . LYS A 1 89  ? 3.65768   14.21792  8.10649   1.000 33.10875 ? 105 LYS A CA  1 
ATOM   707  C C   . LYS A 1 89  ? 5.00778   14.13488  7.40402   1.000 36.02104 ? 105 LYS A C   1 
ATOM   708  O O   . LYS A 1 89  ? 5.21639   13.32935  6.48660   1.000 31.79006 ? 105 LYS A O   1 
ATOM   709  C CB  . LYS A 1 89  ? 3.72600   13.49609  9.45960   1.000 34.61768 ? 105 LYS A CB  1 
ATOM   710  C CG  . LYS A 1 89  ? 2.36496   13.10190  10.02682  1.000 36.27227 ? 105 LYS A CG  1 
ATOM   711  C CD  . LYS A 1 89  ? 2.48881   12.41120  11.38337  1.000 39.85363 ? 105 LYS A CD  1 
ATOM   712  C CE  . LYS A 1 89  ? 1.14480   12.39858  12.11606  1.000 46.97816 ? 105 LYS A CE  1 
ATOM   713  N NZ  . LYS A 1 89  ? 0.09970   13.25643  11.44746  1.000 42.27488 ? 105 LYS A NZ  1 
ATOM   714  N N   . LEU A 1 90  ? 5.94024   14.97624  7.85670   1.000 39.00471 ? 106 LEU A N   1 
ATOM   715  C CA  . LEU A 1 90  ? 7.28378   14.93305  7.29446   1.000 35.06034 ? 106 LEU A CA  1 
ATOM   716  C C   . LEU A 1 90  ? 7.90552   13.55279  7.47330   1.000 31.88335 ? 106 LEU A C   1 
ATOM   717  O O   . LEU A 1 90  ? 8.62553   13.07965  6.59105   1.000 31.75062 ? 106 LEU A O   1 
ATOM   718  C CB  . LEU A 1 90  ? 8.16453   16.02214  7.92307   1.000 34.81689 ? 106 LEU A CB  1 
ATOM   719  C CG  . LEU A 1 90  ? 7.71509   17.47160  7.64901   1.000 33.84193 ? 106 LEU A CG  1 
ATOM   720  C CD1 . LEU A 1 90  ? 7.96353   18.36140  8.86015   1.000 45.91825 ? 106 LEU A CD1 1 
ATOM   721  C CD2 . LEU A 1 90  ? 8.33596   18.07936  6.41985   1.000 26.33288 ? 106 LEU A CD2 1 
ATOM   722  N N   . GLN A 1 91  ? 7.60718   12.87339  8.57895   1.000 32.37493 ? 107 GLN A N   1 
ATOM   723  C CA  . GLN A 1 91  ? 8.13015   11.52762  8.79696   1.000 31.53813 ? 107 GLN A CA  1 
ATOM   724  C C   . GLN A 1 91  ? 7.54590   10.48668  7.84287   1.000 35.70166 ? 107 GLN A C   1 
ATOM   725  O O   . GLN A 1 91  ? 7.98477   9.33128   7.88645   1.000 36.20621 ? 107 GLN A O   1 
ATOM   726  C CB  . GLN A 1 91  ? 7.86795   11.07839  10.24173  1.000 35.43931 ? 107 GLN A CB  1 
ATOM   727  C CG  . GLN A 1 91  ? 6.38112   10.83699  10.52921  1.000 46.65763 ? 107 GLN A CG  1 
ATOM   728  C CD  . GLN A 1 91  ? 6.09595   9.58437   11.35891  1.000 50.59321 ? 107 GLN A CD  1 
ATOM   729  O OE1 . GLN A 1 91  ? 6.46996   9.48315   12.53594  1.000 53.56786 ? 107 GLN A OE1 1 
ATOM   730  N NE2 . GLN A 1 91  ? 5.42688   8.60967   10.72752  1.000 44.98775 ? 107 GLN A NE2 1 
ATOM   731  N N   . ASP A 1 92  ? 6.56622   10.84279  7.00328   1.000 28.55518 ? 108 ASP A N   1 
ATOM   732  C CA  . ASP A 1 92  ? 5.99235   9.88665   6.06257   1.000 27.94807 ? 108 ASP A CA  1 
ATOM   733  C C   . ASP A 1 92  ? 6.77977   9.77704   4.76320   1.000 29.60601 ? 108 ASP A C   1 
ATOM   734  O O   . ASP A 1 92  ? 6.52005   8.85462   3.97960   1.000 32.09931 ? 108 ASP A O   1 
ATOM   735  C CB  . ASP A 1 92  ? 4.53535   10.24637  5.72884   1.000 26.81551 ? 108 ASP A CB  1 
ATOM   736  C CG  . ASP A 1 92  ? 3.58696   10.05323  6.91576   1.000 31.55064 ? 108 ASP A CG  1 
ATOM   737  O OD1 . ASP A 1 92  ? 3.85076   9.17768   7.77831   1.000 32.76127 ? 108 ASP A OD1 1 
ATOM   738  O OD2 . ASP A 1 92  ? 2.57840   10.79656  6.98745   1.000 27.14583 ? 108 ASP A OD2 1 
ATOM   739  N N   . ALA A 1 93  ? 7.72443   10.68200  4.50728   1.000 24.94694 ? 109 ALA A N   1 
ATOM   740  C CA  . ALA A 1 93  ? 8.53959   10.58941  3.30469   1.000 25.81997 ? 109 ALA A CA  1 
ATOM   741  C C   . ALA A 1 93  ? 9.45435   9.37570   3.40918   1.000 25.42111 ? 109 ALA A C   1 
ATOM   742  O O   . ALA A 1 93  ? 9.86308   8.98032   4.50288   1.000 25.24027 ? 109 ALA A O   1 
ATOM   743  C CB  . ALA A 1 93  ? 9.35999   11.86649  3.10443   1.000 26.34554 ? 109 ALA A CB  1 
ATOM   744  N N   . GLY A 1 94  ? 9.74126   8.75465   2.26656   1.000 27.28410 ? 110 GLY A N   1 
ATOM   745  C CA  . GLY A 1 94  ? 10.48030  7.50764   2.25749   1.000 22.26052 ? 110 GLY A CA  1 
ATOM   746  C C   . GLY A 1 94  ? 9.89595   6.54403   1.23796   1.000 24.60086 ? 110 GLY A C   1 
ATOM   747  O O   . GLY A 1 94  ? 9.17891   6.95004   0.32255   1.000 23.81422 ? 110 GLY A O   1 
ATOM   748  N N   . VAL A 1 95  ? 10.20013  5.25421   1.40928   1.000 27.64765 ? 111 VAL A N   1 
ATOM   749  C CA  . VAL A 1 95  ? 9.93416   4.22993   0.40102   1.000 24.32673 ? 111 VAL A CA  1 
ATOM   750  C C   . VAL A 1 95  ? 8.88799   3.25867   0.93524   1.000 23.15713 ? 111 VAL A C   1 
ATOM   751  O O   . VAL A 1 95  ? 9.05145   2.68932   2.01944   1.000 22.26919 ? 111 VAL A O   1 
ATOM   752  C CB  . VAL A 1 95  ? 11.22163  3.48535   0.00328   1.000 26.74428 ? 111 VAL A CB  1 
ATOM   753  C CG1 . VAL A 1 95  ? 10.90680  2.33502   -0.92668  1.000 26.53333 ? 111 VAL A CG1 1 
ATOM   754  C CG2 . VAL A 1 95  ? 12.20924  4.44367   -0.65841  1.000 26.75717 ? 111 VAL A CG2 1 
ATOM   755  N N   . TYR A 1 96  ? 7.82887   3.05561   0.16151   1.000 23.47627 ? 112 TYR A N   1 
ATOM   756  C CA  . TYR A 1 96  ? 6.74126   2.14968   0.49881   1.000 23.68761 ? 112 TYR A CA  1 
ATOM   757  C C   . TYR A 1 96  ? 6.79293   0.92784   -0.41016  1.000 22.30309 ? 112 TYR A C   1 
ATOM   758  O O   . TYR A 1 96  ? 7.20929   1.03045   -1.56593  1.000 23.24616 ? 112 TYR A O   1 
ATOM   759  C CB  . TYR A 1 96  ? 5.38759   2.85656   0.34607   1.000 19.37061 ? 112 TYR A CB  1 
ATOM   760  C CG  . TYR A 1 96  ? 5.13685   3.91688   1.39849   1.000 22.95588 ? 112 TYR A CG  1 
ATOM   761  C CD1 . TYR A 1 96  ? 5.85273   5.09852   1.38380   1.000 22.33609 ? 112 TYR A CD1 1 
ATOM   762  C CD2 . TYR A 1 96  ? 4.18018   3.74002   2.40030   1.000 20.92828 ? 112 TYR A CD2 1 
ATOM   763  C CE1 . TYR A 1 96  ? 5.64135   6.06357   2.32213   1.000 22.73626 ? 112 TYR A CE1 1 
ATOM   764  C CE2 . TYR A 1 96  ? 3.96157   4.71944   3.35865   1.000 20.88303 ? 112 TYR A CE2 1 
ATOM   765  C CZ  . TYR A 1 96  ? 4.70102   5.88293   3.30266   1.000 21.65969 ? 112 TYR A CZ  1 
ATOM   766  O OH  . TYR A 1 96  ? 4.52636   6.88631   4.22829   1.000 25.53687 ? 112 TYR A OH  1 
ATOM   767  N N   . ARG A 1 97  ? 6.36632   -0.22628  0.11771   1.000 19.55775 ? 113 ARG A N   1 
ATOM   768  C CA  . ARG A 1 97  ? 6.28681   -1.47080  -0.64238  1.000 21.29534 ? 113 ARG A CA  1 
ATOM   769  C C   . ARG A 1 97  ? 4.85512   -1.98109  -0.65817  1.000 18.31159 ? 113 ARG A C   1 
ATOM   770  O O   . ARG A 1 97  ? 4.25927   -2.21335  0.39682   1.000 14.17922 ? 113 ARG A O   1 
ATOM   771  C CB  . ARG A 1 97  ? 7.20256   -2.54936  -0.05740  1.000 24.79514 ? 113 ARG A CB  1 
ATOM   772  C CG  . ARG A 1 97  ? 8.59665   -2.57230  -0.66430  1.000 37.74412 ? 113 ARG A CG  1 
ATOM   773  C CD  . ARG A 1 97  ? 9.58029   -3.39877  0.17107   1.000 43.04506 ? 113 ARG A CD  1 
ATOM   774  N NE  . ARG A 1 97  ? 10.94182  -2.87748  0.05291   1.000 49.95119 ? 113 ARG A NE  1 
ATOM   775  C CZ  . ARG A 1 97  ? 11.40344  -1.80031  0.68300   1.000 47.29205 ? 113 ARG A CZ  1 
ATOM   776  N NH1 . ARG A 1 97  ? 10.63738  -1.08731  1.50028   1.000 43.89168 ? 113 ARG A NH1 1 
ATOM   777  N NH2 . ARG A 1 97  ? 12.65922  -1.41816  0.47595   1.000 39.23061 ? 113 ARG A NH2 1 
ATOM   778  N N   . CYS A 1 98  ? 4.31563   -2.19068  -1.84750  1.000 15.23018 ? 114 CYS A N   1 
ATOM   779  C CA  . CYS A 1 98  ? 3.08339   -2.94262  -1.99027  1.000 19.46375 ? 114 CYS A CA  1 
ATOM   780  C C   . CYS A 1 98  ? 3.43044   -4.36382  -2.42525  1.000 17.02676 ? 114 CYS A C   1 
ATOM   781  O O   . CYS A 1 98  ? 4.23929   -4.55254  -3.33119  1.000 17.65794 ? 114 CYS A O   1 
ATOM   782  C CB  . CYS A 1 98  ? 2.14679   -2.27175  -2.98875  1.000 17.13045 ? 114 CYS A CB  1 
ATOM   783  S SG  . CYS A 1 98  ? 2.77928   -2.34868  -4.68664  1.000 24.83866 ? 114 CYS A SG  1 
ATOM   784  N N   . MET A 1 99  ? 2.85867   -5.35280  -1.74525  1.000 15.42909 ? 115 MET A N   1 
ATOM   785  C CA  . MET A 1 99  ? 3.06633   -6.76637  -2.05885  1.000 19.69542 ? 115 MET A CA  1 
ATOM   786  C C   . MET A 1 99  ? 1.69261   -7.38777  -2.24720  1.000 17.27938 ? 115 MET A C   1 
ATOM   787  O O   . MET A 1 99  ? 0.86446   -7.33796  -1.33454  1.000 14.00314 ? 115 MET A O   1 
ATOM   788  C CB  . MET A 1 99  ? 3.84888   -7.48011  -0.94348  1.000 18.72053 ? 115 MET A CB  1 
ATOM   789  C CG  . MET A 1 99  ? 5.12369   -6.70478  -0.52155  1.000 26.07952 ? 115 MET A CG  1 
ATOM   790  S SD  . MET A 1 99  ? 6.27868   -7.59599  0.54401   1.000 27.63444 ? 115 MET A SD  1 
ATOM   791  C CE  . MET A 1 99  ? 5.50598   -7.39303  2.13447   1.000 34.23207 ? 115 MET A CE  1 
ATOM   792  N N   . ILE A 1 100 ? 1.44220   -7.94505  -3.43046  1.000 17.77046 ? 116 ILE A N   1 
ATOM   793  C CA  . ILE A 1 100 ? 0.11964   -8.42525  -3.80604  1.000 17.67585 ? 116 ILE A CA  1 
ATOM   794  C C   . ILE A 1 100 ? 0.20053   -9.88559  -4.23880  1.000 20.81398 ? 116 ILE A C   1 
ATOM   795  O O   . ILE A 1 100 ? 1.07302   -10.26968 -5.02527  1.000 19.90199 ? 116 ILE A O   1 
ATOM   796  C CB  . ILE A 1 100 ? -0.50001  -7.55715  -4.91183  1.000 17.17479 ? 116 ILE A CB  1 
ATOM   797  C CG1 . ILE A 1 100 ? -0.58619  -6.09059  -4.43352  1.000 15.39054 ? 116 ILE A CG1 1 
ATOM   798  C CG2 . ILE A 1 100 ? -1.86745  -8.09310  -5.27463  1.000 13.58276 ? 116 ILE A CG2 1 
ATOM   799  C CD1 . ILE A 1 100 ? -1.07115  -5.12669  -5.48058  1.000 13.45014 ? 116 ILE A CD1 1 
ATOM   800  N N   . SER A 1 101 ? -0.71923  -10.69201 -3.72662  1.000 21.29688 ? 117 SER A N   1 
ATOM   801  C CA  . SER A 1 101 ? -0.87036  -12.08344 -4.12098  1.000 22.23686 ? 117 SER A CA  1 
ATOM   802  C C   . SER A 1 101 ? -2.25977  -12.24542 -4.71073  1.000 23.63647 ? 117 SER A C   1 
ATOM   803  O O   . SER A 1 101 ? -3.26050  -11.94659 -4.03880  1.000 21.00165 ? 117 SER A O   1 
ATOM   804  C CB  . SER A 1 101 ? -0.67788  -13.01613 -2.92928  1.000 22.99892 ? 117 SER A CB  1 
ATOM   805  O OG  . SER A 1 101 ? -0.65840  -14.35505 -3.36672  1.000 29.78308 ? 117 SER A OG  1 
ATOM   806  N N   . TYR A 1 102 ? -2.31998  -12.69088 -5.96730  1.000 18.76691 ? 118 TYR A N   1 
ATOM   807  C CA  . TYR A 1 102 ? -3.58941  -12.87866 -6.66223  1.000 22.76002 ? 118 TYR A CA  1 
ATOM   808  C C   . TYR A 1 102 ? -3.40117  -13.77574 -7.88063  1.000 23.43709 ? 118 TYR A C   1 
ATOM   809  O O   . TYR A 1 102 ? -3.35071  -13.28864 -9.01948  1.000 21.65162 ? 118 TYR A O   1 
ATOM   810  C CB  . TYR A 1 102 ? -4.18320  -11.53087 -7.08395  1.000 16.44447 ? 118 TYR A CB  1 
ATOM   811  C CG  . TYR A 1 102 ? -5.61798  -11.62809 -7.52734  1.000 21.59038 ? 118 TYR A CG  1 
ATOM   812  C CD1 . TYR A 1 102 ? -6.60569  -12.04495 -6.64528  1.000 21.28385 ? 118 TYR A CD1 1 
ATOM   813  C CD2 . TYR A 1 102 ? -5.99162  -11.30146 -8.82911  1.000 22.55760 ? 118 TYR A CD2 1 
ATOM   814  C CE1 . TYR A 1 102 ? -7.93002  -12.13215 -7.04062  1.000 22.60147 ? 118 TYR A CE1 1 
ATOM   815  C CE2 . TYR A 1 102 ? -7.31670  -11.38807 -9.23929  1.000 24.77853 ? 118 TYR A CE2 1 
ATOM   816  C CZ  . TYR A 1 102 ? -8.28070  -11.81077 -8.33394  1.000 25.43149 ? 118 TYR A CZ  1 
ATOM   817  O OH  . TYR A 1 102 ? -9.60019  -11.91526 -8.71437  1.000 24.14275 ? 118 TYR A OH  1 
ATOM   818  N N   . GLY A 1 103 ? -3.32022  -15.08682 -7.65812  1.000 25.64452 ? 119 GLY A N   1 
ATOM   819  C CA  . GLY A 1 103 ? -2.95106  -15.98548 -8.73769  1.000 26.91103 ? 119 GLY A CA  1 
ATOM   820  C C   . GLY A 1 103 ? -1.54920  -15.66856 -9.22687  1.000 34.37966 ? 119 GLY A C   1 
ATOM   821  O O   . GLY A 1 103 ? -1.35274  -15.35809 -10.40632 1.000 35.79306 ? 119 GLY A O   1 
ATOM   822  N N   . GLY A 1 104 ? -0.57181  -15.74918 -8.33331  1.000 31.42933 ? 120 GLY A N   1 
ATOM   823  C CA  . GLY A 1 104 ? 0.73225   -15.15655 -8.54676  1.000 29.80215 ? 120 GLY A CA  1 
ATOM   824  C C   . GLY A 1 104 ? 1.01959   -14.06919 -7.52101  1.000 30.31048 ? 120 GLY A C   1 
ATOM   825  O O   . GLY A 1 104 ? 0.15331   -13.63813 -6.76362  1.000 25.58538 ? 120 GLY A O   1 
ATOM   826  N N   . ALA A 1 105 ? 2.28077   -13.63432 -7.50686  1.000 32.00453 ? 121 ALA A N   1 
ATOM   827  C CA  . ALA A 1 105 ? 2.68569   -12.64792 -6.51437  1.000 27.38485 ? 121 ALA A CA  1 
ATOM   828  C C   . ALA A 1 105 ? 3.78790   -11.75185 -7.06224  1.000 23.57861 ? 121 ALA A C   1 
ATOM   829  O O   . ALA A 1 105 ? 4.66025   -12.21052 -7.79832  1.000 21.47841 ? 121 ALA A O   1 
ATOM   830  C CB  . ALA A 1 105 ? 3.14279   -13.32911 -5.21923  1.000 25.66910 ? 121 ALA A CB  1 
ATOM   831  N N   . ASP A 1 106 ? 3.73489   -10.47036 -6.69531  1.000 24.22501 ? 122 ASP A N   1 
ATOM   832  C CA  . ASP A 1 106 ? 4.74271   -9.48527  -7.08021  1.000 19.41136 ? 122 ASP A CA  1 
ATOM   833  C C   . ASP A 1 106 ? 4.67544   -8.33410  -6.09125  1.000 19.21666 ? 122 ASP A C   1 
ATOM   834  O O   . ASP A 1 106 ? 3.85708   -8.32074  -5.16738  1.000 18.25383 ? 122 ASP A O   1 
ATOM   835  C CB  . ASP A 1 106 ? 4.53881   -8.97955  -8.51394  1.000 21.67540 ? 122 ASP A CB  1 
ATOM   836  C CG  . ASP A 1 106 ? 5.79903   -8.30110  -9.10363  1.000 20.14023 ? 122 ASP A CG  1 
ATOM   837  O OD1 . ASP A 1 106 ? 6.92112   -8.43504  -8.55811  1.000 25.01951 ? 122 ASP A OD1 1 
ATOM   838  O OD2 . ASP A 1 106 ? 5.66856   -7.62234  -10.13109 1.000 21.00624 ? 122 ASP A OD2 1 
ATOM   839  N N   . TYR A 1 107 ? 5.54163   -7.35400  -6.30035  1.000 21.51789 ? 123 TYR A N   1 
ATOM   840  C CA  . TYR A 1 107 ? 5.61513   -6.21491  -5.40868  1.000 19.22616 ? 123 TYR A CA  1 
ATOM   841  C C   . TYR A 1 107 ? 6.31819   -5.08137  -6.14493  1.000 27.50601 ? 123 TYR A C   1 
ATOM   842  O O   . TYR A 1 107 ? 7.05676   -5.30877  -7.10683  1.000 24.23961 ? 123 TYR A O   1 
ATOM   843  C CB  . TYR A 1 107 ? 6.32195   -6.60644  -4.10640  1.000 22.51970 ? 123 TYR A CB  1 
ATOM   844  C CG  . TYR A 1 107 ? 7.82650   -6.60305  -4.19175  1.000 26.95077 ? 123 TYR A CG  1 
ATOM   845  C CD1 . TYR A 1 107 ? 8.55118   -5.44556  -3.99181  1.000 33.98206 ? 123 TYR A CD1 1 
ATOM   846  C CD2 . TYR A 1 107 ? 8.51573   -7.76053  -4.52106  1.000 29.57817 ? 123 TYR A CD2 1 
ATOM   847  C CE1 . TYR A 1 107 ? 9.91725   -5.44896  -4.06769  1.000 42.40411 ? 123 TYR A CE1 1 
ATOM   848  C CE2 . TYR A 1 107 ? 9.87351   -7.77166  -4.61637  1.000 33.29005 ? 123 TYR A CE2 1 
ATOM   849  C CZ  . TYR A 1 107 ? 10.57613  -6.61498  -4.38533  1.000 43.98071 ? 123 TYR A CZ  1 
ATOM   850  O OH  . TYR A 1 107 ? 11.94963  -6.62378  -4.46949  1.000 50.84151 ? 123 TYR A OH  1 
ATOM   851  N N   . LYS A 1 108 ? 6.05826   -3.85304  -5.69532  1.000 19.53858 ? 124 LYS A N   1 
ATOM   852  C CA  . LYS A 1 108 ? 6.70645   -2.66947  -6.22794  1.000 22.38459 ? 124 LYS A CA  1 
ATOM   853  C C   . LYS A 1 108 ? 7.07433   -1.75583  -5.06971  1.000 23.80387 ? 124 LYS A C   1 
ATOM   854  O O   . LYS A 1 108 ? 6.48789   -1.81706  -3.98279  1.000 22.09399 ? 124 LYS A O   1 
ATOM   855  C CB  . LYS A 1 108 ? 5.81202   -1.91598  -7.23598  1.000 22.29434 ? 124 LYS A CB  1 
ATOM   856  C CG  . LYS A 1 108 ? 5.73906   -2.55668  -8.64322  1.000 21.35012 ? 124 LYS A CG  1 
ATOM   857  C CD  . LYS A 1 108 ? 7.13168   -2.90909  -9.16095  1.000 25.06153 ? 124 LYS A CD  1 
ATOM   858  C CE  . LYS A 1 108 ? 7.11470   -3.32355  -10.62579 1.000 25.72938 ? 124 LYS A CE  1 
ATOM   859  N NZ  . LYS A 1 108 ? 6.84462   -4.79142  -10.82771 1.000 26.26334 ? 124 LYS A NZ  1 
ATOM   860  N N   . ARG A 1 109 ? 8.07749   -0.92361  -5.30353  1.000 21.32996 ? 125 ARG A N   1 
ATOM   861  C CA  . ARG A 1 109 ? 8.44581   0.11624   -4.35741  1.000 22.56748 ? 125 ARG A CA  1 
ATOM   862  C C   . ARG A 1 109 ? 7.97035   1.46651   -4.86404  1.000 21.22060 ? 125 ARG A C   1 
ATOM   863  O O   . ARG A 1 109 ? 8.11037   1.77553   -6.04827  1.000 22.02116 ? 125 ARG A O   1 
ATOM   864  C CB  . ARG A 1 109 ? 9.95450   0.14833   -4.14397  1.000 27.08682 ? 125 ARG A CB  1 
ATOM   865  C CG  . ARG A 1 109 ? 10.42776  -0.99447  -3.31420  1.000 23.90457 ? 125 ARG A CG  1 
ATOM   866  C CD  . ARG A 1 109 ? 11.91080  -0.96359  -3.17735  1.000 32.02181 ? 125 ARG A CD  1 
ATOM   867  N NE  . ARG A 1 109 ? 12.33148  -2.08815  -2.35887  1.000 34.83385 ? 125 ARG A NE  1 
ATOM   868  C CZ  . ARG A 1 109 ? 12.82928  -3.20904  -2.84988  1.000 40.00081 ? 125 ARG A CZ  1 
ATOM   869  N NH1 . ARG A 1 109 ? 13.06583  -3.34785  -4.14823  1.000 34.44981 ? 125 ARG A NH1 1 
ATOM   870  N NH2 . ARG A 1 109 ? 13.09888  -4.21302  -2.01856  1.000 42.88737 ? 125 ARG A NH2 1 
ATOM   871  N N   . ILE A 1 110 ? 7.40141   2.26323   -3.96467  1.000 22.06098 ? 126 ILE A N   1 
ATOM   872  C CA  . ILE A 1 110 ? 7.02157   3.63391   -4.26940  1.000 23.18697 ? 126 ILE A CA  1 
ATOM   873  C C   . ILE A 1 110 ? 7.76566   4.57531   -3.32749  1.000 23.67072 ? 126 ILE A C   1 
ATOM   874  O O   . ILE A 1 110 ? 7.85078   4.32701   -2.12209  1.000 21.34992 ? 126 ILE A O   1 
ATOM   875  C CB  . ILE A 1 110 ? 5.49932   3.83175   -4.16174  1.000 22.18533 ? 126 ILE A CB  1 
ATOM   876  C CG1 . ILE A 1 110 ? 4.78859   2.96924   -5.19696  1.000 20.63231 ? 126 ILE A CG1 1 
ATOM   877  C CG2 . ILE A 1 110 ? 5.14186   5.27831   -4.37235  1.000 23.63358 ? 126 ILE A CG2 1 
ATOM   878  C CD1 . ILE A 1 110 ? 3.29009   3.06335   -5.09737  1.000 20.10651 ? 126 ILE A CD1 1 
ATOM   879  N N   . THR A 1 111 ? 8.30835   5.65290   -3.88381  1.000 25.45366 ? 127 THR A N   1 
ATOM   880  C CA  . THR A 1 111 ? 9.01323   6.66317   -3.11123  1.000 28.73380 ? 127 THR A CA  1 
ATOM   881  C C   . THR A 1 111 ? 8.10815   7.87358   -2.93708  1.000 23.73083 ? 127 THR A C   1 
ATOM   882  O O   . THR A 1 111 ? 7.52555   8.36104   -3.90781  1.000 23.58907 ? 127 THR A O   1 
ATOM   883  C CB  . THR A 1 111 ? 10.31837  7.05523   -3.80697  1.000 27.92881 ? 127 THR A CB  1 
ATOM   884  O OG1 . THR A 1 111 ? 11.28182  6.00999   -3.60317  1.000 26.70894 ? 127 THR A OG1 1 
ATOM   885  C CG2 . THR A 1 111 ? 10.86016  8.35056   -3.22815  1.000 26.75918 ? 127 THR A CG2 1 
ATOM   886  N N   . VAL A 1 112 ? 7.96157   8.32981   -1.70035  1.000 22.29588 ? 128 VAL A N   1 
ATOM   887  C CA  . VAL A 1 112 ? 7.12441   9.48418   -1.39020  1.000 26.04859 ? 128 VAL A CA  1 
ATOM   888  C C   . VAL A 1 112 ? 8.00697   10.61077  -0.84643  1.000 29.36527 ? 128 VAL A C   1 
ATOM   889  O O   . VAL A 1 112 ? 8.75642   10.41188  0.12084   1.000 23.70412 ? 128 VAL A O   1 
ATOM   890  C CB  . VAL A 1 112 ? 6.00935   9.11590   -0.39185  1.000 27.48224 ? 128 VAL A CB  1 
ATOM   891  C CG1 . VAL A 1 112 ? 5.41175   10.35888  0.24620   1.000 24.70584 ? 128 VAL A CG1 1 
ATOM   892  C CG2 . VAL A 1 112 ? 4.92511   8.29947   -1.09237  1.000 25.98199 ? 128 VAL A CG2 1 
ATOM   893  N N   . LYS A 1 113 ? 7.91724   11.78633  -1.47826  1.000 30.74877 ? 129 LYS A N   1 
ATOM   894  C CA  . LYS A 1 113 ? 8.52650   13.01889  -0.97979  1.000 28.86604 ? 129 LYS A CA  1 
ATOM   895  C C   . LYS A 1 113 ? 7.45876   13.93038  -0.38723  1.000 27.73690 ? 129 LYS A C   1 
ATOM   896  O O   . LYS A 1 113 ? 6.43890   14.20005  -1.03396  1.000 27.45057 ? 129 LYS A O   1 
ATOM   897  C CB  . LYS A 1 113 ? 9.25259   13.76070  -2.10237  1.000 28.33712 ? 129 LYS A CB  1 
ATOM   898  C CG  . LYS A 1 113 ? 10.44852  13.01818  -2.66555  1.000 42.20356 ? 129 LYS A CG  1 
ATOM   899  C CD  . LYS A 1 113 ? 11.61221  13.01996  -1.66432  1.000 41.84308 ? 129 LYS A CD  1 
ATOM   900  C CE  . LYS A 1 113 ? 12.95339  12.95703  -2.38683  1.000 44.19943 ? 129 LYS A CE  1 
ATOM   901  N NZ  . LYS A 1 113 ? 13.71108  11.71663  -2.07870  1.000 40.67729 ? 129 LYS A NZ  1 
ATOM   902  N N   . VAL A 1 114 ? 7.70189   14.43216  0.82031   1.000 27.69534 ? 130 VAL A N   1 
ATOM   903  C CA  . VAL A 1 114 ? 6.78241   15.36453  1.47728   1.000 34.31563 ? 130 VAL A CA  1 
ATOM   904  C C   . VAL A 1 114 ? 7.30733   16.79204  1.35634   1.000 34.94662 ? 130 VAL A C   1 
ATOM   905  O O   . VAL A 1 114 ? 8.34625   17.12734  1.93281   1.000 34.96130 ? 130 VAL A O   1 
ATOM   906  C CB  . VAL A 1 114 ? 6.58007   15.01570  2.95407   1.000 30.37991 ? 130 VAL A CB  1 
ATOM   907  C CG1 . VAL A 1 114 ? 5.70353   16.08551  3.59173   1.000 28.39150 ? 130 VAL A CG1 1 
ATOM   908  C CG2 . VAL A 1 114 ? 5.97970   13.62287  3.08934   1.000 27.91838 ? 130 VAL A CG2 1 
ATOM   909  N N   . ASN A 1 115 ? 6.56722   17.65147  0.66373   1.000 32.25070 ? 131 ASN A N   1 
ATOM   910  C CA  . ASN A 1 115 ? 6.92266   19.05492  0.57231   1.000 30.01197 ? 131 ASN A CA  1 
ATOM   911  C C   . ASN A 1 115 ? 5.87850   19.92517  1.27495   1.000 34.33957 ? 131 ASN A C   1 
ATOM   912  O O   . ASN A 1 115 ? 4.76903   19.48556  1.58239   1.000 32.24128 ? 131 ASN A O   1 
ATOM   913  C CB  . ASN A 1 115 ? 7.12289   19.46993  -0.89523  1.000 26.79863 ? 131 ASN A CB  1 
ATOM   914  C CG  . ASN A 1 115 ? 5.82039   19.65016  -1.66486  1.000 37.31336 ? 131 ASN A CG  1 
ATOM   915  O OD1 . ASN A 1 115 ? 4.71859   19.43652  -1.15128  1.000 36.80142 ? 131 ASN A OD1 1 
ATOM   916  N ND2 . ASN A 1 115 ? 5.95080   20.05557  -2.92319  1.000 38.93574 ? 131 ASN A ND2 1 
ATOM   917  N N   . ALA A 1 116 ? 6.25325   21.17771  1.53279   1.000 31.35961 ? 132 ALA A N   1 
ATOM   918  C CA  . ALA A 1 116 ? 5.40630   22.13673  2.24182   1.000 29.62326 ? 132 ALA A CA  1 
ATOM   919  C C   . ALA A 1 116 ? 5.34064   23.42408  1.43249   1.000 30.66966 ? 132 ALA A C   1 
ATOM   920  O O   . ALA A 1 116 ? 6.06565   24.38807  1.71668   1.000 27.64575 ? 132 ALA A O   1 
ATOM   921  C CB  . ALA A 1 116 ? 5.93490   22.39527  3.64886   1.000 24.92439 ? 132 ALA A CB  1 
ATOM   922  N N   . PRO A 1 117 ? 4.50106   23.46788  0.39897   1.000 30.02610 ? 133 PRO A N   1 
ATOM   923  C CA  . PRO A 1 117 ? 4.41461   24.68902  -0.41116  1.000 34.40547 ? 133 PRO A CA  1 
ATOM   924  C C   . PRO A 1 117 ? 4.05658   25.87839  0.46284   1.000 33.86433 ? 133 PRO A C   1 
ATOM   925  O O   . PRO A 1 117 ? 3.24889   25.77219  1.38739   1.000 35.20890 ? 133 PRO A O   1 
ATOM   926  C CB  . PRO A 1 117 ? 3.31753   24.37121  -1.43613  1.000 37.32646 ? 133 PRO A CB  1 
ATOM   927  C CG  . PRO A 1 117 ? 3.30582   22.84941  -1.50964  1.000 41.37391 ? 133 PRO A CG  1 
ATOM   928  C CD  . PRO A 1 117 ? 3.66808   22.37354  -0.13078  1.000 33.79984 ? 133 PRO A CD  1 
ATOM   929  N N   . TYR A 1 118 ? 4.70532   27.00890  0.17374   1.000 39.27676 ? 134 TYR A N   1 
ATOM   930  C CA  . TYR A 1 118 ? 4.63197   28.18028  1.04220   1.000 35.18721 ? 134 TYR A CA  1 
ATOM   931  C C   . TYR A 1 118 ? 3.23166   28.76071  1.10157   1.000 34.91003 ? 134 TYR A C   1 
ATOM   932  O O   . TYR A 1 118 ? 2.85848   29.35883  2.11540   1.000 34.53050 ? 134 TYR A O   1 
ATOM   933  C CB  . TYR A 1 118 ? 5.61117   29.24829  0.55864   1.000 34.08822 ? 134 TYR A CB  1 
ATOM   934  C CG  . TYR A 1 118 ? 5.12446   30.00363  -0.65784  1.000 39.92729 ? 134 TYR A CG  1 
ATOM   935  C CD1 . TYR A 1 118 ? 5.39267   29.53635  -1.94883  1.000 36.79043 ? 134 TYR A CD1 1 
ATOM   936  C CD2 . TYR A 1 118 ? 4.39696   31.18856  -0.52650  1.000 40.98650 ? 134 TYR A CD2 1 
ATOM   937  C CE1 . TYR A 1 118 ? 4.95694   30.23227  -3.07313  1.000 34.82289 ? 134 TYR A CE1 1 
ATOM   938  C CE2 . TYR A 1 118 ? 3.94492   31.88494  -1.64907  1.000 43.10289 ? 134 TYR A CE2 1 
ATOM   939  C CZ  . TYR A 1 118 ? 4.23050   31.40143  -2.91604  1.000 42.15737 ? 134 TYR A CZ  1 
ATOM   940  O OH  . TYR A 1 118 ? 3.79391   32.09650  -4.02280  1.000 44.69054 ? 134 TYR A OH  1 
ATOM   941  N N   . ALA A 1 119 ? 2.45630   28.62362  0.02494   1.000 36.93508 ? 135 ALA A N   1 
ATOM   942  C CA  . ALA A 1 119 ? 1.10230   29.15263  -0.02283  1.000 39.28011 ? 135 ALA A CA  1 
ATOM   943  C C   . ALA A 1 119 ? 0.05663   28.05936  0.10266   1.000 38.82661 ? 135 ALA A C   1 
ATOM   944  O O   . ALA A 1 119 ? -1.10336  28.27848  -0.25818  1.000 43.44189 ? 135 ALA A O   1 
ATOM   945  C CB  . ALA A 1 119 ? 0.88572   29.95686  -1.30665  1.000 37.62013 ? 135 ALA A CB  1 
ATOM   946  N N   . ALA A 1 120 ? 0.44530   26.89061  0.60706   1.000 39.84612 ? 136 ALA A N   1 
ATOM   947  C CA  . ALA A 1 120 ? -0.44990  25.75478  0.77803   1.000 41.12342 ? 136 ALA A CA  1 
ATOM   948  C C   . ALA A 1 120 ? -0.93457  25.70070  2.21619   1.000 43.43365 ? 136 ALA A C   1 
ATOM   949  O O   . ALA A 1 120 ? -0.44975  26.42925  3.08497   1.000 40.90564 ? 136 ALA A O   1 
ATOM   950  C CB  . ALA A 1 120 ? 0.24143   24.44109  0.40330   1.000 34.89125 ? 136 ALA A CB  1 
ATOM   951  N N   . ALA A 1 121 ? -1.88275  24.79449  2.46470   1.000 39.76571 ? 137 ALA A N   1 
ATOM   952  C CA  . ALA A 1 121 ? -2.63148  24.83087  3.71762   1.000 39.69213 ? 137 ALA A CA  1 
ATOM   953  C C   . ALA A 1 121 ? -1.77643  24.37355  4.89336   1.000 42.70072 ? 137 ALA A C   1 
ATOM   954  O O   . ALA A 1 121 ? -1.66617  25.08204  5.90061   1.000 45.17407 ? 137 ALA A O   1 
ATOM   955  C CB  . ALA A 1 121 ? -3.89904  23.98235  3.59604   1.000 38.81067 ? 137 ALA A CB  1 
ATOM   956  N N   . LEU A 1 122 ? -1.16879  23.19349  4.78601   1.000 42.58127 ? 138 LEU A N   1 
ATOM   957  C CA  . LEU A 1 122 ? -0.28561  22.64981  5.83032   1.000 45.55720 ? 138 LEU A CA  1 
ATOM   958  C C   . LEU A 1 122 ? -0.92488  22.65028  7.23576   1.000 45.45241 ? 138 LEU A C   1 
ATOM   959  O O   . LEU A 1 122 ? -2.00713  22.08435  7.45951   1.000 50.23375 ? 138 LEU A O   1 
ATOM   960  C CB  . LEU A 1 122 ? 1.04994   23.42802  5.87150   1.000 43.25149 ? 138 LEU A CB  1 
ATOM   961  C CG  . LEU A 1 122 ? 1.64129   24.08971  4.61395   1.000 38.06484 ? 138 LEU A CG  1 
ATOM   962  C CD1 . LEU A 1 122 ? 2.94677   24.79648  4.94620   1.000 38.65485 ? 138 LEU A CD1 1 
ATOM   963  C CD2 . LEU A 1 122 ? 1.86490   23.09339  3.48596   1.000 38.96478 ? 138 LEU A CD2 1 
ATOM   964  N N   . ASP B 2 7   ? 14.81910  -9.41593  -0.45341  1.000 54.94034 ? 6   ASP B N   1 
ATOM   965  C CA  . ASP B 2 7   ? 14.04648  -8.61805  0.53882   1.000 52.55624 ? 6   ASP B CA  1 
ATOM   966  C C   . ASP B 2 7   ? 13.56783  -9.53175  1.67255   1.000 51.17046 ? 6   ASP B C   1 
ATOM   967  O O   . ASP B 2 7   ? 13.08181  -10.61610 1.37096   1.000 50.95790 ? 6   ASP B O   1 
ATOM   968  C CB  . ASP B 2 7   ? 12.90231  -7.87957  -0.15130  1.000 49.30507 ? 6   ASP B CB  1 
ATOM   969  C CG  . ASP B 2 7   ? 12.49994  -6.57623  0.50991   1.000 59.53049 ? 6   ASP B CG  1 
ATOM   970  O OD1 . ASP B 2 7   ? 11.28145  -6.32439  0.60607   1.000 58.20091 ? 6   ASP B OD1 1 
ATOM   971  O OD2 . ASP B 2 7   ? 13.40502  -5.81518  0.90057   1.000 62.85617 ? 6   ASP B OD2 1 
ATOM   972  N N   . CYS B 2 8   ? 13.73253  -9.10978  2.92700   1.000 52.57355 ? 7   CYS B N   1 
ATOM   973  C CA  . CYS B 2 8   ? 13.23924  -9.89033  4.05196   1.000 50.42335 ? 7   CYS B CA  1 
ATOM   974  C C   . CYS B 2 8   ? 11.72386  -9.78033  4.18183   1.000 42.93953 ? 7   CYS B C   1 
ATOM   975  O O   . CYS B 2 8   ? 11.04139  -10.79194 4.37750   1.000 40.21914 ? 7   CYS B O   1 
ATOM   976  C CB  . CYS B 2 8   ? 13.96458  -9.44999  5.31835   1.000 49.86199 ? 7   CYS B CB  1 
ATOM   977  S SG  . CYS B 2 8   ? 15.72661  -9.92532  5.24840   1.000 73.94748 ? 7   CYS B SG  1 
ATOM   978  N N   . GLN B 2 9   ? 11.18110  -8.56992  4.04349   1.000 41.73362 ? 8   GLN B N   1 
ATOM   979  C CA  . GLN B 2 9   ? 9.73384   -8.39990  3.98840   1.000 40.87995 ? 8   GLN B CA  1 
ATOM   980  C C   . GLN B 2 9   ? 9.12063   -9.23797  2.86569   1.000 41.20323 ? 8   GLN B C   1 
ATOM   981  O O   . GLN B 2 9   ? 8.11494   -9.93122  3.06230   1.000 33.98835 ? 8   GLN B O   1 
ATOM   982  C CB  . GLN B 2 9   ? 9.40921   -6.91876  3.80679   1.000 42.84541 ? 8   GLN B CB  1 
ATOM   983  C CG  . GLN B 2 9   ? 10.05618  -6.02012  4.83909   1.000 44.96689 ? 8   GLN B CG  1 
ATOM   984  C CD  . GLN B 2 9   ? 9.64900   -6.38741  6.26217   1.000 50.46239 ? 8   GLN B CD  1 
ATOM   985  O OE1 . GLN B 2 9   ? 8.45947   -6.57787  6.55210   1.000 45.80866 ? 8   GLN B OE1 1 
ATOM   986  N NE2 . GLN B 2 9   ? 10.63268  -6.46658  7.16260   1.000 50.30903 ? 8   GLN B NE2 1 
ATOM   987  N N   . TRP B 2 10  ? 9.71478   -9.18169  1.67187   1.000 40.38489 ? 9   TRP B N   1 
ATOM   988  C CA  . TRP B 2 10  ? 9.21135   -9.98501  0.56923   1.000 36.02655 ? 9   TRP B CA  1 
ATOM   989  C C   . TRP B 2 10  ? 9.28981   -11.45791 0.91364   1.000 35.98882 ? 9   TRP B C   1 
ATOM   990  O O   . TRP B 2 10  ? 8.35733   -12.22706 0.63159   1.000 35.58120 ? 9   TRP B O   1 
ATOM   991  C CB  . TRP B 2 10  ? 10.00573  -9.67760  -0.70014  1.000 36.63169 ? 9   TRP B CB  1 
ATOM   992  C CG  . TRP B 2 10  ? 9.68649   -10.51527 -1.91503  1.000 33.25693 ? 9   TRP B CG  1 
ATOM   993  C CD1 . TRP B 2 10  ? 10.55868  -11.27848 -2.62055  1.000 33.11026 ? 9   TRP B CD1 1 
ATOM   994  C CD2 . TRP B 2 10  ? 8.42136   -10.62465 -2.59679  1.000 30.85288 ? 9   TRP B CD2 1 
ATOM   995  N NE1 . TRP B 2 10  ? 9.92635   -11.86837 -3.68910  1.000 26.27238 ? 9   TRP B NE1 1 
ATOM   996  C CE2 . TRP B 2 10  ? 8.61151   -11.49102 -3.69038  1.000 26.36794 ? 9   TRP B CE2 1 
ATOM   997  C CE3 . TRP B 2 10  ? 7.14888   -10.08676 -2.37821  1.000 27.79969 ? 9   TRP B CE3 1 
ATOM   998  C CZ2 . TRP B 2 10  ? 7.58415   -11.82381 -4.56650  1.000 23.88954 ? 9   TRP B CZ2 1 
ATOM   999  C CZ3 . TRP B 2 10  ? 6.12560   -10.43370 -3.24216  1.000 21.52836 ? 9   TRP B CZ3 1 
ATOM   1000 C CH2 . TRP B 2 10  ? 6.35160   -11.28361 -4.32373  1.000 25.77139 ? 9   TRP B CH2 1 
ATOM   1001 N N   . ALA B 2 11  ? 10.38654  -11.86167 1.55459   1.000 37.74683 ? 10  ALA B N   1 
ATOM   1002 C CA  . ALA B 2 11  ? 10.56558  -13.26524 1.91396   1.000 44.69435 ? 10  ALA B CA  1 
ATOM   1003 C C   . ALA B 2 11  ? 9.49523   -13.71934 2.90341   1.000 34.70858 ? 10  ALA B C   1 
ATOM   1004 O O   . ALA B 2 11  ? 8.84732   -14.75315 2.70831   1.000 37.46224 ? 10  ALA B O   1 
ATOM   1005 C CB  . ALA B 2 11  ? 11.97275  -13.48120 2.48126   1.000 43.45442 ? 10  ALA B CB  1 
ATOM   1006 N N   . ALA B 2 12  ? 9.28651   -12.94605 3.96827   1.000 35.25604 ? 11  ALA B N   1 
ATOM   1007 C CA  . ALA B 2 12  ? 8.26791   -13.30202 4.95098   1.000 35.80037 ? 11  ALA B CA  1 
ATOM   1008 C C   . ALA B 2 12  ? 6.87978   -13.33990 4.32337   1.000 34.23674 ? 11  ALA B C   1 
ATOM   1009 O O   . ALA B 2 12  ? 6.05531   -14.19278 4.67022   1.000 31.46879 ? 11  ALA B O   1 
ATOM   1010 C CB  . ALA B 2 12  ? 8.31008   -12.31278 6.11386   1.000 39.21075 ? 11  ALA B CB  1 
ATOM   1011 N N   . PHE B 2 13  ? 6.61409   -12.43229 3.37731   1.000 38.35786 ? 12  PHE B N   1 
ATOM   1012 C CA  . PHE B 2 13  ? 5.30318   -12.35844 2.73774   1.000 29.46693 ? 12  PHE B CA  1 
ATOM   1013 C C   . PHE B 2 13  ? 5.00647   -13.61699 1.92878   1.000 25.84815 ? 12  PHE B C   1 
ATOM   1014 O O   . PHE B 2 13  ? 3.87233   -14.10344 1.91815   1.000 25.12686 ? 12  PHE B O   1 
ATOM   1015 C CB  . PHE B 2 13  ? 5.23954   -11.09267 1.86423   1.000 28.16387 ? 12  PHE B CB  1 
ATOM   1016 C CG  . PHE B 2 13  ? 4.05526   -11.02343 0.92751   1.000 22.38460 ? 12  PHE B CG  1 
ATOM   1017 C CD1 . PHE B 2 13  ? 2.79987   -10.60530 1.38748   1.000 23.53893 ? 12  PHE B CD1 1 
ATOM   1018 C CD2 . PHE B 2 13  ? 4.20406   -11.32733 -0.42480  1.000 22.56570 ? 12  PHE B CD2 1 
ATOM   1019 C CE1 . PHE B 2 13  ? 1.69990   -10.52659 0.51267   1.000 23.70153 ? 12  PHE B CE1 1 
ATOM   1020 C CE2 . PHE B 2 13  ? 3.11368   -11.24027 -1.31783  1.000 20.32963 ? 12  PHE B CE2 1 
ATOM   1021 C CZ  . PHE B 2 13  ? 1.85860   -10.84739 -0.85052  1.000 19.78766 ? 12  PHE B CZ  1 
ATOM   1022 N N   . LEU B 2 14  ? 6.00591   -14.16233 1.23946   1.000 27.79163 ? 13  LEU B N   1 
ATOM   1023 C CA  . LEU B 2 14  ? 5.75153   -15.36513 0.44914   1.000 30.00791 ? 13  LEU B CA  1 
ATOM   1024 C C   . LEU B 2 14  ? 5.45741   -16.56557 1.34074   1.000 24.71994 ? 13  LEU B C   1 
ATOM   1025 O O   . LEU B 2 14  ? 4.65759   -17.43592 0.98042   1.000 24.75842 ? 13  LEU B O   1 
ATOM   1026 C CB  . LEU B 2 14  ? 6.94315   -15.66169 -0.45440  1.000 27.09609 ? 13  LEU B CB  1 
ATOM   1027 C CG  . LEU B 2 14  ? 7.19713   -14.64222 -1.54689  1.000 30.09412 ? 13  LEU B CG  1 
ATOM   1028 C CD1 . LEU B 2 14  ? 8.59334   -14.84509 -2.12971  1.000 28.41295 ? 13  LEU B CD1 1 
ATOM   1029 C CD2 . LEU B 2 14  ? 6.11709   -14.77051 -2.62015  1.000 24.36042 ? 13  LEU B CD2 1 
ATOM   1030 N N   . CYS B 2 15  ? 6.11514   -16.63973 2.49753   1.000 27.30255 ? 14  CYS B N   1 
ATOM   1031 C CA  . CYS B 2 15  ? 5.84238   -17.72457 3.43283   1.000 33.83687 ? 14  CYS B CA  1 
ATOM   1032 C C   . CYS B 2 15  ? 4.39434   -17.68084 3.89981   1.000 40.17105 ? 14  CYS B C   1 
ATOM   1033 O O   . CYS B 2 15  ? 3.61961   -18.61850 3.65163   1.000 43.52445 ? 14  CYS B O   1 
ATOM   1034 C CB  . CYS B 2 15  ? 6.80032   -17.64716 4.62103   1.000 38.65461 ? 14  CYS B CB  1 
ATOM   1035 S SG  . CYS B 2 15  ? 6.94910   -19.20352 5.54547   1.000 57.03434 ? 14  CYS B SG  1 
ATOM   1036 N N   . ARG B 2 16  ? 4.00213   -16.57441 4.54979   1.000 37.34549 ? 15  ARG B N   1 
ATOM   1037 C CA  . ARG B 2 16  ? 2.65376   -16.45886 5.10211   1.000 32.91121 ? 15  ARG B CA  1 
ATOM   1038 C C   . ARG B 2 16  ? 1.59446   -16.73822 4.05878   1.000 31.86269 ? 15  ARG B C   1 
ATOM   1039 O O   . ARG B 2 16  ? 0.51932   -17.25257 4.37843   1.000 42.88322 ? 15  ARG B O   1 
ATOM   1040 C CB  . ARG B 2 16  ? 2.45369   -15.06346 5.69313   1.000 37.98479 ? 15  ARG B CB  1 
ATOM   1041 C CG  . ARG B 2 16  ? 3.60397   -14.61478 6.60067   1.000 37.11402 ? 15  ARG B CG  1 
ATOM   1042 C CD  . ARG B 2 16  ? 3.23936   -13.37053 7.42352   1.000 41.94888 ? 15  ARG B CD  1 
ATOM   1043 N NE  . ARG B 2 16  ? 3.57671   -12.14317 6.71188   1.000 47.64777 ? 15  ARG B NE  1 
ATOM   1044 C CZ  . ARG B 2 16  ? 4.70085   -11.45987 6.89410   1.000 47.35970 ? 15  ARG B CZ  1 
ATOM   1045 N NH1 . ARG B 2 16  ? 5.60523   -11.84090 7.78673   1.000 51.76055 ? 15  ARG B NH1 1 
ATOM   1046 N NH2 . ARG B 2 16  ? 4.92220   -10.36637 6.16899   1.000 43.77375 ? 15  ARG B NH2 1 
ATOM   1047 N N   . VAL B 2 17  ? 1.88060   -16.43208 2.80432   1.000 33.65573 ? 16  VAL B N   1 
ATOM   1048 C CA  . VAL B 2 17  ? 0.89618   -16.63578 1.75743   1.000 32.89326 ? 16  VAL B CA  1 
ATOM   1049 C C   . VAL B 2 17  ? 0.95246   -18.04240 1.16930   1.000 36.75994 ? 16  VAL B C   1 
ATOM   1050 O O   . VAL B 2 17  ? -0.08105  -18.58059 0.75915   1.000 36.08146 ? 16  VAL B O   1 
ATOM   1051 C CB  . VAL B 2 17  ? 1.09610   -15.57107 0.67058   1.000 30.88438 ? 16  VAL B CB  1 
ATOM   1052 C CG1 . VAL B 2 17  ? 0.19991   -15.83377 -0.52673  1.000 26.87278 ? 16  VAL B CG1 1 
ATOM   1053 C CG2 . VAL B 2 17  ? 0.82686   -14.19005 1.25347   1.000 32.34128 ? 16  VAL B CG2 1 
ATOM   1054 N N   . TYR B 2 18  ? 2.13620   -18.64693 1.10156   1.000 31.81397 ? 17  TYR B N   1 
ATOM   1055 C CA  . TYR B 2 18  ? 2.28277   -19.90065 0.38303   1.000 33.47262 ? 17  TYR B CA  1 
ATOM   1056 C C   . TYR B 2 18  ? 2.76974   -21.00856 1.31066   1.000 34.92113 ? 17  TYR B C   1 
ATOM   1057 O O   . TYR B 2 18  ? 2.32114   -22.15233 1.19490   1.000 34.88990 ? 17  TYR B O   1 
ATOM   1058 C CB  . TYR B 2 18  ? 3.23612   -19.73252 -0.80594  1.000 30.36833 ? 17  TYR B CB  1 
ATOM   1059 C CG  . TYR B 2 18  ? 2.69020   -18.83275 -1.89991  1.000 31.03150 ? 17  TYR B CG  1 
ATOM   1060 C CD1 . TYR B 2 18  ? 1.63836   -19.24500 -2.70409  1.000 28.99338 ? 17  TYR B CD1 1 
ATOM   1061 C CD2 . TYR B 2 18  ? 3.21644   -17.56436 -2.11218  1.000 26.34955 ? 17  TYR B CD2 1 
ATOM   1062 C CE1 . TYR B 2 18  ? 1.13409   -18.42875 -3.69200  1.000 29.27672 ? 17  TYR B CE1 1 
ATOM   1063 C CE2 . TYR B 2 18  ? 2.72557   -16.74784 -3.10164  1.000 25.58413 ? 17  TYR B CE2 1 
ATOM   1064 C CZ  . TYR B 2 18  ? 1.68797   -17.17614 -3.88292  1.000 29.76835 ? 17  TYR B CZ  1 
ATOM   1065 O OH  . TYR B 2 18  ? 1.19819   -16.34889 -4.85920  1.000 29.24480 ? 17  TYR B OH  1 
HETATM 1066 N N   . NH2 C 3 .   ? 1.75929   -22.39708 0.04869   1.000 31.49264 ? 101 NH2 B N   1 
HETATM 1067 C CA  . WHL D 4 .   ? 11.64337  -16.40403 5.65558   1.000 42.85785 ? 102 WHL B CA  1 
HETATM 1068 C CB  . WHL D 4 .   ? 12.78910  -15.70970 5.29591   1.000 48.82440 ? 102 WHL B CB  1 
HETATM 1069 N NB  . WHL D 4 .   ? 14.33153  -13.80730 5.49865   1.000 53.45088 ? 102 WHL B NB  1 
HETATM 1070 O OB  . WHL D 4 .   ? 9.94118   -18.62746 5.90786   1.000 54.89506 ? 102 WHL B OB  1 
HETATM 1071 C CG  . WHL D 4 .   ? 9.20498   -17.99233 6.57594   1.000 43.69819 ? 102 WHL B CG  1 
HETATM 1072 C CD  . WHL D 4 .   ? 12.28343  -14.04651 6.91767   1.000 38.33987 ? 102 WHL B CD  1 
HETATM 1073 C CE  . WHL D 4 .   ? 11.13317  -14.74458 7.27499   1.000 45.17762 ? 102 WHL B CE  1 
HETATM 1074 C CH  . WHL D 4 .   ? 7.87349   -18.64680 6.94900   1.000 34.13849 ? 102 WHL B CH  1 
HETATM 1075 C CC  . WHL D 4 .   ? 13.13315  -14.52702 5.93491   1.000 46.95065 ? 102 WHL B CC  1 
HETATM 1076 C CF  . WHL D 4 .   ? 10.80533  -15.94343 6.65785   1.000 40.69426 ? 102 WHL B CF  1 
HETATM 1077 C CJ  . WHL D 4 .   ? 14.76377  -12.52515 6.05150   1.000 48.89337 ? 102 WHL B CJ  1 
HETATM 1078 C CK  . WHL D 4 .   ? 15.99702  -11.80218 5.51362   1.000 32.42377 ? 102 WHL B CK  1 
HETATM 1079 N NA  . WHL D 4 .   ? 9.57040   -16.64833 7.02660   1.000 35.67045 ? 102 WHL B NA  1 
HETATM 1080 O OA  . WHL D 4 .   ? 14.17576  -12.02816 6.94538   1.000 57.97053 ? 102 WHL B OA  1 
HETATM 1081 O O   . HOH E 5 .   ? -10.12621 -11.73867 -11.09828 1.000 28.41136 ? 201 HOH A O   1 
HETATM 1082 O O   . HOH E 5 .   ? -3.64421  -14.56510 -2.37017  1.000 31.01592 ? 202 HOH A O   1 
HETATM 1083 O O   . HOH E 5 .   ? -1.56487  7.36648   -8.14181  1.000 25.75242 ? 203 HOH A O   1 
HETATM 1084 O O   . HOH E 5 .   ? -7.09020  -0.53708  -3.07852  1.000 24.44238 ? 204 HOH A O   1 
HETATM 1085 O O   . HOH E 5 .   ? 8.52628   -6.54942  -9.37125  1.000 31.91830 ? 205 HOH A O   1 
HETATM 1086 O O   . HOH E 5 .   ? 4.84041   -2.57517  12.00420  1.000 28.69147 ? 206 HOH A O   1 
HETATM 1087 O O   . HOH E 5 .   ? -0.34817  16.34705  -1.77718  1.000 33.09439 ? 207 HOH A O   1 
HETATM 1088 O O   . HOH E 5 .   ? -0.24036  -4.37786  -13.61461 1.000 29.63111 ? 208 HOH A O   1 
HETATM 1089 O O   . HOH E 5 .   ? -3.52219  27.00940  6.43683   1.000 33.91517 ? 209 HOH A O   1 
HETATM 1090 O O   . HOH E 5 .   ? 9.74408   -1.57119  -7.38073  1.000 22.92505 ? 210 HOH A O   1 
HETATM 1091 O O   . HOH E 5 .   ? -13.79833 -6.83888  -10.54665 1.000 27.52116 ? 211 HOH A O   1 
HETATM 1092 O O   . HOH E 5 .   ? -7.84707  -0.62197  5.19568   1.000 17.36916 ? 212 HOH A O   1 
HETATM 1093 O O   . HOH E 5 .   ? 8.57641   -10.61128 -8.08541  1.000 32.18198 ? 213 HOH A O   1 
HETATM 1094 O O   . HOH E 5 .   ? 11.48828  2.07623   10.53401  1.000 36.04750 ? 214 HOH A O   1 
HETATM 1095 O O   . HOH E 5 .   ? -5.68493  11.34296  -1.53697  1.000 27.76667 ? 215 HOH A O   1 
HETATM 1096 O O   . HOH E 5 .   ? -11.23919 -5.50083  5.34792   1.000 27.27749 ? 216 HOH A O   1 
HETATM 1097 O O   . HOH E 5 .   ? -3.32565  23.36486  0.30136   1.000 39.18016 ? 217 HOH A O   1 
HETATM 1098 O O   . HOH E 5 .   ? -4.84584  -3.24494  -12.92923 1.000 24.61810 ? 218 HOH A O   1 
HETATM 1099 O O   . HOH E 5 .   ? -7.24530  2.49403   9.71066   1.000 30.05692 ? 219 HOH A O   1 
HETATM 1100 O O   . HOH E 5 .   ? -12.31142 1.63953   1.95068   1.000 27.19056 ? 220 HOH A O   1 
HETATM 1101 O O   . HOH E 5 .   ? -5.27584  -9.80350  8.29244   1.000 24.94325 ? 221 HOH A O   1 
HETATM 1102 O O   . HOH E 5 .   ? 2.91792   -5.81698  6.00003   1.000 35.56397 ? 222 HOH A O   1 
HETATM 1103 O O   . HOH E 5 .   ? 5.74420   -0.56769  -12.88861 1.000 30.71064 ? 223 HOH A O   1 
HETATM 1104 O O   . HOH E 5 .   ? -0.92592  -14.24755 5.43211   1.000 29.51799 ? 224 HOH A O   1 
HETATM 1105 O O   . HOH E 5 .   ? 5.13041   -6.25470  5.04125   1.000 32.01742 ? 225 HOH A O   1 
HETATM 1106 O O   . HOH F 5 .   ? 6.57292   -8.76037  5.31117   1.000 32.09385 ? 201 HOH B O   1 
HETATM 1107 O O   . HOH F 5 .   ? 12.82228  -12.07225 9.63322   1.000 35.82631 ? 202 HOH B O   1 
# 
loop_
_pdbx_poly_seq_scheme.asym_id 
_pdbx_poly_seq_scheme.entity_id 
_pdbx_poly_seq_scheme.seq_id 
_pdbx_poly_seq_scheme.mon_id 
_pdbx_poly_seq_scheme.ndb_seq_num 
_pdbx_poly_seq_scheme.pdb_seq_num 
_pdbx_poly_seq_scheme.auth_seq_num 
_pdbx_poly_seq_scheme.pdb_mon_id 
_pdbx_poly_seq_scheme.auth_mon_id 
_pdbx_poly_seq_scheme.pdb_strand_id 
_pdbx_poly_seq_scheme.pdb_ins_code 
_pdbx_poly_seq_scheme.hetero 
A 1 1   MET 1   17  ?   ?   ?   A . n 
A 1 2   ALA 2   18  18  ALA ALA A . n 
A 1 3   PHE 3   19  19  PHE PHE A . n 
A 1 4   THR 4   20  20  THR THR A . n 
A 1 5   VAL 5   21  21  VAL VAL A . n 
A 1 6   THR 6   22  22  THR THR A . n 
A 1 7   VAL 7   23  23  VAL VAL A . n 
A 1 8   PRO 8   24  24  PRO PRO A . n 
A 1 9   LYS 9   25  25  LYS LYS A . n 
A 1 10  ASP 10  26  26  ASP ASP A . n 
A 1 11  LEU 11  27  27  LEU LEU A . n 
A 1 12  TYR 12  28  28  TYR TYR A . n 
A 1 13  VAL 13  29  29  VAL VAL A . n 
A 1 14  VAL 14  30  30  VAL VAL A . n 
A 1 15  GLU 15  31  31  GLU GLU A . n 
A 1 16  TYR 16  32  32  TYR TYR A . n 
A 1 17  GLY 17  33  33  GLY GLY A . n 
A 1 18  SER 18  34  34  SER SER A . n 
A 1 19  ASN 19  35  35  ASN ASN A . n 
A 1 20  MET 20  36  36  MET MET A . n 
A 1 21  THR 21  37  37  THR THR A . n 
A 1 22  ILE 22  38  38  ILE ILE A . n 
A 1 23  GLU 23  39  39  GLU GLU A . n 
A 1 24  CYS 24  40  40  CYS CYS A . n 
A 1 25  LYS 25  41  41  LYS LYS A . n 
A 1 26  PHE 26  42  42  PHE PHE A . n 
A 1 27  PRO 27  43  43  PRO PRO A . n 
A 1 28  VAL 28  44  44  VAL VAL A . n 
A 1 29  GLU 29  45  45  GLU GLU A . n 
A 1 30  LYS 30  46  46  LYS LYS A . n 
A 1 31  GLN 31  47  47  GLN GLN A . n 
A 1 32  LEU 32  48  48  LEU LEU A . n 
A 1 33  ASP 33  49  49  ASP ASP A . n 
A 1 34  LEU 34  50  50  LEU LEU A . n 
A 1 35  ALA 35  51  51  ALA ALA A . n 
A 1 36  ALA 36  52  52  ALA ALA A . n 
A 1 37  LEU 37  53  53  LEU LEU A . n 
A 1 38  ILE 38  54  54  ILE ILE A . n 
A 1 39  VAL 39  55  55  VAL VAL A . n 
A 1 40  TYR 40  56  56  TYR TYR A . n 
A 1 41  TRP 41  57  57  TRP TRP A . n 
A 1 42  GLU 42  58  58  GLU GLU A . n 
A 1 43  MET 43  59  59  MET MET A . n 
A 1 44  GLU 44  60  60  GLU GLU A . n 
A 1 45  ASP 45  61  61  ASP ASP A . n 
A 1 46  LYS 46  62  62  LYS LYS A . n 
A 1 47  ASN 47  63  63  ASN ASN A . n 
A 1 48  ILE 48  64  64  ILE ILE A . n 
A 1 49  ILE 49  65  65  ILE ILE A . n 
A 1 50  GLN 50  66  66  GLN GLN A . n 
A 1 51  PHE 51  67  67  PHE PHE A . n 
A 1 52  VAL 52  68  68  VAL VAL A . n 
A 1 53  HIS 53  69  69  HIS HIS A . n 
A 1 54  GLY 54  70  70  GLY GLY A . n 
A 1 55  GLU 55  71  71  GLU GLU A . n 
A 1 56  GLU 56  72  72  GLU GLU A . n 
A 1 57  ASP 57  73  73  ASP ASP A . n 
A 1 58  LEU 58  74  74  LEU LEU A . n 
A 1 59  LYS 59  75  75  LYS LYS A . n 
A 1 60  VAL 60  76  76  VAL VAL A . n 
A 1 61  GLN 61  77  77  GLN GLN A . n 
A 1 62  HIS 62  78  78  HIS HIS A . n 
A 1 63  SER 63  79  79  SER SER A . n 
A 1 64  SER 64  80  80  SER SER A . n 
A 1 65  TYR 65  81  81  TYR TYR A . n 
A 1 66  ARG 66  82  82  ARG ARG A . n 
A 1 67  GLN 67  83  83  GLN GLN A . n 
A 1 68  ARG 68  84  84  ARG ARG A . n 
A 1 69  ALA 69  85  85  ALA ALA A . n 
A 1 70  ARG 70  86  86  ARG ARG A . n 
A 1 71  LEU 71  87  87  LEU LEU A . n 
A 1 72  LEU 72  88  88  LEU LEU A . n 
A 1 73  LYS 73  89  89  LYS LYS A . n 
A 1 74  ASP 74  90  90  ASP ASP A . n 
A 1 75  GLN 75  91  91  GLN GLN A . n 
A 1 76  LEU 76  92  92  LEU LEU A . n 
A 1 77  SER 77  93  93  SER SER A . n 
A 1 78  LEU 78  94  94  LEU LEU A . n 
A 1 79  GLY 79  95  95  GLY GLY A . n 
A 1 80  ASN 80  96  96  ASN ASN A . n 
A 1 81  ALA 81  97  97  ALA ALA A . n 
A 1 82  ALA 82  98  98  ALA ALA A . n 
A 1 83  LEU 83  99  99  LEU LEU A . n 
A 1 84  GLN 84  100 100 GLN GLN A . n 
A 1 85  ILE 85  101 101 ILE ILE A . n 
A 1 86  THR 86  102 102 THR THR A . n 
A 1 87  ASP 87  103 103 ASP ASP A . n 
A 1 88  VAL 88  104 104 VAL VAL A . n 
A 1 89  LYS 89  105 105 LYS LYS A . n 
A 1 90  LEU 90  106 106 LEU LEU A . n 
A 1 91  GLN 91  107 107 GLN GLN A . n 
A 1 92  ASP 92  108 108 ASP ASP A . n 
A 1 93  ALA 93  109 109 ALA ALA A . n 
A 1 94  GLY 94  110 110 GLY GLY A . n 
A 1 95  VAL 95  111 111 VAL VAL A . n 
A 1 96  TYR 96  112 112 TYR TYR A . n 
A 1 97  ARG 97  113 113 ARG ARG A . n 
A 1 98  CYS 98  114 114 CYS CYS A . n 
A 1 99  MET 99  115 115 MET MET A . n 
A 1 100 ILE 100 116 116 ILE ILE A . n 
A 1 101 SER 101 117 117 SER SER A . n 
A 1 102 TYR 102 118 118 TYR TYR A . n 
A 1 103 GLY 103 119 119 GLY GLY A . n 
A 1 104 GLY 104 120 120 GLY GLY A . n 
A 1 105 ALA 105 121 121 ALA ALA A . n 
A 1 106 ASP 106 122 122 ASP ASP A . n 
A 1 107 TYR 107 123 123 TYR TYR A . n 
A 1 108 LYS 108 124 124 LYS LYS A . n 
A 1 109 ARG 109 125 125 ARG ARG A . n 
A 1 110 ILE 110 126 126 ILE ILE A . n 
A 1 111 THR 111 127 127 THR THR A . n 
A 1 112 VAL 112 128 128 VAL VAL A . n 
A 1 113 LYS 113 129 129 LYS LYS A . n 
A 1 114 VAL 114 130 130 VAL VAL A . n 
A 1 115 ASN 115 131 131 ASN ASN A . n 
A 1 116 ALA 116 132 132 ALA ALA A . n 
A 1 117 PRO 117 133 133 PRO PRO A . n 
A 1 118 TYR 118 134 134 TYR TYR A . n 
A 1 119 ALA 119 135 135 ALA ALA A . n 
A 1 120 ALA 120 136 136 ALA ALA A . n 
A 1 121 ALA 121 137 137 ALA ALA A . n 
A 1 122 LEU 122 138 138 LEU LEU A . n 
A 1 123 GLU 123 139 ?   ?   ?   A . n 
A 1 124 HIS 124 140 ?   ?   ?   A . n 
A 1 125 HIS 125 141 ?   ?   ?   A . n 
A 1 126 HIS 126 142 ?   ?   ?   A . n 
A 1 127 HIS 127 143 ?   ?   ?   A . n 
A 1 128 HIS 128 144 ?   ?   ?   A . n 
A 1 129 HIS 129 145 ?   ?   ?   A . n 
B 2 1   ACE 1   0   ?   ?   ?   B . n 
B 2 2   ASP 2   1   ?   ?   ?   B . n 
B 2 3   PRO 3   2   ?   ?   ?   B . n 
B 2 4   ALA 4   3   ?   ?   ?   B . n 
B 2 5   ALA 5   4   ?   ?   ?   B . n 
B 2 6   ALA 6   5   ?   ?   ?   B . n 
B 2 7   ASP 7   6   6   ASP ASP B . n 
B 2 8   CYS 8   7   7   CYS CYS B . n 
B 2 9   GLN 9   8   8   GLN GLN B . n 
B 2 10  TRP 10  9   9   TRP TRP B . n 
B 2 11  ALA 11  10  10  ALA ALA B . n 
B 2 12  ALA 12  11  11  ALA ALA B . n 
B 2 13  PHE 13  12  12  PHE PHE B . n 
B 2 14  LEU 14  13  13  LEU LEU B . n 
B 2 15  CYS 15  14  14  CYS CYS B . n 
B 2 16  ARG 16  15  15  ARG ARG B . n 
B 2 17  VAL 17  16  16  VAL VAL B . n 
B 2 18  TYR 18  17  17  TYR TYR B . n 
B 2 19  NH2 19  18  ?   ?   ?   B . n 
# 
_pdbx_contact_author.id                 3 
_pdbx_contact_author.email              jmcgee@fogpharma.com 
_pdbx_contact_author.name_first         John 
_pdbx_contact_author.name_last          McGee 
_pdbx_contact_author.name_mi            H. 
_pdbx_contact_author.role               'principal investigator/group leader' 
_pdbx_contact_author.identifier_ORCID   0000-0002-3440-5247 
# 
loop_
_pdbx_nonpoly_scheme.asym_id 
_pdbx_nonpoly_scheme.entity_id 
_pdbx_nonpoly_scheme.mon_id 
_pdbx_nonpoly_scheme.ndb_seq_num 
_pdbx_nonpoly_scheme.pdb_seq_num 
_pdbx_nonpoly_scheme.auth_seq_num 
_pdbx_nonpoly_scheme.pdb_mon_id 
_pdbx_nonpoly_scheme.auth_mon_id 
_pdbx_nonpoly_scheme.pdb_strand_id 
_pdbx_nonpoly_scheme.pdb_ins_code 
C 3 NH2 1  101 18  NH2 NH2 B . 
D 4 WHL 1  102 101 WHL WHL B . 
E 5 HOH 1  201 34  HOH HOH A . 
E 5 HOH 2  202 83  HOH HOH A . 
E 5 HOH 3  203 57  HOH HOH A . 
E 5 HOH 4  204 36  HOH HOH A . 
E 5 HOH 5  205 14  HOH HOH A . 
E 5 HOH 6  206 37  HOH HOH A . 
E 5 HOH 7  207 20  HOH HOH A . 
E 5 HOH 8  208 38  HOH HOH A . 
E 5 HOH 9  209 3   HOH HOH A . 
E 5 HOH 10 210 1   HOH HOH A . 
E 5 HOH 11 211 42  HOH HOH A . 
E 5 HOH 12 212 8   HOH HOH A . 
E 5 HOH 13 213 15  HOH HOH A . 
E 5 HOH 14 214 85  HOH HOH A . 
E 5 HOH 15 215 17  HOH HOH A . 
E 5 HOH 16 216 53  HOH HOH A . 
E 5 HOH 17 217 49  HOH HOH A . 
E 5 HOH 18 218 12  HOH HOH A . 
E 5 HOH 19 219 54  HOH HOH A . 
E 5 HOH 20 220 10  HOH HOH A . 
E 5 HOH 21 221 7   HOH HOH A . 
E 5 HOH 22 222 24  HOH HOH A . 
E 5 HOH 23 223 23  HOH HOH A . 
E 5 HOH 24 224 4   HOH HOH A . 
E 5 HOH 25 225 72  HOH HOH A . 
F 5 HOH 1  201 19  HOH HOH B . 
F 5 HOH 2  202 31  HOH HOH B . 
# 
_pdbx_struct_assembly.id                   1 
_pdbx_struct_assembly.details              author_and_software_defined_assembly 
_pdbx_struct_assembly.method_details       PISA 
_pdbx_struct_assembly.oligomeric_details   dimeric 
_pdbx_struct_assembly.oligomeric_count     2 
# 
_pdbx_struct_assembly_gen.assembly_id       1 
_pdbx_struct_assembly_gen.oper_expression   1 
_pdbx_struct_assembly_gen.asym_id_list      A,B,C,D,E,F 
# 
loop_
_pdbx_struct_assembly_prop.biol_id 
_pdbx_struct_assembly_prop.type 
_pdbx_struct_assembly_prop.value 
_pdbx_struct_assembly_prop.details 
1 'ABSA (A^2)' 990  ? 
1 MORE         -6   ? 
1 'SSA (A^2)'  7300 ? 
# 
_pdbx_struct_oper_list.id                   1 
_pdbx_struct_oper_list.type                 'identity operation' 
_pdbx_struct_oper_list.name                 1_555 
_pdbx_struct_oper_list.symmetry_operation   x,y,z 
_pdbx_struct_oper_list.matrix[1][1]         1.0000000000 
_pdbx_struct_oper_list.matrix[1][2]         0.0000000000 
_pdbx_struct_oper_list.matrix[1][3]         0.0000000000 
_pdbx_struct_oper_list.vector[1]            0.0000000000 
_pdbx_struct_oper_list.matrix[2][1]         0.0000000000 
_pdbx_struct_oper_list.matrix[2][2]         1.0000000000 
_pdbx_struct_oper_list.matrix[2][3]         0.0000000000 
_pdbx_struct_oper_list.vector[2]            0.0000000000 
_pdbx_struct_oper_list.matrix[3][1]         0.0000000000 
_pdbx_struct_oper_list.matrix[3][2]         0.0000000000 
_pdbx_struct_oper_list.matrix[3][3]         1.0000000000 
_pdbx_struct_oper_list.vector[3]            0.0000000000 
# 
loop_
_pdbx_audit_revision_history.ordinal 
_pdbx_audit_revision_history.data_content_type 
_pdbx_audit_revision_history.major_revision 
_pdbx_audit_revision_history.minor_revision 
_pdbx_audit_revision_history.revision_date 
1 'Structure model' 1 0 2022-12-28 
2 'Structure model' 1 1 2023-10-25 
# 
_pdbx_audit_revision_details.ordinal             1 
_pdbx_audit_revision_details.revision_ordinal    1 
_pdbx_audit_revision_details.data_content_type   'Structure model' 
_pdbx_audit_revision_details.provider            repository 
_pdbx_audit_revision_details.type                'Initial release' 
_pdbx_audit_revision_details.description         ? 
_pdbx_audit_revision_details.details             ? 
# 
loop_
_pdbx_audit_revision_group.ordinal 
_pdbx_audit_revision_group.revision_ordinal 
_pdbx_audit_revision_group.data_content_type 
_pdbx_audit_revision_group.group 
1 2 'Structure model' 'Data collection'        
2 2 'Structure model' 'Refinement description' 
# 
loop_
_pdbx_audit_revision_category.ordinal 
_pdbx_audit_revision_category.revision_ordinal 
_pdbx_audit_revision_category.data_content_type 
_pdbx_audit_revision_category.category 
1 2 'Structure model' chem_comp_atom                
2 2 'Structure model' chem_comp_bond                
3 2 'Structure model' pdbx_initial_refinement_model 
# 
loop_
_space_group_symop.id 
_space_group_symop.operation_xyz 
1 x,y,z               
2 x,-y,-z             
3 -x,y,-z+1/2         
4 -x,-y,z+1/2         
5 x+1/2,y+1/2,z       
6 x+1/2,-y+1/2,-z     
7 -x+1/2,y+1/2,-z+1/2 
8 -x+1/2,-y+1/2,z+1/2 
# 
loop_
_software.citation_id 
_software.classification 
_software.compiler_name 
_software.compiler_version 
_software.contact_author 
_software.contact_author_email 
_software.date 
_software.description 
_software.dependencies 
_software.hardware 
_software.language 
_software.location 
_software.mods 
_software.name 
_software.os 
_software.os_version 
_software.type 
_software.version 
_software.pdbx_ordinal 
? refinement       ? ? ? ? ? ? ? ? ? ? ? PHENIX  ? ? ? 1.18.2_3874 1 
? 'data reduction' ? ? ? ? ? ? ? ? ? ? ? xia2    ? ? ? .           2 
? 'data scaling'   ? ? ? ? ? ? ? ? ? ? ? Aimless ? ? ? .           3 
? phasing          ? ? ? ? ? ? ? ? ? ? ? PHASER  ? ? ? .           4 
# 
_pdbx_entry_details.entry_id                 7UXO 
_pdbx_entry_details.nonpolymer_details       ? 
_pdbx_entry_details.sequence_details         ? 
_pdbx_entry_details.compound_details         ? 
_pdbx_entry_details.source_details           ? 
_pdbx_entry_details.has_ligand_of_interest   N 
# 
_pdbx_validate_close_contact.id               1 
_pdbx_validate_close_contact.PDB_model_num    1 
_pdbx_validate_close_contact.auth_atom_id_1   C 
_pdbx_validate_close_contact.auth_asym_id_1   B 
_pdbx_validate_close_contact.auth_comp_id_1   TYR 
_pdbx_validate_close_contact.auth_seq_id_1    17 
_pdbx_validate_close_contact.PDB_ins_code_1   ? 
_pdbx_validate_close_contact.label_alt_id_1   ? 
_pdbx_validate_close_contact.auth_atom_id_2   N 
_pdbx_validate_close_contact.auth_asym_id_2   B 
_pdbx_validate_close_contact.auth_comp_id_2   NH2 
_pdbx_validate_close_contact.auth_seq_id_2    101 
_pdbx_validate_close_contact.PDB_ins_code_2   ? 
_pdbx_validate_close_contact.label_alt_id_2   ? 
_pdbx_validate_close_contact.dist             2.13 
# 
loop_
_pdbx_validate_torsion.id 
_pdbx_validate_torsion.PDB_model_num 
_pdbx_validate_torsion.auth_comp_id 
_pdbx_validate_torsion.auth_asym_id 
_pdbx_validate_torsion.auth_seq_id 
_pdbx_validate_torsion.PDB_ins_code 
_pdbx_validate_torsion.label_alt_id 
_pdbx_validate_torsion.phi 
_pdbx_validate_torsion.psi 
1 1 GLN A 83  ? ? 70.12   -3.24 
2 1 ASP A 103 ? ? 63.03   63.78 
3 1 TYR A 118 ? ? -162.63 78.69 
# 
loop_
_pdbx_unobs_or_zero_occ_residues.id 
_pdbx_unobs_or_zero_occ_residues.PDB_model_num 
_pdbx_unobs_or_zero_occ_residues.polymer_flag 
_pdbx_unobs_or_zero_occ_residues.occupancy_flag 
_pdbx_unobs_or_zero_occ_residues.auth_asym_id 
_pdbx_unobs_or_zero_occ_residues.auth_comp_id 
_pdbx_unobs_or_zero_occ_residues.auth_seq_id 
_pdbx_unobs_or_zero_occ_residues.PDB_ins_code 
_pdbx_unobs_or_zero_occ_residues.label_asym_id 
_pdbx_unobs_or_zero_occ_residues.label_comp_id 
_pdbx_unobs_or_zero_occ_residues.label_seq_id 
1  1 Y 1 A MET 17  ? A MET 1   
2  1 Y 1 A GLU 139 ? A GLU 123 
3  1 Y 1 A HIS 140 ? A HIS 124 
4  1 Y 1 A HIS 141 ? A HIS 125 
5  1 Y 1 A HIS 142 ? A HIS 126 
6  1 Y 1 A HIS 143 ? A HIS 127 
7  1 Y 1 A HIS 144 ? A HIS 128 
8  1 Y 1 A HIS 145 ? A HIS 129 
9  1 Y 1 B ACE 0   ? B ACE 1   
10 1 Y 1 B ASP 1   ? B ASP 2   
11 1 Y 1 B PRO 2   ? B PRO 3   
12 1 Y 1 B ALA 3   ? B ALA 4   
13 1 Y 1 B ALA 4   ? B ALA 5   
14 1 Y 1 B ALA 5   ? B ALA 6   
15 1 Y 1 B NH2 18  ? B NH2 19  
# 
loop_
_chem_comp_atom.comp_id 
_chem_comp_atom.atom_id 
_chem_comp_atom.type_symbol 
_chem_comp_atom.pdbx_aromatic_flag 
_chem_comp_atom.pdbx_stereo_config 
_chem_comp_atom.pdbx_ordinal 
ACE C    C N N 1   
ACE O    O N N 2   
ACE CH3  C N N 3   
ACE H    H N N 4   
ACE H1   H N N 5   
ACE H2   H N N 6   
ACE H3   H N N 7   
ALA N    N N N 8   
ALA CA   C N S 9   
ALA C    C N N 10  
ALA O    O N N 11  
ALA CB   C N N 12  
ALA OXT  O N N 13  
ALA H    H N N 14  
ALA H2   H N N 15  
ALA HA   H N N 16  
ALA HB1  H N N 17  
ALA HB2  H N N 18  
ALA HB3  H N N 19  
ALA HXT  H N N 20  
ARG N    N N N 21  
ARG CA   C N S 22  
ARG C    C N N 23  
ARG O    O N N 24  
ARG CB   C N N 25  
ARG CG   C N N 26  
ARG CD   C N N 27  
ARG NE   N N N 28  
ARG CZ   C N N 29  
ARG NH1  N N N 30  
ARG NH2  N N N 31  
ARG OXT  O N N 32  
ARG H    H N N 33  
ARG H2   H N N 34  
ARG HA   H N N 35  
ARG HB2  H N N 36  
ARG HB3  H N N 37  
ARG HG2  H N N 38  
ARG HG3  H N N 39  
ARG HD2  H N N 40  
ARG HD3  H N N 41  
ARG HE   H N N 42  
ARG HH11 H N N 43  
ARG HH12 H N N 44  
ARG HH21 H N N 45  
ARG HH22 H N N 46  
ARG HXT  H N N 47  
ASN N    N N N 48  
ASN CA   C N S 49  
ASN C    C N N 50  
ASN O    O N N 51  
ASN CB   C N N 52  
ASN CG   C N N 53  
ASN OD1  O N N 54  
ASN ND2  N N N 55  
ASN OXT  O N N 56  
ASN H    H N N 57  
ASN H2   H N N 58  
ASN HA   H N N 59  
ASN HB2  H N N 60  
ASN HB3  H N N 61  
ASN HD21 H N N 62  
ASN HD22 H N N 63  
ASN HXT  H N N 64  
ASP N    N N N 65  
ASP CA   C N S 66  
ASP C    C N N 67  
ASP O    O N N 68  
ASP CB   C N N 69  
ASP CG   C N N 70  
ASP OD1  O N N 71  
ASP OD2  O N N 72  
ASP OXT  O N N 73  
ASP H    H N N 74  
ASP H2   H N N 75  
ASP HA   H N N 76  
ASP HB2  H N N 77  
ASP HB3  H N N 78  
ASP HD2  H N N 79  
ASP HXT  H N N 80  
CYS N    N N N 81  
CYS CA   C N R 82  
CYS C    C N N 83  
CYS O    O N N 84  
CYS CB   C N N 85  
CYS SG   S N N 86  
CYS OXT  O N N 87  
CYS H    H N N 88  
CYS H2   H N N 89  
CYS HA   H N N 90  
CYS HB2  H N N 91  
CYS HB3  H N N 92  
CYS HG   H N N 93  
CYS HXT  H N N 94  
GLN N    N N N 95  
GLN CA   C N S 96  
GLN C    C N N 97  
GLN O    O N N 98  
GLN CB   C N N 99  
GLN CG   C N N 100 
GLN CD   C N N 101 
GLN OE1  O N N 102 
GLN NE2  N N N 103 
GLN OXT  O N N 104 
GLN H    H N N 105 
GLN H2   H N N 106 
GLN HA   H N N 107 
GLN HB2  H N N 108 
GLN HB3  H N N 109 
GLN HG2  H N N 110 
GLN HG3  H N N 111 
GLN HE21 H N N 112 
GLN HE22 H N N 113 
GLN HXT  H N N 114 
GLU N    N N N 115 
GLU CA   C N S 116 
GLU C    C N N 117 
GLU O    O N N 118 
GLU CB   C N N 119 
GLU CG   C N N 120 
GLU CD   C N N 121 
GLU OE1  O N N 122 
GLU OE2  O N N 123 
GLU OXT  O N N 124 
GLU H    H N N 125 
GLU H2   H N N 126 
GLU HA   H N N 127 
GLU HB2  H N N 128 
GLU HB3  H N N 129 
GLU HG2  H N N 130 
GLU HG3  H N N 131 
GLU HE2  H N N 132 
GLU HXT  H N N 133 
GLY N    N N N 134 
GLY CA   C N N 135 
GLY C    C N N 136 
GLY O    O N N 137 
GLY OXT  O N N 138 
GLY H    H N N 139 
GLY H2   H N N 140 
GLY HA2  H N N 141 
GLY HA3  H N N 142 
GLY HXT  H N N 143 
HIS N    N N N 144 
HIS CA   C N S 145 
HIS C    C N N 146 
HIS O    O N N 147 
HIS CB   C N N 148 
HIS CG   C Y N 149 
HIS ND1  N Y N 150 
HIS CD2  C Y N 151 
HIS CE1  C Y N 152 
HIS NE2  N Y N 153 
HIS OXT  O N N 154 
HIS H    H N N 155 
HIS H2   H N N 156 
HIS HA   H N N 157 
HIS HB2  H N N 158 
HIS HB3  H N N 159 
HIS HD1  H N N 160 
HIS HD2  H N N 161 
HIS HE1  H N N 162 
HIS HE2  H N N 163 
HIS HXT  H N N 164 
HOH O    O N N 165 
HOH H1   H N N 166 
HOH H2   H N N 167 
ILE N    N N N 168 
ILE CA   C N S 169 
ILE C    C N N 170 
ILE O    O N N 171 
ILE CB   C N S 172 
ILE CG1  C N N 173 
ILE CG2  C N N 174 
ILE CD1  C N N 175 
ILE OXT  O N N 176 
ILE H    H N N 177 
ILE H2   H N N 178 
ILE HA   H N N 179 
ILE HB   H N N 180 
ILE HG12 H N N 181 
ILE HG13 H N N 182 
ILE HG21 H N N 183 
ILE HG22 H N N 184 
ILE HG23 H N N 185 
ILE HD11 H N N 186 
ILE HD12 H N N 187 
ILE HD13 H N N 188 
ILE HXT  H N N 189 
LEU N    N N N 190 
LEU CA   C N S 191 
LEU C    C N N 192 
LEU O    O N N 193 
LEU CB   C N N 194 
LEU CG   C N N 195 
LEU CD1  C N N 196 
LEU CD2  C N N 197 
LEU OXT  O N N 198 
LEU H    H N N 199 
LEU H2   H N N 200 
LEU HA   H N N 201 
LEU HB2  H N N 202 
LEU HB3  H N N 203 
LEU HG   H N N 204 
LEU HD11 H N N 205 
LEU HD12 H N N 206 
LEU HD13 H N N 207 
LEU HD21 H N N 208 
LEU HD22 H N N 209 
LEU HD23 H N N 210 
LEU HXT  H N N 211 
LYS N    N N N 212 
LYS CA   C N S 213 
LYS C    C N N 214 
LYS O    O N N 215 
LYS CB   C N N 216 
LYS CG   C N N 217 
LYS CD   C N N 218 
LYS CE   C N N 219 
LYS NZ   N N N 220 
LYS OXT  O N N 221 
LYS H    H N N 222 
LYS H2   H N N 223 
LYS HA   H N N 224 
LYS HB2  H N N 225 
LYS HB3  H N N 226 
LYS HG2  H N N 227 
LYS HG3  H N N 228 
LYS HD2  H N N 229 
LYS HD3  H N N 230 
LYS HE2  H N N 231 
LYS HE3  H N N 232 
LYS HZ1  H N N 233 
LYS HZ2  H N N 234 
LYS HZ3  H N N 235 
LYS HXT  H N N 236 
MET N    N N N 237 
MET CA   C N S 238 
MET C    C N N 239 
MET O    O N N 240 
MET CB   C N N 241 
MET CG   C N N 242 
MET SD   S N N 243 
MET CE   C N N 244 
MET OXT  O N N 245 
MET H    H N N 246 
MET H2   H N N 247 
MET HA   H N N 248 
MET HB2  H N N 249 
MET HB3  H N N 250 
MET HG2  H N N 251 
MET HG3  H N N 252 
MET HE1  H N N 253 
MET HE2  H N N 254 
MET HE3  H N N 255 
MET HXT  H N N 256 
NH2 N    N N N 257 
NH2 HN1  H N N 258 
NH2 HN2  H N N 259 
PHE N    N N N 260 
PHE CA   C N S 261 
PHE C    C N N 262 
PHE O    O N N 263 
PHE CB   C N N 264 
PHE CG   C Y N 265 
PHE CD1  C Y N 266 
PHE CD2  C Y N 267 
PHE CE1  C Y N 268 
PHE CE2  C Y N 269 
PHE CZ   C Y N 270 
PHE OXT  O N N 271 
PHE H    H N N 272 
PHE H2   H N N 273 
PHE HA   H N N 274 
PHE HB2  H N N 275 
PHE HB3  H N N 276 
PHE HD1  H N N 277 
PHE HD2  H N N 278 
PHE HE1  H N N 279 
PHE HE2  H N N 280 
PHE HZ   H N N 281 
PHE HXT  H N N 282 
PRO N    N N N 283 
PRO CA   C N S 284 
PRO C    C N N 285 
PRO O    O N N 286 
PRO CB   C N N 287 
PRO CG   C N N 288 
PRO CD   C N N 289 
PRO OXT  O N N 290 
PRO H    H N N 291 
PRO HA   H N N 292 
PRO HB2  H N N 293 
PRO HB3  H N N 294 
PRO HG2  H N N 295 
PRO HG3  H N N 296 
PRO HD2  H N N 297 
PRO HD3  H N N 298 
PRO HXT  H N N 299 
SER N    N N N 300 
SER CA   C N S 301 
SER C    C N N 302 
SER O    O N N 303 
SER CB   C N N 304 
SER OG   O N N 305 
SER OXT  O N N 306 
SER H    H N N 307 
SER H2   H N N 308 
SER HA   H N N 309 
SER HB2  H N N 310 
SER HB3  H N N 311 
SER HG   H N N 312 
SER HXT  H N N 313 
THR N    N N N 314 
THR CA   C N S 315 
THR C    C N N 316 
THR O    O N N 317 
THR CB   C N R 318 
THR OG1  O N N 319 
THR CG2  C N N 320 
THR OXT  O N N 321 
THR H    H N N 322 
THR H2   H N N 323 
THR HA   H N N 324 
THR HB   H N N 325 
THR HG1  H N N 326 
THR HG21 H N N 327 
THR HG22 H N N 328 
THR HG23 H N N 329 
THR HXT  H N N 330 
TRP N    N N N 331 
TRP CA   C N S 332 
TRP C    C N N 333 
TRP O    O N N 334 
TRP CB   C N N 335 
TRP CG   C Y N 336 
TRP CD1  C Y N 337 
TRP CD2  C Y N 338 
TRP NE1  N Y N 339 
TRP CE2  C Y N 340 
TRP CE3  C Y N 341 
TRP CZ2  C Y N 342 
TRP CZ3  C Y N 343 
TRP CH2  C Y N 344 
TRP OXT  O N N 345 
TRP H    H N N 346 
TRP H2   H N N 347 
TRP HA   H N N 348 
TRP HB2  H N N 349 
TRP HB3  H N N 350 
TRP HD1  H N N 351 
TRP HE1  H N N 352 
TRP HE3  H N N 353 
TRP HZ2  H N N 354 
TRP HZ3  H N N 355 
TRP HH2  H N N 356 
TRP HXT  H N N 357 
TYR N    N N N 358 
TYR CA   C N S 359 
TYR C    C N N 360 
TYR O    O N N 361 
TYR CB   C N N 362 
TYR CG   C Y N 363 
TYR CD1  C Y N 364 
TYR CD2  C Y N 365 
TYR CE1  C Y N 366 
TYR CE2  C Y N 367 
TYR CZ   C Y N 368 
TYR OH   O N N 369 
TYR OXT  O N N 370 
TYR H    H N N 371 
TYR H2   H N N 372 
TYR HA   H N N 373 
TYR HB2  H N N 374 
TYR HB3  H N N 375 
TYR HD1  H N N 376 
TYR HD2  H N N 377 
TYR HE1  H N N 378 
TYR HE2  H N N 379 
TYR HH   H N N 380 
TYR HXT  H N N 381 
VAL N    N N N 382 
VAL CA   C N S 383 
VAL C    C N N 384 
VAL O    O N N 385 
VAL CB   C N N 386 
VAL CG1  C N N 387 
VAL CG2  C N N 388 
VAL OXT  O N N 389 
VAL H    H N N 390 
VAL H2   H N N 391 
VAL HA   H N N 392 
VAL HB   H N N 393 
VAL HG11 H N N 394 
VAL HG12 H N N 395 
VAL HG13 H N N 396 
VAL HG21 H N N 397 
VAL HG22 H N N 398 
VAL HG23 H N N 399 
VAL HXT  H N N 400 
WHL CA   C Y N 401 
WHL CB   C Y N 402 
WHL NB   N N N 403 
WHL OB   O N N 404 
WHL CG   C N N 405 
WHL CD   C Y N 406 
WHL CE   C Y N 407 
WHL CH   C N N 408 
WHL CC   C Y N 409 
WHL CF   C Y N 410 
WHL CJ   C N N 411 
WHL CK   C N N 412 
WHL NA   N N N 413 
WHL OA   O N N 414 
WHL H1   H N N 415 
WHL H2   H N N 416 
WHL H3   H N N 417 
WHL H4   H N N 418 
WHL H5   H N N 419 
WHL H6   H N N 420 
WHL H7   H N N 421 
WHL H8   H N N 422 
WHL H9   H N N 423 
WHL H10  H N N 424 
WHL H11  H N N 425 
WHL H12  H N N 426 
# 
loop_
_chem_comp_bond.comp_id 
_chem_comp_bond.atom_id_1 
_chem_comp_bond.atom_id_2 
_chem_comp_bond.value_order 
_chem_comp_bond.pdbx_aromatic_flag 
_chem_comp_bond.pdbx_stereo_config 
_chem_comp_bond.pdbx_ordinal 
ACE C   O    doub N N 1   
ACE C   CH3  sing N N 2   
ACE C   H    sing N N 3   
ACE CH3 H1   sing N N 4   
ACE CH3 H2   sing N N 5   
ACE CH3 H3   sing N N 6   
ALA N   CA   sing N N 7   
ALA N   H    sing N N 8   
ALA N   H2   sing N N 9   
ALA CA  C    sing N N 10  
ALA CA  CB   sing N N 11  
ALA CA  HA   sing N N 12  
ALA C   O    doub N N 13  
ALA C   OXT  sing N N 14  
ALA CB  HB1  sing N N 15  
ALA CB  HB2  sing N N 16  
ALA CB  HB3  sing N N 17  
ALA OXT HXT  sing N N 18  
ARG N   CA   sing N N 19  
ARG N   H    sing N N 20  
ARG N   H2   sing N N 21  
ARG CA  C    sing N N 22  
ARG CA  CB   sing N N 23  
ARG CA  HA   sing N N 24  
ARG C   O    doub N N 25  
ARG C   OXT  sing N N 26  
ARG CB  CG   sing N N 27  
ARG CB  HB2  sing N N 28  
ARG CB  HB3  sing N N 29  
ARG CG  CD   sing N N 30  
ARG CG  HG2  sing N N 31  
ARG CG  HG3  sing N N 32  
ARG CD  NE   sing N N 33  
ARG CD  HD2  sing N N 34  
ARG CD  HD3  sing N N 35  
ARG NE  CZ   sing N N 36  
ARG NE  HE   sing N N 37  
ARG CZ  NH1  sing N N 38  
ARG CZ  NH2  doub N N 39  
ARG NH1 HH11 sing N N 40  
ARG NH1 HH12 sing N N 41  
ARG NH2 HH21 sing N N 42  
ARG NH2 HH22 sing N N 43  
ARG OXT HXT  sing N N 44  
ASN N   CA   sing N N 45  
ASN N   H    sing N N 46  
ASN N   H2   sing N N 47  
ASN CA  C    sing N N 48  
ASN CA  CB   sing N N 49  
ASN CA  HA   sing N N 50  
ASN C   O    doub N N 51  
ASN C   OXT  sing N N 52  
ASN CB  CG   sing N N 53  
ASN CB  HB2  sing N N 54  
ASN CB  HB3  sing N N 55  
ASN CG  OD1  doub N N 56  
ASN CG  ND2  sing N N 57  
ASN ND2 HD21 sing N N 58  
ASN ND2 HD22 sing N N 59  
ASN OXT HXT  sing N N 60  
ASP N   CA   sing N N 61  
ASP N   H    sing N N 62  
ASP N   H2   sing N N 63  
ASP CA  C    sing N N 64  
ASP CA  CB   sing N N 65  
ASP CA  HA   sing N N 66  
ASP C   O    doub N N 67  
ASP C   OXT  sing N N 68  
ASP CB  CG   sing N N 69  
ASP CB  HB2  sing N N 70  
ASP CB  HB3  sing N N 71  
ASP CG  OD1  doub N N 72  
ASP CG  OD2  sing N N 73  
ASP OD2 HD2  sing N N 74  
ASP OXT HXT  sing N N 75  
CYS N   CA   sing N N 76  
CYS N   H    sing N N 77  
CYS N   H2   sing N N 78  
CYS CA  C    sing N N 79  
CYS CA  CB   sing N N 80  
CYS CA  HA   sing N N 81  
CYS C   O    doub N N 82  
CYS C   OXT  sing N N 83  
CYS CB  SG   sing N N 84  
CYS CB  HB2  sing N N 85  
CYS CB  HB3  sing N N 86  
CYS SG  HG   sing N N 87  
CYS OXT HXT  sing N N 88  
GLN N   CA   sing N N 89  
GLN N   H    sing N N 90  
GLN N   H2   sing N N 91  
GLN CA  C    sing N N 92  
GLN CA  CB   sing N N 93  
GLN CA  HA   sing N N 94  
GLN C   O    doub N N 95  
GLN C   OXT  sing N N 96  
GLN CB  CG   sing N N 97  
GLN CB  HB2  sing N N 98  
GLN CB  HB3  sing N N 99  
GLN CG  CD   sing N N 100 
GLN CG  HG2  sing N N 101 
GLN CG  HG3  sing N N 102 
GLN CD  OE1  doub N N 103 
GLN CD  NE2  sing N N 104 
GLN NE2 HE21 sing N N 105 
GLN NE2 HE22 sing N N 106 
GLN OXT HXT  sing N N 107 
GLU N   CA   sing N N 108 
GLU N   H    sing N N 109 
GLU N   H2   sing N N 110 
GLU CA  C    sing N N 111 
GLU CA  CB   sing N N 112 
GLU CA  HA   sing N N 113 
GLU C   O    doub N N 114 
GLU C   OXT  sing N N 115 
GLU CB  CG   sing N N 116 
GLU CB  HB2  sing N N 117 
GLU CB  HB3  sing N N 118 
GLU CG  CD   sing N N 119 
GLU CG  HG2  sing N N 120 
GLU CG  HG3  sing N N 121 
GLU CD  OE1  doub N N 122 
GLU CD  OE2  sing N N 123 
GLU OE2 HE2  sing N N 124 
GLU OXT HXT  sing N N 125 
GLY N   CA   sing N N 126 
GLY N   H    sing N N 127 
GLY N   H2   sing N N 128 
GLY CA  C    sing N N 129 
GLY CA  HA2  sing N N 130 
GLY CA  HA3  sing N N 131 
GLY C   O    doub N N 132 
GLY C   OXT  sing N N 133 
GLY OXT HXT  sing N N 134 
HIS N   CA   sing N N 135 
HIS N   H    sing N N 136 
HIS N   H2   sing N N 137 
HIS CA  C    sing N N 138 
HIS CA  CB   sing N N 139 
HIS CA  HA   sing N N 140 
HIS C   O    doub N N 141 
HIS C   OXT  sing N N 142 
HIS CB  CG   sing N N 143 
HIS CB  HB2  sing N N 144 
HIS CB  HB3  sing N N 145 
HIS CG  ND1  sing Y N 146 
HIS CG  CD2  doub Y N 147 
HIS ND1 CE1  doub Y N 148 
HIS ND1 HD1  sing N N 149 
HIS CD2 NE2  sing Y N 150 
HIS CD2 HD2  sing N N 151 
HIS CE1 NE2  sing Y N 152 
HIS CE1 HE1  sing N N 153 
HIS NE2 HE2  sing N N 154 
HIS OXT HXT  sing N N 155 
HOH O   H1   sing N N 156 
HOH O   H2   sing N N 157 
ILE N   CA   sing N N 158 
ILE N   H    sing N N 159 
ILE N   H2   sing N N 160 
ILE CA  C    sing N N 161 
ILE CA  CB   sing N N 162 
ILE CA  HA   sing N N 163 
ILE C   O    doub N N 164 
ILE C   OXT  sing N N 165 
ILE CB  CG1  sing N N 166 
ILE CB  CG2  sing N N 167 
ILE CB  HB   sing N N 168 
ILE CG1 CD1  sing N N 169 
ILE CG1 HG12 sing N N 170 
ILE CG1 HG13 sing N N 171 
ILE CG2 HG21 sing N N 172 
ILE CG2 HG22 sing N N 173 
ILE CG2 HG23 sing N N 174 
ILE CD1 HD11 sing N N 175 
ILE CD1 HD12 sing N N 176 
ILE CD1 HD13 sing N N 177 
ILE OXT HXT  sing N N 178 
LEU N   CA   sing N N 179 
LEU N   H    sing N N 180 
LEU N   H2   sing N N 181 
LEU CA  C    sing N N 182 
LEU CA  CB   sing N N 183 
LEU CA  HA   sing N N 184 
LEU C   O    doub N N 185 
LEU C   OXT  sing N N 186 
LEU CB  CG   sing N N 187 
LEU CB  HB2  sing N N 188 
LEU CB  HB3  sing N N 189 
LEU CG  CD1  sing N N 190 
LEU CG  CD2  sing N N 191 
LEU CG  HG   sing N N 192 
LEU CD1 HD11 sing N N 193 
LEU CD1 HD12 sing N N 194 
LEU CD1 HD13 sing N N 195 
LEU CD2 HD21 sing N N 196 
LEU CD2 HD22 sing N N 197 
LEU CD2 HD23 sing N N 198 
LEU OXT HXT  sing N N 199 
LYS N   CA   sing N N 200 
LYS N   H    sing N N 201 
LYS N   H2   sing N N 202 
LYS CA  C    sing N N 203 
LYS CA  CB   sing N N 204 
LYS CA  HA   sing N N 205 
LYS C   O    doub N N 206 
LYS C   OXT  sing N N 207 
LYS CB  CG   sing N N 208 
LYS CB  HB2  sing N N 209 
LYS CB  HB3  sing N N 210 
LYS CG  CD   sing N N 211 
LYS CG  HG2  sing N N 212 
LYS CG  HG3  sing N N 213 
LYS CD  CE   sing N N 214 
LYS CD  HD2  sing N N 215 
LYS CD  HD3  sing N N 216 
LYS CE  NZ   sing N N 217 
LYS CE  HE2  sing N N 218 
LYS CE  HE3  sing N N 219 
LYS NZ  HZ1  sing N N 220 
LYS NZ  HZ2  sing N N 221 
LYS NZ  HZ3  sing N N 222 
LYS OXT HXT  sing N N 223 
MET N   CA   sing N N 224 
MET N   H    sing N N 225 
MET N   H2   sing N N 226 
MET CA  C    sing N N 227 
MET CA  CB   sing N N 228 
MET CA  HA   sing N N 229 
MET C   O    doub N N 230 
MET C   OXT  sing N N 231 
MET CB  CG   sing N N 232 
MET CB  HB2  sing N N 233 
MET CB  HB3  sing N N 234 
MET CG  SD   sing N N 235 
MET CG  HG2  sing N N 236 
MET CG  HG3  sing N N 237 
MET SD  CE   sing N N 238 
MET CE  HE1  sing N N 239 
MET CE  HE2  sing N N 240 
MET CE  HE3  sing N N 241 
MET OXT HXT  sing N N 242 
NH2 N   HN1  sing N N 243 
NH2 N   HN2  sing N N 244 
PHE N   CA   sing N N 245 
PHE N   H    sing N N 246 
PHE N   H2   sing N N 247 
PHE CA  C    sing N N 248 
PHE CA  CB   sing N N 249 
PHE CA  HA   sing N N 250 
PHE C   O    doub N N 251 
PHE C   OXT  sing N N 252 
PHE CB  CG   sing N N 253 
PHE CB  HB2  sing N N 254 
PHE CB  HB3  sing N N 255 
PHE CG  CD1  doub Y N 256 
PHE CG  CD2  sing Y N 257 
PHE CD1 CE1  sing Y N 258 
PHE CD1 HD1  sing N N 259 
PHE CD2 CE2  doub Y N 260 
PHE CD2 HD2  sing N N 261 
PHE CE1 CZ   doub Y N 262 
PHE CE1 HE1  sing N N 263 
PHE CE2 CZ   sing Y N 264 
PHE CE2 HE2  sing N N 265 
PHE CZ  HZ   sing N N 266 
PHE OXT HXT  sing N N 267 
PRO N   CA   sing N N 268 
PRO N   CD   sing N N 269 
PRO N   H    sing N N 270 
PRO CA  C    sing N N 271 
PRO CA  CB   sing N N 272 
PRO CA  HA   sing N N 273 
PRO C   O    doub N N 274 
PRO C   OXT  sing N N 275 
PRO CB  CG   sing N N 276 
PRO CB  HB2  sing N N 277 
PRO CB  HB3  sing N N 278 
PRO CG  CD   sing N N 279 
PRO CG  HG2  sing N N 280 
PRO CG  HG3  sing N N 281 
PRO CD  HD2  sing N N 282 
PRO CD  HD3  sing N N 283 
PRO OXT HXT  sing N N 284 
SER N   CA   sing N N 285 
SER N   H    sing N N 286 
SER N   H2   sing N N 287 
SER CA  C    sing N N 288 
SER CA  CB   sing N N 289 
SER CA  HA   sing N N 290 
SER C   O    doub N N 291 
SER C   OXT  sing N N 292 
SER CB  OG   sing N N 293 
SER CB  HB2  sing N N 294 
SER CB  HB3  sing N N 295 
SER OG  HG   sing N N 296 
SER OXT HXT  sing N N 297 
THR N   CA   sing N N 298 
THR N   H    sing N N 299 
THR N   H2   sing N N 300 
THR CA  C    sing N N 301 
THR CA  CB   sing N N 302 
THR CA  HA   sing N N 303 
THR C   O    doub N N 304 
THR C   OXT  sing N N 305 
THR CB  OG1  sing N N 306 
THR CB  CG2  sing N N 307 
THR CB  HB   sing N N 308 
THR OG1 HG1  sing N N 309 
THR CG2 HG21 sing N N 310 
THR CG2 HG22 sing N N 311 
THR CG2 HG23 sing N N 312 
THR OXT HXT  sing N N 313 
TRP N   CA   sing N N 314 
TRP N   H    sing N N 315 
TRP N   H2   sing N N 316 
TRP CA  C    sing N N 317 
TRP CA  CB   sing N N 318 
TRP CA  HA   sing N N 319 
TRP C   O    doub N N 320 
TRP C   OXT  sing N N 321 
TRP CB  CG   sing N N 322 
TRP CB  HB2  sing N N 323 
TRP CB  HB3  sing N N 324 
TRP CG  CD1  doub Y N 325 
TRP CG  CD2  sing Y N 326 
TRP CD1 NE1  sing Y N 327 
TRP CD1 HD1  sing N N 328 
TRP CD2 CE2  doub Y N 329 
TRP CD2 CE3  sing Y N 330 
TRP NE1 CE2  sing Y N 331 
TRP NE1 HE1  sing N N 332 
TRP CE2 CZ2  sing Y N 333 
TRP CE3 CZ3  doub Y N 334 
TRP CE3 HE3  sing N N 335 
TRP CZ2 CH2  doub Y N 336 
TRP CZ2 HZ2  sing N N 337 
TRP CZ3 CH2  sing Y N 338 
TRP CZ3 HZ3  sing N N 339 
TRP CH2 HH2  sing N N 340 
TRP OXT HXT  sing N N 341 
TYR N   CA   sing N N 342 
TYR N   H    sing N N 343 
TYR N   H2   sing N N 344 
TYR CA  C    sing N N 345 
TYR CA  CB   sing N N 346 
TYR CA  HA   sing N N 347 
TYR C   O    doub N N 348 
TYR C   OXT  sing N N 349 
TYR CB  CG   sing N N 350 
TYR CB  HB2  sing N N 351 
TYR CB  HB3  sing N N 352 
TYR CG  CD1  doub Y N 353 
TYR CG  CD2  sing Y N 354 
TYR CD1 CE1  sing Y N 355 
TYR CD1 HD1  sing N N 356 
TYR CD2 CE2  doub Y N 357 
TYR CD2 HD2  sing N N 358 
TYR CE1 CZ   doub Y N 359 
TYR CE1 HE1  sing N N 360 
TYR CE2 CZ   sing Y N 361 
TYR CE2 HE2  sing N N 362 
TYR CZ  OH   sing N N 363 
TYR OH  HH   sing N N 364 
TYR OXT HXT  sing N N 365 
VAL N   CA   sing N N 366 
VAL N   H    sing N N 367 
VAL N   H2   sing N N 368 
VAL CA  C    sing N N 369 
VAL CA  CB   sing N N 370 
VAL CA  HA   sing N N 371 
VAL C   O    doub N N 372 
VAL C   OXT  sing N N 373 
VAL CB  CG1  sing N N 374 
VAL CB  CG2  sing N N 375 
VAL CB  HB   sing N N 376 
VAL CG1 HG11 sing N N 377 
VAL CG1 HG12 sing N N 378 
VAL CG1 HG13 sing N N 379 
VAL CG2 HG21 sing N N 380 
VAL CG2 HG22 sing N N 381 
VAL CG2 HG23 sing N N 382 
VAL OXT HXT  sing N N 383 
WHL CK  CJ   sing N N 384 
WHL CJ  NB   sing N N 385 
WHL CJ  OA   doub N N 386 
WHL NB  CC   sing N N 387 
WHL CC  CB   doub Y N 388 
WHL CC  CD   sing Y N 389 
WHL CB  CA   sing Y N 390 
WHL CD  CE   doub Y N 391 
WHL CA  CF   doub Y N 392 
WHL CE  CF   sing Y N 393 
WHL CF  NA   sing N N 394 
WHL OB  CG   doub N N 395 
WHL NA  CG   sing N N 396 
WHL CG  CH   sing N N 397 
WHL CA  H1   sing N N 398 
WHL CB  H2   sing N N 399 
WHL NB  H3   sing N N 400 
WHL CD  H4   sing N N 401 
WHL CE  H5   sing N N 402 
WHL CH  H6   sing N N 403 
WHL CH  H7   sing N N 404 
WHL CH  H8   sing N N 405 
WHL CK  H9   sing N N 406 
WHL CK  H10  sing N N 407 
WHL CK  H11  sing N N 408 
WHL NA  H12  sing N N 409 
# 
_pdbx_audit_support.funding_organization   'Other private' 
_pdbx_audit_support.country                'United States' 
_pdbx_audit_support.grant_number           ? 
_pdbx_audit_support.ordinal                1 
# 
loop_
_pdbx_entity_nonpoly.entity_id 
_pdbx_entity_nonpoly.name 
_pdbx_entity_nonpoly.comp_id 
3 'AMINO GROUP'                     NH2 
4 "N,N'-(1,4-phenylene)diacetamide" WHL 
5 water                             HOH 
# 
_pdbx_initial_refinement_model.id               1 
_pdbx_initial_refinement_model.entity_id_list   ? 
_pdbx_initial_refinement_model.type             'experimental model' 
_pdbx_initial_refinement_model.source_name      PDB 
_pdbx_initial_refinement_model.accession_code   4ZQK 
_pdbx_initial_refinement_model.details          ? 
# 
_pdbx_struct_assembly_auth_evidence.id                     1 
_pdbx_struct_assembly_auth_evidence.assembly_id            1 
_pdbx_struct_assembly_auth_evidence.experimental_support   'surface plasmon resonance' 
_pdbx_struct_assembly_auth_evidence.details                ? 
# 
_space_group.name_H-M_alt     'C 2 2 21' 
_space_group.name_Hall        'C 2c 2' 
_space_group.IT_number        20 
_space_group.crystal_system   orthorhombic 
_space_group.id               1 
# 
